data_3HL2
#
_entry.id   3HL2
#
_cell.length_a   166.818
_cell.length_b   166.818
_cell.length_c   236.322
_cell.angle_alpha   90.00
_cell.angle_beta   90.00
_cell.angle_gamma   120.00
#
_symmetry.space_group_name_H-M   'P 31 1 2'
#
loop_
_entity.id
_entity.type
_entity.pdbx_description
1 polymer 'O-phosphoseryl-tRNA(Sec) selenium transferase'
2 polymer tRNASec
3 non-polymer '(5-HYDROXY-4,6-DIMETHYLPYRIDIN-3-YL)METHYL DIHYDROGEN PHOSPHATE'
4 non-polymer Monothiophosphate
5 non-polymer PHOSPHOSERINE
6 water water
#
loop_
_entity_poly.entity_id
_entity_poly.type
_entity_poly.pdbx_seq_one_letter_code
_entity_poly.pdbx_strand_id
1 'polypeptide(L)'
;MNRESFAAGERLVSPAYVRQGCEARRSHEHLIRLLLEKGKCPENGWDESTLELFLHELAIMDSNNFLGNCGVGEREGRVA
SALVARRHYRFIHGIGRSGDISAVQPKAAGSSLLNKITNSLVLDIIKLAGVHTVANCFVVPMATGMSLTLCFLTLRHKRP
KAKYIIWPRIDQKSCFKSMITAGFEPVVIENVLEGDELRTDLKAVEAKVQELGPDCILCIHSTTSCFAPRVPDRLEELAV
ICANYDIPHIVNNAYGVQSSKCMHLIQQGARVGRIDAFVQSLDKNFMVPVGGAIIAGFNDSFIQEISKMYPGRASASPSL
DVLITLLSLGSNGYKKLLKERKEMFSYLSNQIKKLSEAYNERLLHTPHNPISLAMTLKTLDEHRDKAVTQLGSMLFTRQV
SGARVVPLGSMQTVSGYTFRGFMSHTNNYPCAYLNAASAIGMKMQDVDLFIKRLDRCLKAVRKERSKESDDNYDKTEDVD
IEEMALKLDNVLLDTYQDASS
;
A,B,C,D
2 'polyribonucleotide'
;GCCCGGAUGAUCCUCAGUGGUCUGGGGUGCAGGCUUCAAACCUGUAGCUGUCUAGCGACAGAGUGGUUCAAUUCCACCUU
UCGGGCGCCA
;
E
#
loop_
_chem_comp.id
_chem_comp.type
_chem_comp.name
_chem_comp.formula
A RNA linking ADENOSINE-5'-MONOPHOSPHATE 'C10 H14 N5 O7 P'
C RNA linking CYTIDINE-5'-MONOPHOSPHATE 'C9 H14 N3 O8 P'
G RNA linking GUANOSINE-5'-MONOPHOSPHATE 'C10 H14 N5 O8 P'
PLR non-polymer '(5-HYDROXY-4,6-DIMETHYLPYRIDIN-3-YL)METHYL DIHYDROGEN PHOSPHATE' 'C8 H12 N O5 P'
TS6 non-polymer Monothiophosphate 'H3 O3 P S'
U RNA linking URIDINE-5'-MONOPHOSPHATE 'C9 H13 N2 O9 P'
#
# COMPACT_ATOMS: atom_id res chain seq x y z
N GLU A 23 36.07 -10.65 12.25
CA GLU A 23 34.76 -10.75 12.89
C GLU A 23 33.59 -10.48 11.93
N ALA A 24 33.42 -11.37 10.96
CA ALA A 24 32.26 -11.33 10.08
C ALA A 24 31.29 -12.42 10.51
N ARG A 25 31.53 -12.94 11.70
CA ARG A 25 30.57 -13.86 12.32
C ARG A 25 29.27 -13.09 12.60
N ARG A 26 29.23 -11.84 12.17
CA ARG A 26 28.03 -11.03 12.31
C ARG A 26 26.93 -11.54 11.39
N SER A 27 27.34 -12.18 10.30
CA SER A 27 26.38 -12.71 9.34
C SER A 27 25.73 -13.99 9.84
N HIS A 28 26.41 -14.68 10.75
CA HIS A 28 25.84 -15.83 11.42
C HIS A 28 24.92 -15.33 12.53
N GLU A 29 25.43 -14.40 13.34
CA GLU A 29 24.64 -13.79 14.39
C GLU A 29 23.32 -13.29 13.82
N HIS A 30 23.38 -12.71 12.64
CA HIS A 30 22.22 -12.10 12.02
C HIS A 30 21.16 -13.12 11.60
N LEU A 31 21.59 -14.25 11.06
CA LEU A 31 20.66 -15.31 10.69
C LEU A 31 19.96 -15.82 11.93
N ILE A 32 20.73 -15.95 13.01
CA ILE A 32 20.23 -16.48 14.26
C ILE A 32 19.28 -15.52 14.96
N ARG A 33 19.70 -14.26 15.05
CA ARG A 33 18.86 -13.22 15.64
C ARG A 33 17.52 -13.18 14.91
N LEU A 34 17.56 -13.36 13.60
CA LEU A 34 16.34 -13.34 12.80
C LEU A 34 15.42 -14.50 13.18
N LEU A 35 16.01 -15.66 13.45
CA LEU A 35 15.24 -16.84 13.83
C LEU A 35 14.54 -16.63 15.18
N LEU A 36 15.31 -16.26 16.19
CA LEU A 36 14.78 -16.03 17.53
C LEU A 36 13.71 -14.94 17.55
N GLU A 37 13.83 -13.96 16.65
CA GLU A 37 12.94 -12.82 16.65
C GLU A 37 11.57 -13.12 16.06
N LYS A 38 11.52 -13.97 15.04
CA LYS A 38 10.26 -14.23 14.35
C LYS A 38 9.91 -15.70 14.30
N GLY A 39 10.80 -16.54 14.82
CA GLY A 39 10.55 -17.97 14.93
C GLY A 39 9.96 -18.60 13.67
N LYS A 40 10.38 -18.10 12.51
CA LYS A 40 9.95 -18.68 11.25
C LYS A 40 11.09 -19.41 10.57
N CYS A 41 10.77 -20.32 9.67
CA CYS A 41 11.80 -21.00 8.90
C CYS A 41 12.58 -19.99 8.11
N PRO A 42 13.91 -20.12 8.09
CA PRO A 42 14.67 -19.33 7.13
C PRO A 42 14.10 -19.66 5.76
N GLU A 43 14.02 -18.71 4.85
CA GLU A 43 13.54 -19.03 3.51
C GLU A 43 14.53 -19.96 2.83
N ASN A 44 15.80 -19.57 2.83
CA ASN A 44 16.84 -20.43 2.29
C ASN A 44 17.65 -21.05 3.43
N GLY A 45 18.07 -22.29 3.22
CA GLY A 45 18.75 -23.06 4.24
C GLY A 45 20.02 -22.42 4.79
N TRP A 46 20.27 -22.64 6.08
CA TRP A 46 21.52 -22.25 6.72
C TRP A 46 22.63 -23.19 6.28
N ASP A 47 23.86 -22.70 6.32
CA ASP A 47 25.01 -23.57 6.08
C ASP A 47 25.28 -24.31 7.38
N GLU A 48 25.85 -25.51 7.27
CA GLU A 48 26.16 -26.29 8.47
C GLU A 48 26.89 -25.42 9.48
N SER A 49 27.87 -24.65 8.99
CA SER A 49 28.65 -23.78 9.85
C SER A 49 27.77 -22.95 10.79
N THR A 50 26.77 -22.27 10.22
CA THR A 50 25.84 -21.49 11.03
C THR A 50 25.03 -22.41 11.95
N LEU A 51 24.56 -23.53 11.40
CA LEU A 51 23.70 -24.42 12.17
C LEU A 51 24.41 -24.93 13.42
N GLU A 52 25.59 -25.49 13.25
CA GLU A 52 26.34 -26.05 14.38
C GLU A 52 26.75 -24.97 15.38
N LEU A 53 27.15 -23.81 14.87
CA LEU A 53 27.45 -22.68 15.73
C LEU A 53 26.29 -22.41 16.66
N PHE A 54 25.10 -22.31 16.08
CA PHE A 54 23.86 -22.10 16.81
C PHE A 54 23.64 -23.19 17.84
N LEU A 55 23.72 -24.43 17.38
CA LEU A 55 23.46 -25.57 18.26
C LEU A 55 24.36 -25.55 19.48
N HIS A 56 25.63 -25.24 19.27
CA HIS A 56 26.58 -25.17 20.38
C HIS A 56 26.23 -24.04 21.35
N GLU A 57 25.84 -22.88 20.82
CA GLU A 57 25.47 -21.78 21.68
CA GLU A 57 25.43 -21.75 21.66
C GLU A 57 24.29 -22.15 22.58
N LEU A 58 23.39 -23.00 22.08
CA LEU A 58 22.27 -23.49 22.88
C LEU A 58 22.75 -24.49 23.94
N ALA A 59 23.39 -25.56 23.47
CA ALA A 59 23.90 -26.60 24.36
C ALA A 59 24.61 -26.04 25.60
N ILE A 60 25.51 -25.08 25.41
CA ILE A 60 26.26 -24.54 26.54
C ILE A 60 25.41 -23.69 27.50
N MET A 61 24.12 -23.57 27.21
CA MET A 61 23.21 -22.87 28.11
C MET A 61 22.55 -23.84 29.08
N ASP A 62 22.68 -25.13 28.80
CA ASP A 62 22.17 -26.17 29.70
C ASP A 62 23.16 -26.39 30.84
N SER A 63 22.63 -26.48 32.06
CA SER A 63 23.46 -26.56 33.25
C SER A 63 24.51 -27.67 33.18
N ASN A 64 24.12 -28.82 32.63
CA ASN A 64 25.01 -29.97 32.60
C ASN A 64 26.29 -29.68 31.83
N ASN A 65 26.23 -28.64 31.00
CA ASN A 65 27.36 -28.24 30.17
C ASN A 65 28.11 -27.03 30.73
N PHE A 66 27.60 -26.48 31.83
CA PHE A 66 28.30 -25.40 32.50
C PHE A 66 29.65 -25.91 32.96
N LEU A 67 30.66 -25.04 32.92
CA LEU A 67 32.00 -25.42 33.32
C LEU A 67 32.13 -25.50 34.84
N GLY A 68 31.63 -24.47 35.52
CA GLY A 68 31.68 -24.44 36.98
C GLY A 68 30.45 -25.06 37.60
N ASN A 69 30.21 -26.34 37.28
CA ASN A 69 28.97 -26.99 37.69
C ASN A 69 29.23 -28.22 38.52
N CYS A 70 28.58 -28.29 39.68
CA CYS A 70 28.50 -29.53 40.42
C CYS A 70 27.04 -29.92 40.43
N GLY A 71 26.77 -31.22 40.38
CA GLY A 71 25.42 -31.73 40.41
C GLY A 71 25.23 -32.65 41.59
N VAL A 72 24.18 -32.40 42.37
CA VAL A 72 23.91 -33.23 43.53
C VAL A 72 22.48 -33.77 43.49
N GLY A 73 21.96 -33.88 42.27
CA GLY A 73 20.63 -34.41 42.05
C GLY A 73 20.62 -35.82 41.48
N GLU A 74 19.42 -36.36 41.30
CA GLU A 74 19.28 -37.71 40.76
C GLU A 74 19.27 -37.66 39.24
N ARG A 75 18.94 -36.50 38.69
CA ARG A 75 18.87 -36.31 37.24
C ARG A 75 19.68 -35.07 36.82
N GLU A 76 20.95 -35.29 36.46
CA GLU A 76 21.88 -34.18 36.23
C GLU A 76 22.38 -34.12 34.80
N GLY A 77 21.83 -34.96 33.92
CA GLY A 77 22.27 -34.99 32.54
C GLY A 77 23.69 -35.52 32.43
N ARG A 78 24.09 -36.35 33.38
CA ARG A 78 25.39 -37.02 33.31
C ARG A 78 25.39 -37.99 32.12
N VAL A 79 26.51 -38.06 31.40
CA VAL A 79 26.59 -38.92 30.22
C VAL A 79 27.87 -39.77 30.23
N ALA A 80 27.71 -41.08 30.28
CA ALA A 80 28.85 -41.98 30.34
C ALA A 80 29.62 -42.14 29.02
N SER A 81 28.92 -42.05 27.88
CA SER A 81 29.54 -42.20 26.56
C SER A 81 29.80 -40.90 25.83
N ALA A 82 31.05 -40.68 25.45
CA ALA A 82 31.37 -39.51 24.65
C ALA A 82 30.60 -39.58 23.34
N LEU A 83 30.42 -40.78 22.81
CA LEU A 83 29.70 -40.98 21.57
C LEU A 83 28.26 -40.52 21.70
N VAL A 84 27.64 -40.83 22.84
CA VAL A 84 26.29 -40.40 23.08
C VAL A 84 26.22 -38.88 23.23
N ALA A 85 27.07 -38.30 24.07
CA ALA A 85 27.08 -36.86 24.23
C ALA A 85 27.19 -36.14 22.89
N ARG A 86 28.16 -36.55 22.09
CA ARG A 86 28.41 -35.89 20.82
C ARG A 86 27.27 -36.04 19.83
N ARG A 87 26.69 -37.24 19.75
CA ARG A 87 25.64 -37.49 18.76
C ARG A 87 24.36 -36.70 19.04
N HIS A 88 24.24 -36.19 20.27
CA HIS A 88 23.08 -35.38 20.64
C HIS A 88 23.46 -33.90 20.81
N TYR A 89 24.65 -33.56 20.34
CA TYR A 89 25.12 -32.18 20.41
C TYR A 89 25.04 -31.70 21.84
N ARG A 90 25.28 -32.62 22.77
CA ARG A 90 25.36 -32.31 24.20
C ARG A 90 24.03 -31.89 24.82
N PHE A 91 22.93 -32.24 24.15
CA PHE A 91 21.59 -32.01 24.67
C PHE A 91 21.09 -33.26 25.39
N ILE A 92 21.15 -33.24 26.72
CA ILE A 92 20.89 -34.43 27.52
C ILE A 92 19.62 -34.36 28.37
N HIS A 93 19.18 -33.16 28.69
CA HIS A 93 18.10 -32.98 29.69
C HIS A 93 16.68 -33.27 29.21
N GLY A 94 16.47 -33.39 27.91
CA GLY A 94 15.13 -33.59 27.38
C GLY A 94 14.34 -32.28 27.37
N ILE A 95 13.04 -32.37 27.13
CA ILE A 95 12.20 -31.19 27.08
C ILE A 95 11.12 -31.18 28.16
N GLY A 96 10.76 -29.97 28.62
CA GLY A 96 9.74 -29.78 29.63
C GLY A 96 10.20 -30.08 31.06
N ARG A 97 9.27 -29.94 32.02
CA ARG A 97 9.54 -30.33 33.41
C ARG A 97 8.63 -31.52 33.81
N SER A 98 8.38 -31.67 35.11
CA SER A 98 7.56 -32.79 35.59
C SER A 98 6.09 -32.67 35.20
N GLY A 99 5.55 -31.45 35.25
CA GLY A 99 4.15 -31.21 34.95
C GLY A 99 3.91 -30.75 33.53
N ASP A 100 4.95 -30.23 32.88
CA ASP A 100 4.81 -29.63 31.55
C ASP A 100 5.89 -30.00 30.54
N ILE A 101 5.48 -30.66 29.46
CA ILE A 101 6.31 -30.92 28.29
C ILE A 101 6.42 -29.64 27.43
N SER A 102 6.18 -28.50 28.09
CA SER A 102 6.22 -27.19 27.44
C SER A 102 6.75 -26.11 28.39
N ALA A 103 7.13 -26.53 29.60
CA ALA A 103 7.64 -25.60 30.61
C ALA A 103 9.13 -25.36 30.48
N VAL A 104 9.58 -24.20 30.95
CA VAL A 104 11.00 -23.88 30.99
C VAL A 104 11.63 -24.45 32.25
N GLN A 105 12.82 -25.04 32.11
CA GLN A 105 13.54 -25.58 33.25
C GLN A 105 14.92 -24.93 33.39
N PRO A 106 15.12 -24.10 34.43
CA PRO A 106 16.39 -23.39 34.65
C PRO A 106 17.59 -24.34 34.57
N LYS A 107 17.34 -25.63 34.73
CA LYS A 107 18.40 -26.62 34.63
C LYS A 107 18.83 -26.84 33.18
N ALA A 108 17.92 -26.59 32.25
CA ALA A 108 18.21 -26.76 30.83
C ALA A 108 17.64 -25.61 30.01
N ALA A 109 18.16 -24.41 30.25
CA ALA A 109 17.70 -23.23 29.54
C ALA A 109 17.84 -23.38 28.03
N GLY A 110 18.92 -24.01 27.60
CA GLY A 110 19.19 -24.19 26.18
C GLY A 110 18.19 -25.11 25.54
N SER A 111 17.95 -26.25 26.17
CA SER A 111 16.98 -27.22 25.66
C SER A 111 15.58 -26.62 25.61
N SER A 112 15.22 -25.90 26.66
CA SER A 112 13.92 -25.25 26.70
C SER A 112 13.74 -24.33 25.50
N LEU A 113 14.77 -23.53 25.22
CA LEU A 113 14.72 -22.62 24.08
C LEU A 113 14.64 -23.39 22.77
N LEU A 114 15.37 -24.51 22.71
CA LEU A 114 15.35 -25.38 21.56
C LEU A 114 13.94 -25.82 21.28
N ASN A 115 13.28 -26.35 22.29
CA ASN A 115 11.89 -26.79 22.15
C ASN A 115 10.97 -25.72 21.62
N LYS A 116 11.04 -24.52 22.21
CA LYS A 116 10.20 -23.41 21.77
C LYS A 116 10.40 -23.12 20.29
N ILE A 117 11.65 -22.96 19.88
CA ILE A 117 11.94 -22.65 18.50
C ILE A 117 11.44 -23.74 17.54
N THR A 118 11.82 -24.99 17.78
CA THR A 118 11.43 -26.04 16.85
C THR A 118 9.90 -26.13 16.70
N ASN A 119 9.17 -25.92 17.78
CA ASN A 119 7.71 -25.88 17.70
C ASN A 119 7.23 -24.75 16.80
N SER A 120 7.88 -23.61 16.90
CA SER A 120 7.55 -22.43 16.10
C SER A 120 7.81 -22.70 14.61
N LEU A 121 8.98 -23.25 14.33
CA LEU A 121 9.34 -23.64 12.96
C LEU A 121 8.29 -24.57 12.39
N VAL A 122 7.91 -25.57 13.19
CA VAL A 122 6.90 -26.52 12.79
C VAL A 122 5.58 -25.82 12.48
N LEU A 123 5.11 -24.99 13.41
CA LEU A 123 3.90 -24.22 13.18
C LEU A 123 3.96 -23.49 11.85
N ASP A 124 5.11 -22.87 11.57
CA ASP A 124 5.32 -22.13 10.33
C ASP A 124 5.14 -23.03 9.11
N ILE A 125 5.74 -24.22 9.15
CA ILE A 125 5.64 -25.16 8.06
C ILE A 125 4.20 -25.64 7.89
N ILE A 126 3.49 -25.80 9.00
CA ILE A 126 2.13 -26.30 8.93
C ILE A 126 1.20 -25.31 8.26
N LYS A 127 1.45 -24.02 8.51
CA LYS A 127 0.71 -22.97 7.81
C LYS A 127 1.03 -23.05 6.32
N LEU A 128 2.33 -22.90 6.04
CA LEU A 128 2.84 -22.92 4.69
C LEU A 128 2.37 -24.14 3.89
N ALA A 129 2.00 -25.20 4.58
CA ALA A 129 1.62 -26.44 3.92
C ALA A 129 0.14 -26.50 3.59
N GLY A 130 -0.65 -25.57 4.14
CA GLY A 130 -2.06 -25.55 3.85
C GLY A 130 -3.00 -25.02 4.93
N VAL A 131 -2.67 -25.30 6.19
CA VAL A 131 -3.52 -24.90 7.31
C VAL A 131 -3.05 -23.56 7.91
N HIS A 132 -3.41 -22.46 7.25
CA HIS A 132 -2.95 -21.15 7.67
C HIS A 132 -3.59 -20.66 8.97
N THR A 133 -4.74 -21.22 9.30
CA THR A 133 -5.45 -20.81 10.50
C THR A 133 -5.17 -21.73 11.69
N VAL A 134 -4.06 -22.47 11.62
CA VAL A 134 -3.64 -23.25 12.77
C VAL A 134 -3.30 -22.29 13.90
N ALA A 135 -3.75 -22.62 15.11
CA ALA A 135 -3.63 -21.71 16.24
C ALA A 135 -2.37 -21.98 17.02
N ASN A 136 -2.06 -23.26 17.17
CA ASN A 136 -1.00 -23.70 18.06
C ASN A 136 -0.66 -25.14 17.76
N CYS A 137 0.55 -25.56 18.11
CA CYS A 137 0.95 -26.95 17.96
C CYS A 137 2.20 -27.22 18.75
N PHE A 138 2.50 -28.50 18.97
CA PHE A 138 3.72 -28.89 19.65
C PHE A 138 4.25 -30.24 19.19
N VAL A 139 5.57 -30.40 19.24
CA VAL A 139 6.19 -31.67 18.93
C VAL A 139 6.18 -32.56 20.16
N VAL A 140 5.81 -33.82 19.98
CA VAL A 140 5.81 -34.77 21.07
C VAL A 140 6.56 -36.05 20.69
N PRO A 141 7.54 -36.45 21.51
CA PRO A 141 8.46 -37.56 21.24
C PRO A 141 7.78 -38.91 21.22
N MET A 142 6.58 -39.00 20.67
CA MET A 142 5.91 -40.28 20.54
C MET A 142 5.55 -40.55 19.10
N ALA A 143 5.18 -41.79 18.81
CA ALA A 143 4.64 -42.17 17.51
C ALA A 143 3.33 -41.40 17.26
N THR A 144 2.81 -41.50 16.05
CA THR A 144 1.51 -40.89 15.75
C THR A 144 0.40 -41.65 16.49
N GLY A 145 0.54 -42.96 16.59
CA GLY A 145 -0.41 -43.77 17.33
C GLY A 145 -0.57 -43.32 18.77
N MET A 146 0.54 -43.31 19.51
CA MET A 146 0.52 -42.86 20.91
C MET A 146 0.09 -41.41 21.04
N SER A 147 0.50 -40.57 20.08
CA SER A 147 0.10 -39.17 20.07
C SER A 147 -1.42 -39.00 20.01
N LEU A 148 -2.07 -39.82 19.19
CA LEU A 148 -3.53 -39.83 19.15
C LEU A 148 -4.08 -40.28 20.49
N THR A 149 -3.51 -41.34 21.05
CA THR A 149 -3.90 -41.82 22.37
C THR A 149 -3.88 -40.69 23.40
N LEU A 150 -2.79 -39.94 23.45
CA LEU A 150 -2.69 -38.78 24.31
C LEU A 150 -3.91 -37.87 24.15
N CYS A 151 -4.32 -37.62 22.91
CA CYS A 151 -5.51 -36.81 22.67
C CYS A 151 -6.78 -37.41 23.30
N PHE A 152 -6.94 -38.73 23.18
CA PHE A 152 -8.09 -39.38 23.79
C PHE A 152 -7.99 -39.32 25.31
N LEU A 153 -6.81 -39.57 25.86
CA LEU A 153 -6.60 -39.49 27.30
C LEU A 153 -6.97 -38.12 27.84
N THR A 154 -6.72 -37.08 27.03
CA THR A 154 -7.03 -35.72 27.46
C THR A 154 -8.54 -35.47 27.42
N LEU A 155 -9.20 -35.95 26.37
CA LEU A 155 -10.64 -35.75 26.18
C LEU A 155 -11.47 -36.40 27.28
N ARG A 156 -11.02 -37.56 27.76
CA ARG A 156 -11.71 -38.28 28.82
C ARG A 156 -12.11 -37.36 29.97
N HIS A 157 -11.17 -36.52 30.38
CA HIS A 157 -11.41 -35.61 31.50
C HIS A 157 -12.42 -34.51 31.18
N LYS A 158 -12.49 -34.13 29.91
CA LYS A 158 -13.43 -33.11 29.47
C LYS A 158 -14.84 -33.70 29.31
N ARG A 159 -14.89 -35.02 29.13
CA ARG A 159 -16.13 -35.72 28.80
C ARG A 159 -16.22 -37.06 29.50
N PRO A 160 -16.43 -37.03 30.82
CA PRO A 160 -16.34 -38.20 31.71
C PRO A 160 -17.36 -39.30 31.43
N LYS A 161 -18.49 -38.98 30.82
CA LYS A 161 -19.51 -39.99 30.55
C LYS A 161 -19.25 -40.74 29.25
N ALA A 162 -18.32 -40.24 28.44
CA ALA A 162 -18.12 -40.79 27.09
C ALA A 162 -17.40 -42.13 27.11
N LYS A 163 -17.89 -43.05 26.28
CA LYS A 163 -17.33 -44.41 26.20
C LYS A 163 -16.81 -44.80 24.82
N TYR A 164 -17.37 -44.20 23.77
CA TYR A 164 -17.08 -44.63 22.40
C TYR A 164 -16.36 -43.57 21.58
N ILE A 165 -15.53 -44.03 20.65
CA ILE A 165 -15.01 -43.17 19.60
C ILE A 165 -15.56 -43.66 18.26
N ILE A 166 -16.18 -42.75 17.52
CA ILE A 166 -16.72 -43.10 16.21
C ILE A 166 -15.62 -42.93 15.17
N TRP A 167 -15.45 -43.95 14.32
CA TRP A 167 -14.24 -44.07 13.54
C TRP A 167 -14.49 -44.68 12.16
N PRO A 168 -14.56 -43.83 11.11
CA PRO A 168 -14.61 -44.31 9.72
C PRO A 168 -13.45 -45.24 9.42
N ARG A 169 -13.75 -46.50 9.14
CA ARG A 169 -12.75 -47.56 9.02
C ARG A 169 -11.52 -47.23 8.19
N ILE A 170 -10.35 -47.61 8.69
CA ILE A 170 -9.11 -47.61 7.93
C ILE A 170 -8.22 -48.70 8.48
N ASP A 171 -7.73 -49.58 7.61
CA ASP A 171 -7.01 -50.77 8.03
C ASP A 171 -5.53 -50.51 8.29
N GLN A 172 -5.25 -49.79 9.36
CA GLN A 172 -3.90 -49.50 9.82
C GLN A 172 -3.89 -49.70 11.34
N LYS A 173 -3.13 -50.70 11.80
CA LYS A 173 -3.20 -51.13 13.19
C LYS A 173 -2.94 -50.04 14.22
N SER A 174 -2.02 -49.12 13.91
CA SER A 174 -1.57 -48.15 14.90
C SER A 174 -2.68 -47.22 15.40
N CYS A 175 -3.42 -46.60 14.49
CA CYS A 175 -4.47 -45.67 14.91
C CYS A 175 -5.67 -46.40 15.49
N PHE A 176 -5.95 -47.61 14.99
CA PHE A 176 -7.01 -48.38 15.61
C PHE A 176 -6.65 -48.69 17.06
N LYS A 177 -5.51 -49.33 17.26
CA LYS A 177 -5.06 -49.65 18.60
C LYS A 177 -5.04 -48.41 19.49
N SER A 178 -4.74 -47.26 18.89
CA SER A 178 -4.63 -46.05 19.68
C SER A 178 -5.89 -45.80 20.50
N MET A 179 -7.05 -46.11 19.92
CA MET A 179 -8.33 -45.90 20.60
C MET A 179 -8.49 -46.84 21.79
N ILE A 180 -8.01 -48.07 21.64
CA ILE A 180 -8.16 -49.07 22.70
C ILE A 180 -7.14 -48.85 23.81
N THR A 181 -5.92 -48.52 23.44
CA THR A 181 -4.89 -48.22 24.44
C THR A 181 -5.36 -47.09 25.36
N ALA A 182 -6.10 -46.14 24.80
CA ALA A 182 -6.62 -45.01 25.58
C ALA A 182 -7.77 -45.43 26.49
N GLY A 183 -8.26 -46.65 26.27
CA GLY A 183 -9.29 -47.22 27.12
C GLY A 183 -10.70 -46.88 26.68
N PHE A 184 -10.88 -46.69 25.38
CA PHE A 184 -12.22 -46.40 24.84
C PHE A 184 -12.63 -47.47 23.84
N GLU A 185 -13.91 -47.49 23.51
CA GLU A 185 -14.42 -48.51 22.59
C GLU A 185 -14.69 -47.93 21.23
N PRO A 186 -14.02 -48.48 20.21
CA PRO A 186 -14.17 -48.02 18.83
C PRO A 186 -15.51 -48.45 18.26
N VAL A 187 -16.18 -47.51 17.60
CA VAL A 187 -17.37 -47.82 16.83
C VAL A 187 -16.97 -47.74 15.35
N VAL A 188 -16.62 -48.89 14.77
CA VAL A 188 -16.13 -48.92 13.40
C VAL A 188 -17.23 -48.60 12.39
N ILE A 189 -17.17 -47.42 11.80
CA ILE A 189 -18.12 -47.05 10.76
C ILE A 189 -17.56 -47.44 9.41
N GLU A 190 -18.19 -48.40 8.74
CA GLU A 190 -17.69 -48.86 7.45
C GLU A 190 -17.78 -47.75 6.40
N ASN A 191 -17.08 -47.95 5.30
CA ASN A 191 -17.04 -46.94 4.24
C ASN A 191 -17.96 -47.30 3.10
N VAL A 192 -18.46 -46.25 2.42
CA VAL A 192 -19.32 -46.43 1.26
C VAL A 192 -18.48 -46.47 0.00
N LEU A 193 -18.78 -47.41 -0.89
CA LEU A 193 -18.04 -47.53 -2.14
C LEU A 193 -18.64 -46.66 -3.23
N GLU A 194 -17.83 -45.77 -3.80
CA GLU A 194 -18.29 -44.86 -4.84
C GLU A 194 -17.34 -44.92 -6.03
N GLY A 195 -17.79 -45.52 -7.13
CA GLY A 195 -16.88 -45.89 -8.19
C GLY A 195 -15.90 -46.88 -7.59
N ASP A 196 -14.61 -46.57 -7.68
CA ASP A 196 -13.57 -47.44 -7.14
C ASP A 196 -13.17 -47.03 -5.73
N GLU A 197 -13.61 -45.86 -5.30
CA GLU A 197 -13.17 -45.26 -4.04
C GLU A 197 -13.98 -45.68 -2.83
N LEU A 198 -13.30 -45.87 -1.70
CA LEU A 198 -13.97 -46.05 -0.42
C LEU A 198 -14.03 -44.71 0.29
N ARG A 199 -15.21 -44.31 0.73
CA ARG A 199 -15.39 -42.98 1.30
C ARG A 199 -16.25 -42.95 2.56
N THR A 200 -16.35 -41.78 3.17
CA THR A 200 -17.04 -41.62 4.44
C THR A 200 -18.54 -41.83 4.29
N ASP A 201 -19.09 -42.74 5.08
CA ASP A 201 -20.53 -42.94 5.12
C ASP A 201 -21.16 -41.94 6.08
N LEU A 202 -21.34 -40.71 5.60
CA LEU A 202 -21.86 -39.63 6.44
C LEU A 202 -23.20 -39.94 7.11
N LYS A 203 -24.03 -40.74 6.45
CA LYS A 203 -25.31 -41.15 7.03
C LYS A 203 -25.05 -41.95 8.28
N ALA A 204 -24.26 -43.02 8.13
CA ALA A 204 -24.00 -43.94 9.21
C ALA A 204 -23.39 -43.25 10.43
N VAL A 205 -22.48 -42.32 10.19
CA VAL A 205 -21.87 -41.57 11.27
C VAL A 205 -22.95 -40.86 12.08
N GLU A 206 -23.77 -40.05 11.40
CA GLU A 206 -24.82 -39.31 12.08
C GLU A 206 -25.87 -40.25 12.67
N ALA A 207 -26.04 -41.41 12.05
CA ALA A 207 -26.95 -42.40 12.59
C ALA A 207 -26.44 -42.90 13.94
N LYS A 208 -25.14 -43.21 14.01
CA LYS A 208 -24.54 -43.70 15.25
C LYS A 208 -24.57 -42.66 16.35
N VAL A 209 -24.19 -41.42 16.03
CA VAL A 209 -24.19 -40.37 17.05
C VAL A 209 -25.58 -40.26 17.67
N GLN A 210 -26.61 -40.51 16.88
CA GLN A 210 -27.99 -40.48 17.36
C GLN A 210 -28.32 -41.73 18.16
N GLU A 211 -27.92 -42.88 17.65
CA GLU A 211 -28.16 -44.13 18.35
C GLU A 211 -27.53 -44.13 19.73
N LEU A 212 -26.25 -43.79 19.79
CA LEU A 212 -25.49 -43.82 21.05
C LEU A 212 -25.71 -42.58 21.90
N GLY A 213 -25.93 -41.44 21.26
CA GLY A 213 -26.12 -40.18 21.97
C GLY A 213 -24.81 -39.46 22.20
N PRO A 214 -24.75 -38.18 21.80
CA PRO A 214 -23.53 -37.37 21.86
C PRO A 214 -22.79 -37.47 23.19
N ASP A 215 -23.52 -37.38 24.30
CA ASP A 215 -22.90 -37.47 25.63
C ASP A 215 -22.02 -38.70 25.78
N CYS A 216 -22.39 -39.77 25.10
CA CYS A 216 -21.66 -41.04 25.22
C CYS A 216 -20.51 -41.16 24.23
N ILE A 217 -20.43 -40.20 23.31
CA ILE A 217 -19.38 -40.19 22.30
C ILE A 217 -18.20 -39.35 22.76
N LEU A 218 -17.02 -39.97 22.85
CA LEU A 218 -15.82 -39.22 23.24
C LEU A 218 -15.41 -38.26 22.14
N CYS A 219 -15.42 -38.73 20.90
CA CYS A 219 -15.10 -37.89 19.76
C CYS A 219 -15.27 -38.67 18.47
N ILE A 220 -15.29 -37.94 17.35
CA ILE A 220 -15.21 -38.56 16.04
C ILE A 220 -13.74 -38.56 15.59
N HIS A 221 -13.25 -39.74 15.25
CA HIS A 221 -11.86 -39.92 14.88
C HIS A 221 -11.71 -40.20 13.40
N SER A 222 -11.45 -39.15 12.62
CA SER A 222 -11.33 -39.27 11.17
C SER A 222 -9.88 -39.36 10.68
N THR A 223 -9.71 -39.82 9.45
CA THR A 223 -8.38 -40.00 8.86
C THR A 223 -8.31 -39.35 7.48
N THR A 224 -7.25 -38.60 7.22
CA THR A 224 -7.03 -38.03 5.89
C THR A 224 -6.09 -38.91 5.07
N SER A 225 -4.79 -38.78 5.30
CA SER A 225 -3.80 -39.59 4.60
C SER A 225 -4.08 -41.08 4.76
N CYS A 226 -4.08 -41.81 3.65
CA CYS A 226 -4.34 -43.24 3.71
C CYS A 226 -4.03 -43.92 2.40
N PHE A 227 -4.16 -45.25 2.38
CA PHE A 227 -3.90 -46.02 1.18
C PHE A 227 -5.11 -46.06 0.27
N ALA A 228 -4.92 -45.74 -1.01
CA ALA A 228 -5.94 -45.98 -2.01
C ALA A 228 -6.27 -47.46 -1.93
N PRO A 229 -7.53 -47.84 -2.19
CA PRO A 229 -8.65 -47.04 -2.68
C PRO A 229 -9.40 -46.23 -1.63
N ARG A 230 -9.01 -46.28 -0.35
CA ARG A 230 -9.62 -45.36 0.59
C ARG A 230 -9.14 -43.97 0.25
N VAL A 231 -9.94 -42.97 0.60
CA VAL A 231 -9.55 -41.58 0.37
C VAL A 231 -9.80 -40.77 1.64
N PRO A 232 -9.12 -39.61 1.74
CA PRO A 232 -9.33 -38.70 2.87
C PRO A 232 -10.81 -38.49 3.20
N ASP A 233 -11.13 -38.70 4.47
CA ASP A 233 -12.50 -38.57 4.96
C ASP A 233 -13.12 -37.24 4.61
N ARG A 234 -14.45 -37.24 4.51
CA ARG A 234 -15.18 -36.01 4.26
C ARG A 234 -15.14 -35.14 5.51
N LEU A 235 -14.04 -34.41 5.65
CA LEU A 235 -13.76 -33.69 6.90
C LEU A 235 -14.77 -32.62 7.22
N GLU A 236 -15.02 -31.72 6.28
CA GLU A 236 -15.93 -30.61 6.52
C GLU A 236 -17.32 -31.07 6.90
N GLU A 237 -17.82 -32.09 6.21
CA GLU A 237 -19.13 -32.65 6.54
C GLU A 237 -19.13 -33.17 7.97
N LEU A 238 -18.08 -33.92 8.32
CA LEU A 238 -17.92 -34.42 9.68
C LEU A 238 -17.72 -33.29 10.69
N ALA A 239 -17.00 -32.26 10.29
CA ALA A 239 -16.71 -31.13 11.17
C ALA A 239 -18.01 -30.46 11.58
N VAL A 240 -19.02 -30.60 10.72
CA VAL A 240 -20.31 -29.99 10.96
C VAL A 240 -21.11 -30.86 11.90
N ILE A 241 -21.21 -32.14 11.58
CA ILE A 241 -21.86 -33.09 12.47
C ILE A 241 -21.34 -32.85 13.88
N CYS A 242 -20.03 -32.61 13.98
CA CYS A 242 -19.37 -32.47 15.27
C CYS A 242 -19.73 -31.17 15.97
N ALA A 243 -19.67 -30.07 15.22
CA ALA A 243 -20.03 -28.77 15.77
C ALA A 243 -21.49 -28.78 16.23
N ASN A 244 -22.36 -29.40 15.42
CA ASN A 244 -23.78 -29.49 15.73
C ASN A 244 -24.04 -30.20 17.04
N TYR A 245 -23.56 -31.43 17.14
CA TYR A 245 -23.81 -32.28 18.31
C TYR A 245 -22.85 -32.02 19.49
N ASP A 246 -22.00 -31.00 19.37
CA ASP A 246 -21.00 -30.73 20.39
C ASP A 246 -20.16 -31.98 20.68
N ILE A 247 -19.55 -32.54 19.64
CA ILE A 247 -18.68 -33.69 19.77
C ILE A 247 -17.28 -33.36 19.25
N PRO A 248 -16.25 -33.65 20.06
CA PRO A 248 -14.85 -33.41 19.67
C PRO A 248 -14.48 -34.16 18.40
N HIS A 249 -13.69 -33.49 17.55
CA HIS A 249 -13.28 -34.03 16.26
C HIS A 249 -11.76 -34.10 16.21
N ILE A 250 -11.20 -35.32 16.20
CA ILE A 250 -9.76 -35.48 16.12
C ILE A 250 -9.34 -36.08 14.77
N VAL A 251 -8.43 -35.41 14.08
CA VAL A 251 -8.01 -35.86 12.76
C VAL A 251 -6.64 -36.53 12.73
N ASN A 252 -6.63 -37.82 12.38
CA ASN A 252 -5.41 -38.52 12.03
C ASN A 252 -4.93 -38.04 10.65
N ASN A 253 -3.93 -37.17 10.66
CA ASN A 253 -3.35 -36.61 9.45
C ASN A 253 -1.93 -37.15 9.29
N ALA A 254 -1.75 -38.43 9.65
CA ALA A 254 -0.44 -39.06 9.77
C ALA A 254 0.64 -38.58 8.80
N TYR A 255 0.32 -38.57 7.51
CA TYR A 255 1.26 -38.05 6.53
C TYR A 255 0.55 -37.15 5.52
N GLY A 256 -0.29 -36.27 6.02
CA GLY A 256 -1.01 -35.37 5.16
C GLY A 256 -0.41 -33.97 5.03
N VAL A 257 0.62 -33.68 5.82
CA VAL A 257 1.25 -32.37 5.77
C VAL A 257 1.82 -32.09 4.38
N GLN A 258 2.32 -33.16 3.75
CA GLN A 258 2.92 -33.08 2.41
C GLN A 258 1.87 -33.00 1.31
N SER A 259 0.60 -32.93 1.70
CA SER A 259 -0.49 -32.95 0.73
C SER A 259 -1.37 -31.72 0.87
N SER A 260 -1.23 -30.78 -0.04
CA SER A 260 -2.00 -29.54 0.04
C SER A 260 -3.49 -29.85 -0.05
N LYS A 261 -3.83 -30.94 -0.73
CA LYS A 261 -5.21 -31.38 -0.78
C LYS A 261 -5.67 -31.73 0.62
N CYS A 262 -4.87 -32.53 1.31
CA CYS A 262 -5.17 -32.98 2.67
C CYS A 262 -5.24 -31.82 3.65
N MET A 263 -4.22 -30.97 3.62
CA MET A 263 -4.18 -29.83 4.53
C MET A 263 -5.36 -28.89 4.28
N HIS A 264 -5.73 -28.75 3.01
CA HIS A 264 -6.89 -27.95 2.65
C HIS A 264 -8.15 -28.48 3.36
N LEU A 265 -8.39 -29.78 3.27
CA LEU A 265 -9.51 -30.40 3.97
C LEU A 265 -9.57 -29.99 5.43
N ILE A 266 -8.41 -29.95 6.07
CA ILE A 266 -8.35 -29.67 7.49
C ILE A 266 -8.72 -28.21 7.70
N GLN A 267 -8.05 -27.35 6.95
CA GLN A 267 -8.33 -25.92 6.95
C GLN A 267 -9.83 -25.67 6.83
N GLN A 268 -10.46 -26.35 5.88
CA GLN A 268 -11.87 -26.18 5.58
C GLN A 268 -12.79 -26.65 6.69
N GLY A 269 -12.64 -27.90 7.09
CA GLY A 269 -13.43 -28.46 8.17
C GLY A 269 -13.45 -27.54 9.37
N ALA A 270 -12.30 -26.93 9.66
CA ALA A 270 -12.17 -26.03 10.80
C ALA A 270 -12.94 -24.74 10.58
N ARG A 271 -13.14 -24.41 9.31
CA ARG A 271 -13.82 -23.19 8.91
C ARG A 271 -15.32 -23.35 9.00
N VAL A 272 -15.85 -24.36 8.32
CA VAL A 272 -17.29 -24.60 8.27
C VAL A 272 -17.77 -25.40 9.49
N GLY A 273 -16.82 -25.90 10.27
CA GLY A 273 -17.18 -26.77 11.37
C GLY A 273 -16.20 -26.77 12.51
N ARG A 274 -16.04 -27.94 13.11
CA ARG A 274 -15.23 -28.11 14.32
C ARG A 274 -14.10 -29.12 14.12
N ILE A 275 -12.88 -28.68 14.36
CA ILE A 275 -11.74 -29.60 14.42
C ILE A 275 -10.93 -29.29 15.68
N ASP A 276 -10.92 -30.23 16.62
CA ASP A 276 -10.32 -29.98 17.92
C ASP A 276 -8.80 -30.17 17.91
N ALA A 277 -8.34 -31.21 17.22
CA ALA A 277 -6.91 -31.43 17.06
C ALA A 277 -6.63 -32.28 15.84
N PHE A 278 -5.55 -31.97 15.13
CA PHE A 278 -5.07 -32.89 14.11
C PHE A 278 -3.63 -33.35 14.39
N VAL A 279 -3.37 -34.63 14.15
CA VAL A 279 -2.07 -35.22 14.41
C VAL A 279 -1.35 -35.61 13.14
N GLN A 280 -0.05 -35.32 13.07
CA GLN A 280 0.80 -35.79 11.97
C GLN A 280 2.10 -36.40 12.48
N SER A 281 2.71 -37.24 11.65
CA SER A 281 3.96 -37.93 11.98
C SER A 281 5.17 -37.14 11.51
N LEU A 282 6.22 -37.14 12.31
CA LEU A 282 7.43 -36.39 11.97
C LEU A 282 8.19 -37.05 10.84
N ASP A 283 8.34 -38.37 10.88
CA ASP A 283 9.11 -39.06 9.85
C ASP A 283 8.44 -39.02 8.49
N LYS A 284 7.12 -39.21 8.47
CA LYS A 284 6.40 -39.28 7.21
C LYS A 284 6.31 -37.94 6.52
N ASN A 285 6.48 -36.86 7.26
CA ASN A 285 6.31 -35.53 6.68
C ASN A 285 7.60 -34.72 6.61
N PHE A 286 8.58 -35.08 7.42
CA PHE A 286 9.81 -34.28 7.49
C PHE A 286 11.10 -35.08 7.27
N MET A 287 10.98 -36.32 6.83
CA MET A 287 12.14 -37.16 6.55
C MET A 287 13.18 -37.18 7.68
N VAL A 288 12.72 -37.57 8.86
CA VAL A 288 13.59 -37.75 10.00
C VAL A 288 13.29 -39.11 10.61
N PRO A 289 14.11 -39.58 11.55
CA PRO A 289 13.84 -40.93 12.08
C PRO A 289 12.45 -41.05 12.71
N VAL A 290 11.91 -42.27 12.68
CA VAL A 290 10.64 -42.56 13.33
C VAL A 290 10.73 -42.26 14.83
N GLY A 291 9.68 -41.66 15.38
CA GLY A 291 9.62 -41.49 16.83
C GLY A 291 8.93 -40.26 17.37
N GLY A 292 8.65 -39.28 16.52
CA GLY A 292 8.00 -38.06 16.95
C GLY A 292 6.72 -37.76 16.20
N ALA A 293 5.95 -36.80 16.72
CA ALA A 293 4.70 -36.40 16.07
C ALA A 293 4.37 -34.94 16.39
N ILE A 294 3.33 -34.42 15.75
CA ILE A 294 2.88 -33.07 16.04
C ILE A 294 1.39 -33.07 16.36
N ILE A 295 1.03 -32.46 17.48
CA ILE A 295 -0.36 -32.23 17.80
C ILE A 295 -0.66 -30.75 17.52
N ALA A 296 -1.72 -30.50 16.77
CA ALA A 296 -2.03 -29.16 16.32
C ALA A 296 -3.52 -28.88 16.42
N GLY A 297 -3.88 -27.63 16.66
CA GLY A 297 -5.28 -27.28 16.80
C GLY A 297 -5.59 -25.83 16.51
N PHE A 298 -6.85 -25.48 16.68
CA PHE A 298 -7.33 -24.13 16.40
C PHE A 298 -7.74 -23.43 17.69
N ASN A 299 -8.15 -24.20 18.70
CA ASN A 299 -8.33 -23.65 20.03
C ASN A 299 -7.02 -23.76 20.78
N ASP A 300 -6.39 -22.62 21.04
CA ASP A 300 -5.10 -22.59 21.71
C ASP A 300 -5.16 -23.24 23.09
N SER A 301 -6.18 -22.89 23.87
CA SER A 301 -6.29 -23.38 25.24
C SER A 301 -6.31 -24.90 25.29
N PHE A 302 -7.01 -25.51 24.35
CA PHE A 302 -7.19 -26.95 24.36
C PHE A 302 -5.91 -27.69 23.96
N ILE A 303 -5.17 -27.12 23.02
CA ILE A 303 -3.91 -27.70 22.61
C ILE A 303 -2.99 -27.79 23.82
N GLN A 304 -2.91 -26.70 24.58
CA GLN A 304 -2.09 -26.69 25.79
C GLN A 304 -2.58 -27.63 26.88
N GLU A 305 -3.86 -28.01 26.84
CA GLU A 305 -4.40 -28.96 27.81
C GLU A 305 -3.84 -30.34 27.52
N ILE A 306 -3.69 -30.63 26.23
CA ILE A 306 -3.09 -31.88 25.78
C ILE A 306 -1.62 -31.90 26.17
N SER A 307 -0.94 -30.78 25.95
CA SER A 307 0.44 -30.64 26.39
C SER A 307 0.57 -30.96 27.89
N LYS A 308 -0.30 -30.36 28.70
CA LYS A 308 -0.21 -30.52 30.14
C LYS A 308 -0.52 -31.94 30.60
N MET A 309 -1.17 -32.70 29.74
CA MET A 309 -1.55 -34.06 30.08
C MET A 309 -0.35 -35.02 30.09
N TYR A 310 0.76 -34.58 29.51
CA TYR A 310 1.95 -35.43 29.42
C TYR A 310 2.75 -35.40 30.72
N PRO A 311 2.93 -36.59 31.33
CA PRO A 311 3.59 -36.81 32.61
C PRO A 311 5.11 -36.88 32.51
N GLY A 312 5.81 -35.90 33.08
CA GLY A 312 7.26 -35.95 33.12
C GLY A 312 7.93 -35.39 31.89
N ARG A 313 9.26 -35.48 31.85
CA ARG A 313 10.00 -34.94 30.70
C ARG A 313 9.98 -35.91 29.54
N ALA A 314 10.39 -35.45 28.36
CA ALA A 314 10.42 -36.30 27.18
C ALA A 314 11.71 -36.09 26.37
N SER A 315 12.01 -37.03 25.48
CA SER A 315 13.20 -36.95 24.64
C SER A 315 13.19 -35.68 23.80
N ALA A 316 14.38 -35.14 23.53
CA ALA A 316 14.51 -33.97 22.66
C ALA A 316 14.93 -34.41 21.26
N SER A 317 15.28 -35.68 21.14
CA SER A 317 15.82 -36.23 19.91
C SER A 317 14.96 -35.93 18.65
N PRO A 318 13.63 -36.15 18.74
CA PRO A 318 12.82 -35.81 17.56
C PRO A 318 12.76 -34.32 17.29
N SER A 319 12.70 -33.50 18.34
CA SER A 319 12.65 -32.06 18.12
C SER A 319 13.96 -31.56 17.52
N LEU A 320 15.06 -32.19 17.89
CA LEU A 320 16.36 -31.77 17.39
C LEU A 320 16.49 -32.09 15.91
N ASP A 321 16.00 -33.26 15.52
CA ASP A 321 16.03 -33.68 14.13
C ASP A 321 15.22 -32.71 13.27
N VAL A 322 14.01 -32.41 13.73
CA VAL A 322 13.15 -31.46 13.04
C VAL A 322 13.78 -30.08 12.93
N LEU A 323 14.32 -29.58 14.03
CA LEU A 323 14.97 -28.29 14.00
C LEU A 323 16.04 -28.32 12.92
N ILE A 324 16.92 -29.30 13.00
CA ILE A 324 18.04 -29.42 12.07
C ILE A 324 17.58 -29.50 10.61
N THR A 325 16.65 -30.40 10.33
CA THR A 325 16.11 -30.54 8.98
C THR A 325 15.55 -29.24 8.42
N LEU A 326 14.68 -28.57 9.19
CA LEU A 326 14.02 -27.36 8.72
C LEU A 326 14.99 -26.20 8.53
N LEU A 327 15.86 -25.97 9.51
CA LEU A 327 16.86 -24.92 9.38
C LEU A 327 17.77 -25.20 8.17
N SER A 328 17.98 -26.48 7.88
CA SER A 328 18.83 -26.88 6.75
C SER A 328 18.14 -26.74 5.40
N LEU A 329 16.86 -27.10 5.32
CA LEU A 329 16.07 -26.99 4.09
C LEU A 329 15.62 -25.56 3.85
N GLY A 330 15.19 -24.88 4.92
CA GLY A 330 14.51 -23.62 4.79
C GLY A 330 13.12 -23.90 4.25
N SER A 331 12.23 -22.92 4.35
CA SER A 331 10.88 -23.07 3.83
C SER A 331 10.92 -23.33 2.32
N ASN A 332 11.90 -22.74 1.64
CA ASN A 332 12.10 -22.97 0.21
C ASN A 332 12.39 -24.44 -0.06
N GLY A 333 13.39 -24.96 0.63
CA GLY A 333 13.73 -26.37 0.53
C GLY A 333 12.50 -27.25 0.68
N TYR A 334 11.70 -26.98 1.72
CA TYR A 334 10.51 -27.76 1.95
C TYR A 334 9.52 -27.63 0.80
N LYS A 335 9.27 -26.40 0.36
CA LYS A 335 8.39 -26.15 -0.79
C LYS A 335 8.84 -26.95 -2.01
N LYS A 336 10.13 -26.93 -2.28
CA LYS A 336 10.68 -27.70 -3.39
C LYS A 336 10.27 -29.16 -3.30
N LEU A 337 10.51 -29.76 -2.14
CA LEU A 337 10.14 -31.16 -1.92
C LEU A 337 8.65 -31.42 -2.17
N LEU A 338 7.81 -30.53 -1.66
CA LEU A 338 6.38 -30.67 -1.85
C LEU A 338 6.04 -30.67 -3.32
N LYS A 339 6.73 -29.80 -4.06
CA LYS A 339 6.51 -29.66 -5.49
C LYS A 339 6.93 -30.92 -6.21
N GLU A 340 8.13 -31.40 -5.91
CA GLU A 340 8.61 -32.63 -6.52
C GLU A 340 7.65 -33.76 -6.23
N ARG A 341 7.08 -33.77 -5.04
CA ARG A 341 6.17 -34.85 -4.66
C ARG A 341 5.02 -34.97 -5.64
N LYS A 342 4.40 -33.84 -5.98
CA LYS A 342 3.27 -33.84 -6.91
CA LYS A 342 3.28 -33.80 -6.92
C LYS A 342 3.70 -34.33 -8.29
N GLU A 343 4.83 -33.83 -8.77
CA GLU A 343 5.36 -34.25 -10.06
C GLU A 343 5.54 -35.76 -10.06
N MET A 344 6.25 -36.27 -9.06
CA MET A 344 6.47 -37.71 -8.93
C MET A 344 5.16 -38.48 -8.92
N PHE A 345 4.11 -37.85 -8.41
CA PHE A 345 2.82 -38.51 -8.33
C PHE A 345 2.26 -38.79 -9.72
N SER A 346 2.26 -37.75 -10.57
CA SER A 346 1.86 -37.91 -11.96
C SER A 346 2.74 -38.95 -12.63
N TYR A 347 4.05 -38.75 -12.53
CA TYR A 347 4.98 -39.67 -13.15
C TYR A 347 4.67 -41.10 -12.76
N LEU A 348 4.52 -41.35 -11.46
CA LEU A 348 4.21 -42.69 -10.98
C LEU A 348 2.87 -43.18 -11.54
N SER A 349 1.85 -42.33 -11.46
CA SER A 349 0.52 -42.68 -11.93
CA SER A 349 0.52 -42.68 -11.93
C SER A 349 0.58 -43.07 -13.40
N ASN A 350 1.14 -42.18 -14.21
CA ASN A 350 1.30 -42.41 -15.64
CA ASN A 350 1.27 -42.43 -15.65
C ASN A 350 2.08 -43.68 -15.97
N GLN A 351 3.13 -43.95 -15.18
CA GLN A 351 3.96 -45.12 -15.39
C GLN A 351 3.22 -46.40 -15.07
N ILE A 352 2.35 -46.34 -14.06
CA ILE A 352 1.55 -47.50 -13.69
C ILE A 352 0.46 -47.77 -14.72
N LYS A 353 -0.15 -46.70 -15.23
CA LYS A 353 -1.14 -46.85 -16.29
C LYS A 353 -0.57 -47.69 -17.42
N LYS A 354 0.65 -47.37 -17.83
CA LYS A 354 1.33 -48.06 -18.93
C LYS A 354 1.67 -49.51 -18.59
N LEU A 355 2.42 -49.73 -17.52
CA LEU A 355 2.76 -51.08 -17.10
C LEU A 355 1.49 -51.90 -16.95
N SER A 356 0.48 -51.27 -16.36
CA SER A 356 -0.80 -51.89 -16.08
C SER A 356 -1.42 -52.47 -17.34
N GLU A 357 -1.44 -51.65 -18.38
CA GLU A 357 -1.99 -52.01 -19.68
C GLU A 357 -1.40 -53.32 -20.17
N ALA A 358 -0.09 -53.37 -20.25
CA ALA A 358 0.61 -54.54 -20.76
C ALA A 358 0.20 -55.84 -20.10
N TYR A 359 -0.49 -55.77 -18.96
CA TYR A 359 -0.85 -56.99 -18.23
C TYR A 359 -2.34 -57.16 -18.03
N ASN A 360 -3.13 -56.29 -18.68
CA ASN A 360 -4.58 -56.36 -18.60
C ASN A 360 -5.11 -56.08 -17.20
N GLU A 361 -4.36 -55.26 -16.46
CA GLU A 361 -4.83 -54.72 -15.20
C GLU A 361 -5.09 -53.25 -15.45
N ARG A 362 -5.43 -52.51 -14.41
CA ARG A 362 -5.65 -51.07 -14.55
C ARG A 362 -5.31 -50.33 -13.27
N LEU A 363 -5.10 -49.04 -13.39
CA LEU A 363 -4.93 -48.17 -12.25
C LEU A 363 -6.32 -47.80 -11.70
N LEU A 364 -6.61 -48.23 -10.49
CA LEU A 364 -7.88 -47.92 -9.83
C LEU A 364 -8.19 -46.42 -9.86
N HIS A 365 -9.45 -46.10 -10.12
CA HIS A 365 -9.86 -44.71 -10.26
C HIS A 365 -10.08 -44.06 -8.90
N THR A 366 -9.02 -43.48 -8.34
CA THR A 366 -9.08 -42.91 -7.00
C THR A 366 -8.59 -41.46 -6.99
N PRO A 367 -9.24 -40.59 -7.77
CA PRO A 367 -8.90 -39.18 -7.97
C PRO A 367 -8.70 -38.42 -6.66
N HIS A 368 -9.46 -38.80 -5.64
CA HIS A 368 -9.47 -38.05 -4.38
C HIS A 368 -8.34 -38.39 -3.43
N ASN A 369 -7.53 -39.39 -3.79
CA ASN A 369 -6.36 -39.72 -2.99
C ASN A 369 -5.08 -39.14 -3.60
N PRO A 370 -4.54 -38.08 -2.98
CA PRO A 370 -3.45 -37.25 -3.48
C PRO A 370 -2.09 -37.91 -3.41
N ILE A 371 -1.98 -38.98 -2.61
CA ILE A 371 -0.67 -39.52 -2.27
C ILE A 371 -0.50 -40.97 -2.71
N SER A 372 -1.57 -41.75 -2.60
CA SER A 372 -1.50 -43.19 -2.83
C SER A 372 -2.26 -43.67 -4.06
N LEU A 373 -1.64 -44.59 -4.79
CA LEU A 373 -2.23 -45.20 -5.97
C LEU A 373 -2.41 -46.70 -5.76
N ALA A 374 -3.27 -47.32 -6.56
CA ALA A 374 -3.42 -48.76 -6.52
C ALA A 374 -3.61 -49.34 -7.92
N MET A 375 -2.86 -50.40 -8.23
CA MET A 375 -3.02 -51.13 -9.48
C MET A 375 -3.72 -52.46 -9.18
N THR A 376 -4.60 -52.89 -10.08
CA THR A 376 -5.34 -54.13 -9.84
C THR A 376 -4.46 -55.35 -10.03
N LEU A 377 -4.93 -56.50 -9.55
CA LEU A 377 -4.24 -57.76 -9.70
C LEU A 377 -5.27 -58.86 -9.92
N LYS A 378 -6.29 -58.57 -10.71
CA LYS A 378 -7.37 -59.53 -10.95
C LYS A 378 -6.93 -60.70 -11.81
N THR A 379 -5.88 -60.48 -12.60
CA THR A 379 -5.38 -61.49 -13.52
C THR A 379 -4.62 -62.61 -12.80
N LEU A 380 -4.17 -62.33 -11.58
CA LEU A 380 -3.56 -63.37 -10.77
C LEU A 380 -4.66 -63.96 -9.90
N ASP A 381 -4.74 -65.28 -9.87
CA ASP A 381 -5.73 -65.94 -9.00
C ASP A 381 -5.06 -66.49 -7.75
N GLU A 382 -5.50 -65.99 -6.59
CA GLU A 382 -4.87 -66.31 -5.33
C GLU A 382 -5.28 -67.68 -4.76
N HIS A 383 -6.27 -68.32 -5.36
CA HIS A 383 -6.73 -69.60 -4.82
C HIS A 383 -6.03 -70.82 -5.44
N ARG A 384 -6.08 -70.95 -6.76
CA ARG A 384 -5.43 -72.08 -7.42
C ARG A 384 -3.98 -72.17 -6.97
N ASP A 385 -3.16 -71.26 -7.47
CA ASP A 385 -1.83 -71.04 -6.92
C ASP A 385 -1.87 -69.71 -6.19
N LYS A 386 -1.02 -69.54 -5.19
CA LYS A 386 -1.05 -68.33 -4.39
C LYS A 386 -0.27 -67.19 -5.06
N ALA A 387 -0.76 -66.76 -6.21
CA ALA A 387 -0.06 -65.77 -7.04
C ALA A 387 0.02 -64.38 -6.41
N VAL A 388 -1.08 -63.91 -5.82
CA VAL A 388 -1.10 -62.57 -5.27
C VAL A 388 -0.18 -62.45 -4.07
N THR A 389 -0.17 -63.49 -3.23
CA THR A 389 0.76 -63.57 -2.12
C THR A 389 2.19 -63.71 -2.64
N GLN A 390 2.39 -64.63 -3.57
CA GLN A 390 3.69 -64.87 -4.16
C GLN A 390 4.29 -63.57 -4.70
N LEU A 391 3.46 -62.75 -5.32
CA LEU A 391 3.93 -61.47 -5.87
C LEU A 391 4.44 -60.54 -4.78
N GLY A 392 3.84 -60.63 -3.60
CA GLY A 392 4.25 -59.81 -2.49
C GLY A 392 5.68 -60.11 -2.06
N SER A 393 5.98 -61.39 -1.95
CA SER A 393 7.30 -61.86 -1.53
C SER A 393 8.36 -61.51 -2.56
N MET A 394 8.07 -61.81 -3.83
CA MET A 394 8.98 -61.56 -4.92
C MET A 394 9.41 -60.10 -4.92
N LEU A 395 8.43 -59.22 -4.72
CA LEU A 395 8.68 -57.79 -4.70
C LEU A 395 9.63 -57.41 -3.58
N PHE A 396 9.44 -58.05 -2.43
CA PHE A 396 10.27 -57.78 -1.26
C PHE A 396 11.69 -58.24 -1.49
N THR A 397 11.86 -59.51 -1.88
CA THR A 397 13.19 -60.07 -2.09
C THR A 397 13.94 -59.34 -3.18
N ARG A 398 13.21 -58.67 -4.07
CA ARG A 398 13.84 -57.88 -5.11
C ARG A 398 14.14 -56.48 -4.63
N GLN A 399 13.96 -56.27 -3.33
CA GLN A 399 14.31 -55.00 -2.68
C GLN A 399 13.43 -53.85 -3.12
N VAL A 400 12.12 -54.08 -3.09
CA VAL A 400 11.14 -53.03 -3.35
C VAL A 400 10.31 -52.83 -2.10
N SER A 401 10.58 -51.74 -1.38
CA SER A 401 9.83 -51.44 -0.17
CA SER A 401 9.84 -51.43 -0.16
C SER A 401 8.68 -50.49 -0.45
N GLY A 402 7.58 -50.66 0.28
CA GLY A 402 6.41 -49.81 0.12
C GLY A 402 5.39 -50.45 -0.79
N ALA A 403 5.85 -51.34 -1.64
CA ALA A 403 4.95 -52.13 -2.46
C ALA A 403 4.09 -52.94 -1.51
N ARG A 404 2.80 -52.65 -1.51
CA ARG A 404 1.87 -53.23 -0.55
C ARG A 404 0.80 -54.02 -1.29
N VAL A 405 0.96 -55.34 -1.33
CA VAL A 405 -0.03 -56.21 -1.97
C VAL A 405 -1.21 -56.43 -1.04
N VAL A 406 -2.41 -56.30 -1.57
CA VAL A 406 -3.63 -56.44 -0.78
C VAL A 406 -4.53 -57.51 -1.39
N PRO A 407 -4.51 -58.71 -0.81
CA PRO A 407 -5.26 -59.84 -1.35
C PRO A 407 -6.70 -59.80 -0.87
N LEU A 408 -7.58 -60.58 -1.49
CA LEU A 408 -8.99 -60.57 -1.13
C LEU A 408 -9.29 -61.50 0.05
N GLY A 409 -10.23 -61.07 0.90
CA GLY A 409 -10.79 -61.92 1.95
C GLY A 409 -9.98 -62.16 3.21
N SER A 410 -8.97 -61.33 3.47
CA SER A 410 -8.14 -61.48 4.67
C SER A 410 -8.91 -61.30 5.98
N MET A 411 -8.89 -62.33 6.83
CA MET A 411 -9.43 -62.23 8.18
C MET A 411 -8.31 -61.84 9.14
N GLN A 412 -8.63 -61.00 10.12
CA GLN A 412 -7.59 -60.52 11.03
C GLN A 412 -8.18 -59.89 12.31
N THR A 413 -7.63 -60.26 13.46
CA THR A 413 -8.09 -59.70 14.72
C THR A 413 -7.09 -58.69 15.26
N VAL A 414 -7.60 -57.55 15.72
CA VAL A 414 -6.77 -56.51 16.29
C VAL A 414 -7.34 -56.05 17.61
N SER A 415 -6.72 -56.47 18.71
CA SER A 415 -7.20 -56.13 20.04
C SER A 415 -8.66 -56.55 20.22
N GLY A 416 -8.97 -57.75 19.78
CA GLY A 416 -10.28 -58.32 20.00
C GLY A 416 -11.22 -58.20 18.83
N TYR A 417 -11.16 -57.05 18.15
CA TYR A 417 -12.05 -56.80 17.03
CA TYR A 417 -12.04 -56.79 17.01
C TYR A 417 -11.58 -57.56 15.79
N THR A 418 -12.53 -58.14 15.07
CA THR A 418 -12.20 -58.94 13.89
C THR A 418 -12.56 -58.21 12.61
N PHE A 419 -11.55 -57.97 11.77
CA PHE A 419 -11.74 -57.30 10.50
C PHE A 419 -11.92 -58.32 9.38
N ARG A 420 -12.97 -58.16 8.58
CA ARG A 420 -13.13 -58.96 7.37
C ARG A 420 -12.54 -58.20 6.17
N GLY A 421 -11.88 -58.93 5.28
CA GLY A 421 -11.21 -58.31 4.15
C GLY A 421 -10.23 -57.23 4.61
N PHE A 422 -9.40 -57.59 5.57
CA PHE A 422 -8.47 -56.64 6.18
C PHE A 422 -7.41 -56.16 5.20
N MET A 423 -7.09 -54.87 5.28
CA MET A 423 -6.14 -54.21 4.36
C MET A 423 -6.81 -53.67 3.09
N SER A 424 -8.11 -53.93 2.96
CA SER A 424 -8.86 -53.48 1.80
C SER A 424 -9.76 -52.34 2.28
N HIS A 425 -10.03 -52.31 3.59
CA HIS A 425 -10.76 -51.23 4.24
C HIS A 425 -12.26 -51.39 4.15
N THR A 426 -12.70 -52.62 3.90
CA THR A 426 -14.12 -52.89 3.69
C THR A 426 -14.28 -54.39 3.59
N ASN A 427 -15.44 -54.91 3.94
CA ASN A 427 -15.62 -56.36 3.96
C ASN A 427 -15.33 -57.01 2.61
N ASN A 428 -15.90 -56.46 1.55
CA ASN A 428 -15.78 -57.08 0.23
C ASN A 428 -15.48 -56.12 -0.90
N TYR A 429 -14.20 -55.87 -1.14
CA TYR A 429 -13.79 -55.04 -2.27
C TYR A 429 -13.73 -55.88 -3.54
N PRO A 430 -14.07 -55.27 -4.68
CA PRO A 430 -14.09 -55.92 -6.00
C PRO A 430 -12.88 -56.79 -6.31
N CYS A 431 -11.66 -56.29 -6.11
CA CYS A 431 -10.48 -57.03 -6.56
C CYS A 431 -9.29 -56.99 -5.60
N ALA A 432 -8.28 -57.80 -5.90
CA ALA A 432 -6.99 -57.71 -5.25
C ALA A 432 -6.17 -56.68 -6.01
N TYR A 433 -5.40 -55.88 -5.29
CA TYR A 433 -4.61 -54.84 -5.93
C TYR A 433 -3.28 -54.65 -5.23
N LEU A 434 -2.52 -53.67 -5.70
CA LEU A 434 -1.17 -53.44 -5.23
C LEU A 434 -0.93 -51.94 -5.06
N ASN A 435 -0.37 -51.55 -3.92
CA ASN A 435 -0.21 -50.15 -3.58
C ASN A 435 1.16 -49.58 -3.92
N ALA A 436 1.18 -48.28 -4.22
CA ALA A 436 2.41 -47.52 -4.38
C ALA A 436 2.05 -46.07 -4.18
N ALA A 437 3.01 -45.26 -3.74
CA ALA A 437 2.69 -43.87 -3.44
C ALA A 437 3.85 -42.95 -3.72
N SER A 438 3.55 -41.73 -4.10
CA SER A 438 4.55 -40.69 -4.17
C SER A 438 4.46 -39.96 -2.86
N ALA A 439 5.37 -40.30 -1.95
CA ALA A 439 5.50 -39.62 -0.67
C ALA A 439 6.75 -38.75 -0.73
N ILE A 440 6.82 -37.75 0.15
CA ILE A 440 7.92 -36.79 0.13
C ILE A 440 9.27 -37.50 0.12
N GLY A 441 10.21 -36.95 -0.65
CA GLY A 441 11.55 -37.50 -0.71
C GLY A 441 11.79 -38.43 -1.88
N MET A 442 10.73 -39.05 -2.38
CA MET A 442 10.85 -40.00 -3.49
C MET A 442 11.51 -39.38 -4.71
N LYS A 443 12.32 -40.21 -5.38
CA LYS A 443 13.03 -39.79 -6.57
C LYS A 443 12.60 -40.64 -7.77
N MET A 444 12.90 -40.15 -8.97
CA MET A 444 12.51 -40.85 -10.19
C MET A 444 13.03 -42.28 -10.18
N GLN A 445 14.28 -42.46 -9.76
CA GLN A 445 14.89 -43.77 -9.69
C GLN A 445 13.99 -44.74 -8.91
N ASP A 446 13.40 -44.26 -7.82
CA ASP A 446 12.50 -45.08 -7.02
C ASP A 446 11.42 -45.66 -7.90
N VAL A 447 10.83 -44.81 -8.73
CA VAL A 447 9.74 -45.22 -9.59
C VAL A 447 10.19 -46.17 -10.68
N ASP A 448 11.23 -45.78 -11.41
CA ASP A 448 11.73 -46.55 -12.54
C ASP A 448 12.15 -47.96 -12.10
N LEU A 449 12.83 -48.04 -10.96
CA LEU A 449 13.24 -49.32 -10.41
C LEU A 449 12.05 -50.13 -9.98
N PHE A 450 11.05 -49.44 -9.42
CA PHE A 450 9.82 -50.11 -9.03
C PHE A 450 9.18 -50.75 -10.26
N ILE A 451 8.84 -49.93 -11.24
CA ILE A 451 8.19 -50.37 -12.47
C ILE A 451 8.99 -51.48 -13.13
N LYS A 452 10.29 -51.28 -13.20
CA LYS A 452 11.20 -52.26 -13.79
C LYS A 452 11.10 -53.61 -13.06
N ARG A 453 11.08 -53.57 -11.74
CA ARG A 453 11.07 -54.78 -10.92
C ARG A 453 9.68 -55.40 -10.79
N LEU A 454 8.65 -54.56 -10.83
CA LEU A 454 7.28 -55.06 -10.76
C LEU A 454 6.98 -55.85 -12.03
N ASP A 455 7.38 -55.29 -13.16
CA ASP A 455 7.23 -55.96 -14.43
C ASP A 455 7.92 -57.31 -14.35
N ARG A 456 9.17 -57.29 -13.89
CA ARG A 456 9.97 -58.50 -13.83
C ARG A 456 9.28 -59.57 -12.99
N CYS A 457 8.62 -59.13 -11.92
CA CYS A 457 7.92 -60.04 -11.03
C CYS A 457 6.67 -60.63 -11.68
N LEU A 458 5.87 -59.76 -12.30
CA LEU A 458 4.65 -60.18 -12.97
C LEU A 458 4.98 -61.22 -14.03
N LYS A 459 5.95 -60.88 -14.89
CA LYS A 459 6.40 -61.78 -15.95
C LYS A 459 6.79 -63.13 -15.34
N ALA A 460 7.47 -63.09 -14.21
CA ALA A 460 7.90 -64.29 -13.53
C ALA A 460 6.74 -65.17 -13.09
N VAL A 461 5.65 -64.54 -12.64
CA VAL A 461 4.51 -65.29 -12.14
C VAL A 461 3.77 -66.04 -13.25
N ARG A 462 3.86 -65.53 -14.48
CA ARG A 462 3.24 -66.19 -15.63
C ARG A 462 3.78 -67.62 -15.79
N LYS A 463 5.09 -67.75 -15.85
CA LYS A 463 5.74 -69.06 -15.94
C LYS A 463 5.59 -69.83 -14.63
N GLY B 21 20.00 -62.86 6.74
CA GLY B 21 19.95 -61.40 6.79
C GLY B 21 21.28 -60.74 6.46
N CYS B 22 22.37 -61.42 6.79
CA CYS B 22 23.72 -60.90 6.52
C CYS B 22 24.09 -61.03 5.04
N GLU B 23 23.16 -60.65 4.17
CA GLU B 23 23.39 -60.66 2.74
C GLU B 23 23.20 -59.25 2.24
N ALA B 24 22.80 -58.37 3.15
CA ALA B 24 22.70 -56.95 2.86
C ALA B 24 24.10 -56.41 2.61
N ARG B 25 25.08 -57.10 3.16
CA ARG B 25 26.47 -56.72 3.05
C ARG B 25 27.03 -57.08 1.67
N ARG B 26 26.41 -58.04 1.01
CA ARG B 26 26.87 -58.51 -0.29
C ARG B 26 27.00 -57.37 -1.30
N SER B 27 25.99 -56.52 -1.39
CA SER B 27 26.03 -55.42 -2.34
C SER B 27 27.23 -54.49 -2.06
N HIS B 28 27.51 -54.25 -0.79
CA HIS B 28 28.64 -53.39 -0.42
C HIS B 28 29.95 -54.04 -0.82
N GLU B 29 30.08 -55.33 -0.55
CA GLU B 29 31.31 -56.06 -0.87
C GLU B 29 31.64 -56.05 -2.36
N HIS B 30 30.63 -56.18 -3.21
N HIS B 30 30.63 -56.15 -3.22
CA HIS B 30 30.84 -56.16 -4.66
CA HIS B 30 30.84 -56.17 -4.65
C HIS B 30 31.57 -54.88 -5.05
C HIS B 30 31.44 -54.86 -5.17
N LEU B 31 31.12 -53.76 -4.49
CA LEU B 31 31.70 -52.46 -4.82
C LEU B 31 33.17 -52.41 -4.40
N ILE B 32 33.44 -52.97 -3.23
CA ILE B 32 34.79 -52.96 -2.68
C ILE B 32 35.71 -53.91 -3.43
N ARG B 33 35.31 -55.17 -3.53
CA ARG B 33 36.09 -56.17 -4.25
C ARG B 33 36.48 -55.65 -5.64
N LEU B 34 35.54 -54.98 -6.31
CA LEU B 34 35.79 -54.40 -7.63
C LEU B 34 36.87 -53.31 -7.57
N LEU B 35 36.88 -52.55 -6.49
CA LEU B 35 37.89 -51.51 -6.30
C LEU B 35 39.27 -52.13 -6.10
N LEU B 36 39.31 -53.18 -5.30
CA LEU B 36 40.57 -53.83 -4.97
C LEU B 36 41.13 -54.62 -6.14
N GLU B 37 40.28 -55.00 -7.08
CA GLU B 37 40.75 -55.79 -8.21
C GLU B 37 41.38 -54.92 -9.29
N LYS B 38 40.76 -53.80 -9.60
CA LYS B 38 41.18 -52.99 -10.73
C LYS B 38 41.73 -51.61 -10.35
N GLY B 39 41.46 -51.18 -9.12
CA GLY B 39 41.93 -49.90 -8.63
C GLY B 39 41.54 -48.72 -9.50
N LYS B 40 40.40 -48.82 -10.18
CA LYS B 40 39.89 -47.72 -10.98
C LYS B 40 38.82 -46.99 -10.21
N CYS B 41 38.68 -45.69 -10.44
CA CYS B 41 37.57 -44.94 -9.86
C CYS B 41 36.27 -45.62 -10.19
N PRO B 42 35.38 -45.72 -9.20
CA PRO B 42 34.05 -46.26 -9.54
C PRO B 42 33.42 -45.27 -10.48
N GLU B 43 32.70 -45.75 -11.49
CA GLU B 43 32.07 -44.84 -12.43
CA GLU B 43 32.04 -44.85 -12.45
C GLU B 43 31.10 -43.93 -11.69
N ASN B 44 30.20 -44.52 -10.93
CA ASN B 44 29.28 -43.75 -10.11
C ASN B 44 29.72 -43.71 -8.65
N GLY B 45 29.68 -42.50 -8.08
CA GLY B 45 30.14 -42.28 -6.73
C GLY B 45 29.57 -43.28 -5.74
N TRP B 46 30.38 -43.66 -4.75
CA TRP B 46 29.95 -44.55 -3.69
C TRP B 46 28.99 -43.84 -2.76
N ASP B 47 28.32 -44.63 -1.94
CA ASP B 47 27.40 -44.13 -0.94
C ASP B 47 28.15 -44.03 0.37
N GLU B 48 27.91 -42.97 1.15
CA GLU B 48 28.60 -42.79 2.42
C GLU B 48 28.68 -44.07 3.23
N SER B 49 27.57 -44.80 3.33
CA SER B 49 27.54 -46.03 4.09
C SER B 49 28.65 -46.96 3.60
N THR B 50 28.66 -47.24 2.31
CA THR B 50 29.67 -48.11 1.74
C THR B 50 31.08 -47.57 2.01
N LEU B 51 31.28 -46.28 1.76
CA LEU B 51 32.57 -45.65 1.94
C LEU B 51 33.11 -45.84 3.36
N GLU B 52 32.28 -45.55 4.36
CA GLU B 52 32.71 -45.63 5.75
C GLU B 52 32.91 -47.07 6.21
N LEU B 53 32.12 -47.99 5.68
CA LEU B 53 32.32 -49.40 5.99
C LEU B 53 33.73 -49.77 5.57
N PHE B 54 34.08 -49.40 4.34
CA PHE B 54 35.39 -49.64 3.78
C PHE B 54 36.51 -49.03 4.62
N LEU B 55 36.40 -47.75 4.93
CA LEU B 55 37.44 -47.08 5.70
C LEU B 55 37.69 -47.79 7.03
N HIS B 56 36.63 -48.14 7.74
CA HIS B 56 36.76 -48.81 9.03
CA HIS B 56 36.78 -48.81 9.04
C HIS B 56 37.41 -50.17 8.87
N GLU B 57 37.08 -50.85 7.77
CA GLU B 57 37.67 -52.16 7.46
C GLU B 57 39.17 -52.06 7.27
N LEU B 58 39.61 -50.97 6.63
CA LEU B 58 41.02 -50.72 6.44
C LEU B 58 41.70 -50.44 7.78
N ALA B 59 41.14 -49.49 8.52
CA ALA B 59 41.76 -49.06 9.77
C ALA B 59 41.98 -50.20 10.78
N ILE B 60 41.08 -51.18 10.82
CA ILE B 60 41.30 -52.26 11.79
C ILE B 60 42.40 -53.21 11.36
N MET B 61 42.91 -53.02 10.14
CA MET B 61 44.03 -53.80 9.68
C MET B 61 45.34 -53.25 10.21
N ASP B 62 45.31 -52.02 10.72
CA ASP B 62 46.50 -51.38 11.28
C ASP B 62 46.77 -51.84 12.71
N SER B 63 48.03 -52.19 12.99
CA SER B 63 48.42 -52.74 14.28
C SER B 63 48.00 -51.90 15.48
N ASN B 64 48.00 -50.59 15.34
CA ASN B 64 47.61 -49.74 16.46
C ASN B 64 46.17 -49.98 16.88
N ASN B 65 45.37 -50.50 15.96
CA ASN B 65 43.95 -50.71 16.23
C ASN B 65 43.63 -52.15 16.58
N PHE B 66 44.65 -53.00 16.61
CA PHE B 66 44.46 -54.40 17.00
C PHE B 66 43.95 -54.47 18.43
N LEU B 67 43.10 -55.46 18.69
CA LEU B 67 42.50 -55.63 20.00
C LEU B 67 43.50 -56.20 21.00
N GLY B 68 44.21 -57.23 20.60
CA GLY B 68 45.23 -57.81 21.45
C GLY B 68 46.56 -57.10 21.31
N ASN B 69 46.61 -55.83 21.72
CA ASN B 69 47.78 -55.02 21.44
C ASN B 69 48.58 -54.61 22.65
N CYS B 70 49.89 -54.81 22.55
CA CYS B 70 50.84 -54.19 23.47
C CYS B 70 51.92 -53.54 22.61
N GLY B 71 52.32 -52.33 23.00
CA GLY B 71 53.35 -51.61 22.27
C GLY B 71 54.52 -51.24 23.17
N VAL B 72 55.72 -51.59 22.72
CA VAL B 72 56.91 -51.28 23.49
C VAL B 72 57.87 -50.42 22.67
N GLY B 73 57.37 -49.93 21.53
CA GLY B 73 58.16 -49.09 20.66
C GLY B 73 57.97 -47.61 20.91
N GLU B 74 58.72 -46.79 20.19
CA GLU B 74 58.66 -45.36 20.38
C GLU B 74 57.67 -44.74 19.39
N ARG B 75 57.27 -45.55 18.41
CA ARG B 75 56.28 -45.13 17.42
C ARG B 75 55.22 -46.21 17.24
N GLU B 76 54.22 -46.19 18.12
CA GLU B 76 53.26 -47.28 18.21
C GLU B 76 51.86 -46.94 17.69
N GLY B 77 51.60 -45.65 17.49
CA GLY B 77 50.33 -45.23 16.93
C GLY B 77 49.41 -44.66 18.00
N ARG B 78 49.93 -44.51 19.21
CA ARG B 78 49.14 -43.99 20.31
C ARG B 78 48.53 -42.61 19.99
N VAL B 79 47.28 -42.41 20.40
CA VAL B 79 46.59 -41.15 20.19
C VAL B 79 45.99 -40.70 21.51
N ALA B 80 46.36 -39.52 21.98
CA ALA B 80 45.82 -39.02 23.24
C ALA B 80 44.36 -38.57 23.14
N SER B 81 44.02 -37.86 22.06
CA SER B 81 42.67 -37.31 21.91
C SER B 81 41.76 -38.18 21.05
N ALA B 82 40.62 -38.56 21.60
CA ALA B 82 39.60 -39.29 20.83
C ALA B 82 39.23 -38.47 19.61
N LEU B 83 39.00 -37.18 19.82
CA LEU B 83 38.70 -36.27 18.72
C LEU B 83 39.66 -36.50 17.55
N VAL B 84 40.94 -36.51 17.84
CA VAL B 84 41.94 -36.70 16.79
C VAL B 84 41.80 -38.06 16.13
N ALA B 85 41.76 -39.11 16.95
CA ALA B 85 41.61 -40.47 16.43
C ALA B 85 40.36 -40.61 15.54
N ARG B 86 39.25 -40.04 15.98
CA ARG B 86 38.02 -40.13 15.20
C ARG B 86 38.21 -39.46 13.86
N ARG B 87 38.66 -38.20 13.88
CA ARG B 87 38.68 -37.38 12.67
C ARG B 87 39.56 -37.94 11.58
N HIS B 88 40.48 -38.84 11.95
CA HIS B 88 41.37 -39.47 10.99
C HIS B 88 40.98 -40.94 10.76
N TYR B 89 39.74 -41.28 11.09
CA TYR B 89 39.24 -42.64 10.89
C TYR B 89 40.17 -43.69 11.45
N ARG B 90 40.86 -43.36 12.53
CA ARG B 90 41.76 -44.28 13.21
C ARG B 90 42.97 -44.70 12.36
N PHE B 91 43.31 -43.86 11.39
CA PHE B 91 44.56 -44.01 10.65
C PHE B 91 45.62 -43.12 11.29
N ILE B 92 46.62 -43.72 11.93
CA ILE B 92 47.57 -42.96 12.74
C ILE B 92 49.02 -43.09 12.26
N HIS B 93 49.35 -44.24 11.68
CA HIS B 93 50.75 -44.58 11.36
C HIS B 93 51.34 -43.85 10.15
N GLY B 94 50.55 -43.05 9.46
CA GLY B 94 51.03 -42.40 8.24
C GLY B 94 51.30 -43.40 7.13
N ILE B 95 52.10 -42.99 6.14
CA ILE B 95 52.36 -43.83 4.98
C ILE B 95 53.83 -44.17 4.77
N GLY B 96 54.08 -45.40 4.31
CA GLY B 96 55.43 -45.87 3.98
C GLY B 96 56.23 -46.44 5.13
N ARG B 97 57.50 -46.75 4.85
CA ARG B 97 58.47 -47.10 5.89
C ARG B 97 59.59 -46.05 5.92
N SER B 98 60.63 -46.32 6.69
CA SER B 98 61.79 -45.41 6.74
C SER B 98 62.50 -45.31 5.38
N GLY B 99 62.65 -46.46 4.72
CA GLY B 99 63.32 -46.54 3.44
C GLY B 99 62.51 -45.98 2.29
N ASP B 100 61.38 -46.61 1.99
CA ASP B 100 60.52 -46.16 0.89
C ASP B 100 59.21 -45.55 1.41
N ILE B 101 58.82 -44.42 0.83
CA ILE B 101 57.46 -43.89 0.99
C ILE B 101 56.55 -44.80 0.17
N SER B 102 57.15 -45.85 -0.38
CA SER B 102 56.52 -46.75 -1.33
C SER B 102 56.29 -48.11 -0.69
N ALA B 103 57.07 -48.42 0.35
CA ALA B 103 57.07 -49.75 0.95
C ALA B 103 55.84 -49.98 1.82
N VAL B 104 55.37 -51.23 1.82
CA VAL B 104 54.30 -51.64 2.71
C VAL B 104 54.85 -51.74 4.13
N GLN B 105 54.04 -51.29 5.09
CA GLN B 105 54.44 -51.22 6.49
C GLN B 105 53.79 -52.33 7.30
N PRO B 106 54.60 -53.33 7.73
CA PRO B 106 54.05 -54.44 8.51
C PRO B 106 53.19 -53.93 9.65
N LYS B 107 53.61 -52.83 10.27
CA LYS B 107 52.89 -52.25 11.39
C LYS B 107 51.53 -51.73 10.95
N ALA B 108 51.46 -51.25 9.72
CA ALA B 108 50.24 -50.59 9.22
C ALA B 108 49.80 -51.08 7.83
N ALA B 109 49.25 -52.29 7.78
CA ALA B 109 48.80 -52.88 6.52
C ALA B 109 47.66 -52.07 5.94
N GLY B 110 46.79 -51.60 6.81
CA GLY B 110 45.64 -50.80 6.40
C GLY B 110 46.06 -49.52 5.71
N SER B 111 46.89 -48.72 6.39
CA SER B 111 47.37 -47.48 5.81
C SER B 111 48.12 -47.75 4.51
N SER B 112 48.92 -48.81 4.49
CA SER B 112 49.65 -49.18 3.28
C SER B 112 48.68 -49.40 2.13
N LEU B 113 47.66 -50.22 2.38
CA LEU B 113 46.67 -50.52 1.36
C LEU B 113 45.92 -49.24 0.93
N LEU B 114 45.50 -48.45 1.90
CA LEU B 114 44.86 -47.17 1.60
C LEU B 114 45.68 -46.39 0.59
N ASN B 115 47.00 -46.39 0.80
CA ASN B 115 47.90 -45.60 -0.03
C ASN B 115 48.07 -46.15 -1.44
N LYS B 116 48.21 -47.46 -1.58
CA LYS B 116 48.29 -48.07 -2.91
C LYS B 116 47.06 -47.66 -3.70
N ILE B 117 45.91 -47.68 -3.04
CA ILE B 117 44.64 -47.44 -3.71
C ILE B 117 44.49 -46.00 -4.12
N THR B 118 44.86 -45.09 -3.24
CA THR B 118 44.73 -43.68 -3.53
C THR B 118 45.54 -43.33 -4.76
N ASN B 119 46.77 -43.83 -4.81
CA ASN B 119 47.64 -43.60 -5.96
C ASN B 119 47.03 -44.14 -7.23
N SER B 120 46.34 -45.27 -7.11
CA SER B 120 45.69 -45.90 -8.24
C SER B 120 44.56 -45.05 -8.79
N LEU B 121 43.67 -44.59 -7.91
CA LEU B 121 42.55 -43.76 -8.31
C LEU B 121 43.06 -42.48 -8.95
N VAL B 122 44.11 -41.92 -8.35
CA VAL B 122 44.68 -40.69 -8.83
C VAL B 122 45.29 -40.87 -10.21
N LEU B 123 45.93 -42.02 -10.42
CA LEU B 123 46.49 -42.33 -11.72
C LEU B 123 45.37 -42.43 -12.73
N ASP B 124 44.31 -43.14 -12.32
CA ASP B 124 43.14 -43.30 -13.15
C ASP B 124 42.59 -41.93 -13.56
N ILE B 125 42.48 -41.03 -12.61
CA ILE B 125 41.94 -39.71 -12.89
C ILE B 125 42.83 -38.92 -13.85
N ILE B 126 44.13 -39.10 -13.72
CA ILE B 126 45.06 -38.34 -14.54
C ILE B 126 44.93 -38.73 -16.01
N LYS B 127 44.72 -40.01 -16.28
CA LYS B 127 44.51 -40.47 -17.65
C LYS B 127 43.22 -39.89 -18.21
N LEU B 128 42.12 -40.22 -17.53
CA LEU B 128 40.83 -39.66 -17.85
C LEU B 128 40.89 -38.17 -18.13
N ALA B 129 41.77 -37.46 -17.44
CA ALA B 129 41.80 -36.00 -17.50
C ALA B 129 42.55 -35.44 -18.71
N GLY B 130 43.28 -36.29 -19.43
CA GLY B 130 43.95 -35.86 -20.63
C GLY B 130 45.29 -36.51 -20.96
N VAL B 131 46.02 -36.94 -19.94
CA VAL B 131 47.32 -37.55 -20.15
C VAL B 131 47.22 -39.07 -20.09
N HIS B 132 46.79 -39.66 -21.19
CA HIS B 132 46.47 -41.09 -21.21
C HIS B 132 47.72 -41.95 -21.17
N THR B 133 48.85 -41.35 -21.49
CA THR B 133 50.10 -42.09 -21.61
C THR B 133 50.91 -42.08 -20.31
N VAL B 134 50.31 -41.57 -19.24
CA VAL B 134 50.99 -41.45 -17.96
C VAL B 134 51.48 -42.81 -17.44
N ALA B 135 52.77 -42.88 -17.12
CA ALA B 135 53.37 -44.15 -16.73
C ALA B 135 53.09 -44.48 -15.27
N ASN B 136 53.35 -43.52 -14.39
CA ASN B 136 53.12 -43.73 -12.96
C ASN B 136 52.99 -42.42 -12.23
N CYS B 137 52.55 -42.48 -10.98
CA CYS B 137 52.41 -41.29 -10.16
C CYS B 137 52.17 -41.66 -8.71
N PHE B 138 52.43 -40.72 -7.80
CA PHE B 138 52.16 -40.94 -6.39
C PHE B 138 51.75 -39.65 -5.70
N VAL B 139 50.94 -39.82 -4.67
CA VAL B 139 50.54 -38.70 -3.83
C VAL B 139 51.64 -38.47 -2.83
N VAL B 140 51.98 -37.22 -2.60
CA VAL B 140 53.01 -36.88 -1.63
C VAL B 140 52.48 -35.74 -0.78
N PRO B 141 52.53 -35.90 0.55
CA PRO B 141 51.86 -34.98 1.48
C PRO B 141 52.62 -33.67 1.65
N MET B 142 52.99 -33.07 0.53
CA MET B 142 53.62 -31.76 0.55
C MET B 142 52.89 -30.85 -0.42
N ALA B 143 53.13 -29.56 -0.32
CA ALA B 143 52.57 -28.60 -1.26
C ALA B 143 53.16 -28.86 -2.64
N THR B 144 52.69 -28.13 -3.65
CA THR B 144 53.26 -28.26 -4.98
C THR B 144 54.69 -27.73 -5.00
N GLY B 145 54.90 -26.54 -4.44
CA GLY B 145 56.21 -25.94 -4.41
C GLY B 145 57.24 -26.90 -3.81
N MET B 146 56.89 -27.46 -2.66
CA MET B 146 57.79 -28.39 -1.99
C MET B 146 57.94 -29.69 -2.80
N SER B 147 56.90 -30.06 -3.55
CA SER B 147 56.96 -31.27 -4.36
C SER B 147 57.86 -31.10 -5.57
N LEU B 148 57.85 -29.90 -6.14
CA LEU B 148 58.80 -29.56 -7.19
C LEU B 148 60.20 -29.70 -6.61
N THR B 149 60.43 -29.05 -5.47
CA THR B 149 61.72 -29.11 -4.80
C THR B 149 62.21 -30.54 -4.72
N LEU B 150 61.32 -31.45 -4.35
CA LEU B 150 61.69 -32.86 -4.25
C LEU B 150 62.19 -33.38 -5.60
N CYS B 151 61.56 -32.96 -6.68
CA CYS B 151 61.99 -33.39 -8.01
C CYS B 151 63.42 -32.94 -8.25
N PHE B 152 63.64 -31.64 -8.13
CA PHE B 152 64.98 -31.08 -8.17
C PHE B 152 65.98 -31.87 -7.29
N LEU B 153 65.64 -32.08 -6.02
CA LEU B 153 66.50 -32.83 -5.12
C LEU B 153 66.93 -34.16 -5.70
N THR B 154 65.98 -34.82 -6.38
CA THR B 154 66.25 -36.12 -7.00
C THR B 154 67.17 -35.97 -8.22
N LEU B 155 66.96 -34.90 -8.97
CA LEU B 155 67.76 -34.67 -10.16
C LEU B 155 69.22 -34.37 -9.84
N ARG B 156 69.44 -33.68 -8.71
CA ARG B 156 70.81 -33.34 -8.33
C ARG B 156 71.76 -34.52 -8.47
N HIS B 157 71.33 -35.66 -7.94
CA HIS B 157 72.18 -36.84 -7.89
C HIS B 157 72.43 -37.41 -9.28
N LYS B 158 71.58 -37.04 -10.23
CA LYS B 158 71.75 -37.50 -11.60
C LYS B 158 72.63 -36.55 -12.40
N ARG B 159 72.84 -35.36 -11.86
CA ARG B 159 73.50 -34.30 -12.60
C ARG B 159 74.32 -33.40 -11.67
N PRO B 160 75.40 -33.95 -11.11
CA PRO B 160 76.17 -33.36 -10.01
C PRO B 160 76.87 -32.08 -10.40
N LYS B 161 77.00 -31.82 -11.70
CA LYS B 161 77.66 -30.61 -12.15
C LYS B 161 76.66 -29.47 -12.32
N ALA B 162 75.38 -29.78 -12.16
CA ALA B 162 74.31 -28.82 -12.45
C ALA B 162 74.11 -27.77 -11.37
N LYS B 163 74.07 -26.49 -11.77
CA LYS B 163 73.79 -25.42 -10.83
C LYS B 163 72.51 -24.65 -11.19
N TYR B 164 72.14 -24.67 -12.46
CA TYR B 164 71.10 -23.78 -12.95
C TYR B 164 69.79 -24.48 -13.29
N ILE B 165 68.67 -23.81 -13.01
CA ILE B 165 67.37 -24.23 -13.52
C ILE B 165 66.82 -23.14 -14.42
N ILE B 166 66.44 -23.50 -15.64
CA ILE B 166 65.94 -22.54 -16.62
C ILE B 166 64.42 -22.49 -16.55
N TRP B 167 63.88 -21.30 -16.35
CA TRP B 167 62.50 -21.12 -15.91
C TRP B 167 61.82 -19.94 -16.60
N PRO B 168 60.91 -20.24 -17.55
CA PRO B 168 60.07 -19.21 -18.16
C PRO B 168 59.21 -18.53 -17.09
N ARG B 169 59.46 -17.24 -16.91
CA ARG B 169 58.88 -16.46 -15.82
C ARG B 169 57.39 -16.63 -15.61
N ILE B 170 57.01 -16.83 -14.35
CA ILE B 170 55.62 -16.74 -13.91
C ILE B 170 55.62 -16.27 -12.47
N ASP B 171 54.90 -15.18 -12.20
CA ASP B 171 54.97 -14.53 -10.91
C ASP B 171 54.14 -15.23 -9.84
N GLN B 172 54.77 -16.18 -9.17
CA GLN B 172 54.15 -16.97 -8.13
C GLN B 172 55.28 -17.47 -7.24
N LYS B 173 55.28 -17.06 -5.98
CA LYS B 173 56.44 -17.22 -5.12
C LYS B 173 56.81 -18.67 -4.81
N SER B 174 55.82 -19.55 -4.76
CA SER B 174 56.08 -20.93 -4.35
C SER B 174 56.88 -21.70 -5.37
N CYS B 175 56.45 -21.68 -6.63
CA CYS B 175 57.16 -22.44 -7.64
C CYS B 175 58.54 -21.82 -7.87
N PHE B 176 58.63 -20.50 -7.77
CA PHE B 176 59.92 -19.84 -7.89
C PHE B 176 60.87 -20.26 -6.78
N LYS B 177 60.42 -20.17 -5.53
CA LYS B 177 61.26 -20.53 -4.41
C LYS B 177 61.56 -22.03 -4.35
N SER B 178 60.71 -22.84 -4.98
CA SER B 178 60.94 -24.28 -4.98
C SER B 178 62.35 -24.58 -5.49
N MET B 179 62.82 -23.75 -6.42
CA MET B 179 64.14 -23.95 -7.03
C MET B 179 65.28 -23.57 -6.10
N ILE B 180 65.11 -22.46 -5.39
CA ILE B 180 66.14 -21.99 -4.48
C ILE B 180 66.26 -22.90 -3.26
N THR B 181 65.12 -23.40 -2.77
CA THR B 181 65.10 -24.29 -1.62
C THR B 181 65.83 -25.59 -1.95
N ALA B 182 65.74 -25.99 -3.22
CA ALA B 182 66.37 -27.22 -3.67
C ALA B 182 67.88 -27.04 -3.85
N GLY B 183 68.33 -25.79 -3.80
CA GLY B 183 69.75 -25.50 -3.83
C GLY B 183 70.30 -25.11 -5.19
N PHE B 184 69.42 -24.65 -6.07
CA PHE B 184 69.85 -24.22 -7.40
C PHE B 184 69.56 -22.75 -7.67
N GLU B 185 70.10 -22.24 -8.76
CA GLU B 185 69.94 -20.85 -9.10
C GLU B 185 68.98 -20.74 -10.27
N PRO B 186 67.82 -20.11 -10.02
CA PRO B 186 66.83 -19.92 -11.09
C PRO B 186 67.41 -19.01 -12.15
N VAL B 187 67.25 -19.39 -13.41
CA VAL B 187 67.59 -18.50 -14.52
C VAL B 187 66.27 -18.08 -15.16
N VAL B 188 65.86 -16.85 -14.88
CA VAL B 188 64.56 -16.37 -15.29
C VAL B 188 64.54 -15.98 -16.76
N ILE B 189 63.78 -16.72 -17.56
CA ILE B 189 63.61 -16.38 -18.97
C ILE B 189 62.38 -15.52 -19.15
N GLU B 190 62.57 -14.27 -19.59
CA GLU B 190 61.44 -13.37 -19.77
C GLU B 190 60.53 -13.83 -20.88
N ASN B 191 59.24 -13.51 -20.74
CA ASN B 191 58.24 -13.94 -21.72
C ASN B 191 58.17 -13.02 -22.92
N VAL B 192 57.48 -13.50 -23.95
CA VAL B 192 57.31 -12.75 -25.19
C VAL B 192 55.88 -12.26 -25.31
N LEU B 193 55.71 -11.00 -25.66
CA LEU B 193 54.36 -10.47 -25.84
C LEU B 193 53.84 -10.80 -27.24
N GLU B 194 52.82 -11.64 -27.31
CA GLU B 194 52.24 -12.02 -28.58
C GLU B 194 50.75 -11.71 -28.62
N GLY B 195 50.42 -10.54 -29.13
CA GLY B 195 49.05 -10.05 -29.07
C GLY B 195 48.79 -9.51 -27.69
N ASP B 196 47.86 -10.14 -26.97
CA ASP B 196 47.62 -9.78 -25.59
C ASP B 196 48.37 -10.73 -24.68
N GLU B 197 48.68 -11.91 -25.21
CA GLU B 197 49.25 -12.99 -24.41
C GLU B 197 50.73 -12.85 -24.09
N LEU B 198 51.16 -13.52 -23.04
CA LEU B 198 52.58 -13.65 -22.71
C LEU B 198 52.95 -15.12 -22.89
N ARG B 199 53.90 -15.39 -23.79
CA ARG B 199 54.25 -16.76 -24.11
C ARG B 199 55.74 -17.04 -23.96
N THR B 200 56.09 -18.31 -24.03
CA THR B 200 57.47 -18.76 -23.91
C THR B 200 58.38 -18.12 -24.96
N ASP B 201 59.50 -17.56 -24.52
CA ASP B 201 60.52 -17.09 -25.44
C ASP B 201 61.49 -18.22 -25.75
N LEU B 202 61.13 -19.05 -26.72
CA LEU B 202 61.91 -20.23 -27.05
C LEU B 202 63.34 -19.91 -27.51
N LYS B 203 63.52 -18.80 -28.21
CA LYS B 203 64.86 -18.41 -28.65
C LYS B 203 65.73 -18.03 -27.46
N ALA B 204 65.10 -17.40 -26.47
CA ALA B 204 65.80 -16.98 -25.25
C ALA B 204 66.24 -18.16 -24.40
N VAL B 205 65.39 -19.18 -24.34
CA VAL B 205 65.70 -20.41 -23.62
C VAL B 205 66.94 -21.04 -24.23
N GLU B 206 66.87 -21.31 -25.52
CA GLU B 206 67.99 -21.93 -26.24
C GLU B 206 69.28 -21.13 -26.07
N ALA B 207 69.16 -19.82 -26.18
CA ALA B 207 70.30 -18.96 -25.94
C ALA B 207 70.98 -19.33 -24.63
N LYS B 208 70.19 -19.57 -23.59
CA LYS B 208 70.74 -19.86 -22.25
C LYS B 208 71.28 -21.28 -22.12
N VAL B 209 70.63 -22.23 -22.77
CA VAL B 209 71.17 -23.59 -22.78
C VAL B 209 72.59 -23.51 -23.35
N GLN B 210 72.72 -22.74 -24.42
CA GLN B 210 73.99 -22.59 -25.13
C GLN B 210 75.04 -21.81 -24.32
N GLU B 211 74.62 -20.70 -23.74
CA GLU B 211 75.52 -19.83 -22.97
C GLU B 211 76.05 -20.54 -21.73
N LEU B 212 75.19 -21.31 -21.07
CA LEU B 212 75.53 -21.93 -19.80
C LEU B 212 75.99 -23.36 -19.97
N GLY B 213 75.50 -24.00 -21.04
CA GLY B 213 75.86 -25.37 -21.33
C GLY B 213 74.92 -26.34 -20.66
N PRO B 214 74.41 -27.31 -21.42
CA PRO B 214 73.49 -28.34 -20.93
C PRO B 214 73.97 -29.00 -19.64
N ASP B 215 75.27 -29.26 -19.53
CA ASP B 215 75.79 -29.96 -18.36
C ASP B 215 75.60 -29.18 -17.07
N CYS B 216 75.51 -27.86 -17.18
CA CYS B 216 75.30 -27.02 -16.00
C CYS B 216 73.83 -26.81 -15.65
N ILE B 217 72.93 -27.26 -16.53
CA ILE B 217 71.50 -27.11 -16.32
C ILE B 217 70.93 -28.37 -15.66
N LEU B 218 70.29 -28.20 -14.50
CA LEU B 218 69.67 -29.31 -13.81
C LEU B 218 68.45 -29.75 -14.58
N CYS B 219 67.67 -28.77 -15.04
CA CYS B 219 66.46 -29.02 -15.81
C CYS B 219 65.87 -27.71 -16.32
N ILE B 220 64.92 -27.85 -17.23
CA ILE B 220 64.08 -26.74 -17.61
C ILE B 220 62.78 -26.88 -16.83
N HIS B 221 62.28 -25.77 -16.31
CA HIS B 221 61.14 -25.79 -15.41
C HIS B 221 60.02 -24.99 -16.04
N SER B 222 59.04 -25.69 -16.60
CA SER B 222 57.99 -25.03 -17.34
C SER B 222 56.68 -25.05 -16.55
N THR B 223 55.76 -24.15 -16.91
CA THR B 223 54.53 -23.98 -16.17
C THR B 223 53.38 -24.11 -17.16
N THR B 224 52.28 -24.75 -16.74
CA THR B 224 51.08 -24.85 -17.57
C THR B 224 50.03 -23.88 -16.99
N SER B 225 49.26 -24.35 -16.03
CA SER B 225 48.26 -23.51 -15.37
C SER B 225 48.89 -22.23 -14.82
N CYS B 226 48.26 -21.09 -15.09
CA CYS B 226 48.76 -19.81 -14.63
C CYS B 226 47.74 -18.70 -14.85
N PHE B 227 48.09 -17.49 -14.43
CA PHE B 227 47.20 -16.33 -14.57
C PHE B 227 47.32 -15.69 -15.94
N ALA B 228 46.19 -15.29 -16.51
CA ALA B 228 46.21 -14.43 -17.69
C ALA B 228 46.90 -13.13 -17.31
N PRO B 229 47.51 -12.44 -18.28
CA PRO B 229 47.54 -12.77 -19.71
C PRO B 229 48.57 -13.84 -20.06
N ARG B 230 49.40 -14.27 -19.11
CA ARG B 230 50.32 -15.36 -19.40
C ARG B 230 49.48 -16.58 -19.78
N VAL B 231 50.06 -17.45 -20.61
CA VAL B 231 49.40 -18.69 -21.01
C VAL B 231 50.39 -19.81 -20.85
N PRO B 232 49.91 -21.05 -20.87
CA PRO B 232 50.78 -22.21 -20.66
C PRO B 232 52.02 -22.20 -21.57
N ASP B 233 53.17 -22.55 -21.01
CA ASP B 233 54.40 -22.63 -21.79
C ASP B 233 54.27 -23.59 -22.97
N ARG B 234 55.07 -23.35 -24.00
CA ARG B 234 55.08 -24.20 -25.18
C ARG B 234 55.77 -25.54 -24.91
N LEU B 235 55.06 -26.45 -24.25
CA LEU B 235 55.66 -27.69 -23.80
C LEU B 235 56.29 -28.48 -24.93
N GLU B 236 55.61 -28.53 -26.08
CA GLU B 236 56.12 -29.27 -27.22
C GLU B 236 57.50 -28.78 -27.61
N GLU B 237 57.60 -27.49 -27.91
CA GLU B 237 58.88 -26.91 -28.27
C GLU B 237 59.92 -27.22 -27.21
N LEU B 238 59.63 -26.89 -25.95
CA LEU B 238 60.56 -27.11 -24.86
C LEU B 238 60.90 -28.60 -24.69
N ALA B 239 59.92 -29.46 -24.93
CA ALA B 239 60.14 -30.90 -24.82
C ALA B 239 61.22 -31.36 -25.78
N VAL B 240 61.30 -30.69 -26.93
CA VAL B 240 62.27 -31.04 -27.96
C VAL B 240 63.66 -30.48 -27.62
N ILE B 241 63.72 -29.21 -27.27
CA ILE B 241 64.95 -28.64 -26.78
C ILE B 241 65.57 -29.57 -25.74
N CYS B 242 64.75 -30.06 -24.83
CA CYS B 242 65.24 -30.93 -23.76
C CYS B 242 65.74 -32.26 -24.31
N ALA B 243 64.97 -32.84 -25.23
CA ALA B 243 65.37 -34.08 -25.87
C ALA B 243 66.73 -33.92 -26.54
N ASN B 244 66.89 -32.83 -27.29
CA ASN B 244 68.12 -32.58 -28.03
C ASN B 244 69.35 -32.39 -27.13
N TYR B 245 69.26 -31.49 -26.16
CA TYR B 245 70.41 -31.15 -25.31
C TYR B 245 70.52 -32.10 -24.13
N ASP B 246 69.67 -33.12 -24.11
CA ASP B 246 69.67 -34.10 -23.03
C ASP B 246 69.47 -33.49 -21.64
N ILE B 247 68.55 -32.53 -21.56
CA ILE B 247 68.25 -31.85 -20.30
C ILE B 247 66.88 -32.31 -19.79
N PRO B 248 66.79 -32.64 -18.50
CA PRO B 248 65.50 -33.03 -17.93
C PRO B 248 64.50 -31.89 -18.01
N HIS B 249 63.22 -32.24 -18.01
CA HIS B 249 62.14 -31.29 -18.16
C HIS B 249 61.12 -31.55 -17.06
N ILE B 250 61.01 -30.60 -16.13
CA ILE B 250 60.02 -30.66 -15.05
C ILE B 250 58.92 -29.64 -15.31
N VAL B 251 57.67 -30.11 -15.29
CA VAL B 251 56.54 -29.25 -15.59
C VAL B 251 55.69 -28.98 -14.37
N ASN B 252 55.52 -27.69 -14.08
CA ASN B 252 54.63 -27.23 -13.02
C ASN B 252 53.19 -27.20 -13.53
N ASN B 253 52.45 -28.25 -13.22
CA ASN B 253 51.05 -28.36 -13.63
C ASN B 253 50.12 -28.07 -12.46
N ALA B 254 50.50 -27.10 -11.63
CA ALA B 254 49.85 -26.81 -10.35
C ALA B 254 48.34 -27.08 -10.33
N TYR B 255 47.59 -26.33 -11.12
CA TYR B 255 46.15 -26.56 -11.21
C TYR B 255 45.67 -26.85 -12.63
N GLY B 256 46.42 -27.68 -13.34
CA GLY B 256 46.12 -27.95 -14.74
C GLY B 256 45.36 -29.23 -15.01
N VAL B 257 45.14 -30.04 -13.97
CA VAL B 257 44.47 -31.32 -14.16
C VAL B 257 43.02 -31.10 -14.57
N GLN B 258 42.47 -29.97 -14.14
CA GLN B 258 41.09 -29.61 -14.47
C GLN B 258 40.95 -29.09 -15.90
N SER B 259 42.06 -29.00 -16.63
CA SER B 259 42.03 -28.48 -17.99
C SER B 259 42.49 -29.52 -19.00
N SER B 260 41.59 -29.97 -19.85
CA SER B 260 41.96 -30.91 -20.91
C SER B 260 42.96 -30.27 -21.87
N LYS B 261 42.88 -28.95 -22.03
CA LYS B 261 43.86 -28.23 -22.84
C LYS B 261 45.26 -28.40 -22.25
N CYS B 262 45.40 -28.12 -20.97
CA CYS B 262 46.68 -28.28 -20.30
C CYS B 262 47.15 -29.71 -20.35
N MET B 263 46.28 -30.63 -19.96
CA MET B 263 46.65 -32.04 -19.94
C MET B 263 47.03 -32.55 -21.32
N HIS B 264 46.24 -32.25 -22.33
CA HIS B 264 46.56 -32.71 -23.68
CA HIS B 264 46.53 -32.66 -23.72
C HIS B 264 47.91 -32.16 -24.12
N LEU B 265 48.21 -30.93 -23.71
CA LEU B 265 49.47 -30.29 -24.02
C LEU B 265 50.65 -31.03 -23.39
N ILE B 266 50.47 -31.47 -22.15
CA ILE B 266 51.49 -32.28 -21.48
C ILE B 266 51.66 -33.60 -22.23
N GLN B 267 50.55 -34.19 -22.66
CA GLN B 267 50.64 -35.46 -23.37
C GLN B 267 51.40 -35.29 -24.67
N GLN B 268 51.18 -34.15 -25.33
CA GLN B 268 51.86 -33.90 -26.60
C GLN B 268 53.36 -33.78 -26.43
N GLY B 269 53.77 -33.03 -25.40
CA GLY B 269 55.18 -32.89 -25.11
C GLY B 269 55.85 -34.24 -24.94
N ALA B 270 55.19 -35.14 -24.22
CA ALA B 270 55.73 -36.46 -23.96
C ALA B 270 55.82 -37.29 -25.24
N ARG B 271 54.97 -36.97 -26.20
CA ARG B 271 54.89 -37.74 -27.43
C ARG B 271 56.04 -37.40 -28.37
N VAL B 272 56.49 -36.15 -28.35
CA VAL B 272 57.42 -35.66 -29.35
C VAL B 272 58.78 -35.31 -28.77
N GLY B 273 58.81 -35.04 -27.46
CA GLY B 273 60.04 -34.69 -26.78
C GLY B 273 60.15 -35.43 -25.48
N ARG B 274 60.83 -34.84 -24.50
CA ARG B 274 60.90 -35.48 -23.18
C ARG B 274 60.23 -34.64 -22.11
N ILE B 275 59.54 -35.32 -21.20
CA ILE B 275 58.98 -34.70 -20.01
C ILE B 275 59.24 -35.67 -18.87
N ASP B 276 60.09 -35.28 -17.95
CA ASP B 276 60.58 -36.20 -16.92
C ASP B 276 59.59 -36.38 -15.78
N ALA B 277 58.85 -35.31 -15.49
CA ALA B 277 57.79 -35.37 -14.50
C ALA B 277 56.91 -34.12 -14.59
N PHE B 278 55.62 -34.28 -14.31
CA PHE B 278 54.74 -33.14 -14.12
C PHE B 278 54.11 -33.20 -12.72
N VAL B 279 54.10 -32.06 -12.04
CA VAL B 279 53.59 -31.97 -10.68
C VAL B 279 52.28 -31.21 -10.67
N GLN B 280 51.33 -31.66 -9.85
CA GLN B 280 50.08 -30.92 -9.68
C GLN B 280 49.57 -30.95 -8.25
N SER B 281 48.91 -29.86 -7.86
CA SER B 281 48.36 -29.71 -6.51
C SER B 281 47.09 -30.54 -6.28
N LEU B 282 46.90 -31.02 -5.06
CA LEU B 282 45.70 -31.77 -4.72
C LEU B 282 44.50 -30.87 -4.50
N ASP B 283 44.66 -29.82 -3.70
CA ASP B 283 43.54 -28.97 -3.33
C ASP B 283 42.96 -28.20 -4.51
N LYS B 284 43.79 -27.87 -5.49
CA LYS B 284 43.34 -27.08 -6.63
C LYS B 284 42.60 -27.91 -7.68
N ASN B 285 42.80 -29.22 -7.62
CA ASN B 285 42.29 -30.10 -8.67
C ASN B 285 41.26 -31.08 -8.14
N PHE B 286 41.14 -31.18 -6.82
CA PHE B 286 40.22 -32.14 -6.22
C PHE B 286 39.38 -31.58 -5.09
N MET B 287 39.43 -30.27 -4.89
CA MET B 287 38.63 -29.61 -3.85
C MET B 287 38.78 -30.27 -2.47
N VAL B 288 40.03 -30.50 -2.06
CA VAL B 288 40.35 -30.99 -0.73
C VAL B 288 41.20 -29.94 -0.06
N PRO B 289 41.50 -30.10 1.24
CA PRO B 289 42.28 -29.08 1.93
C PRO B 289 43.71 -29.00 1.39
N VAL B 290 44.33 -27.82 1.49
CA VAL B 290 45.72 -27.62 1.10
C VAL B 290 46.68 -28.61 1.77
N GLY B 291 47.78 -28.91 1.09
CA GLY B 291 48.84 -29.71 1.70
C GLY B 291 49.27 -30.96 0.96
N GLY B 292 48.64 -31.27 -0.18
CA GLY B 292 48.98 -32.46 -0.91
C GLY B 292 49.26 -32.22 -2.38
N ALA B 293 50.06 -33.09 -3.00
CA ALA B 293 50.37 -32.98 -4.42
C ALA B 293 50.55 -34.34 -5.09
N ILE B 294 50.60 -34.33 -6.42
CA ILE B 294 50.87 -35.55 -7.16
C ILE B 294 52.09 -35.36 -8.06
N ILE B 295 53.08 -36.23 -7.92
CA ILE B 295 54.20 -36.26 -8.86
C ILE B 295 53.98 -37.37 -9.88
N ALA B 296 54.00 -37.02 -11.16
CA ALA B 296 53.67 -37.96 -12.21
C ALA B 296 54.69 -37.94 -13.34
N GLY B 297 54.91 -39.10 -13.95
CA GLY B 297 55.87 -39.17 -15.04
C GLY B 297 55.54 -40.18 -16.12
N PHE B 298 56.48 -40.35 -17.04
CA PHE B 298 56.33 -41.26 -18.17
C PHE B 298 57.38 -42.37 -18.12
N ASN B 299 58.33 -42.22 -17.22
CA ASN B 299 59.31 -43.27 -16.95
C ASN B 299 59.08 -43.80 -15.53
N ASP B 300 58.46 -44.98 -15.44
CA ASP B 300 58.17 -45.60 -14.15
C ASP B 300 59.40 -45.54 -13.25
N SER B 301 60.54 -45.94 -13.81
CA SER B 301 61.83 -45.91 -13.13
C SER B 301 62.07 -44.59 -12.39
N PHE B 302 62.16 -43.51 -13.14
CA PHE B 302 62.50 -42.21 -12.56
C PHE B 302 61.49 -41.76 -11.50
N ILE B 303 60.22 -42.06 -11.73
CA ILE B 303 59.18 -41.67 -10.77
C ILE B 303 59.44 -42.37 -9.44
N GLN B 304 59.83 -43.63 -9.51
CA GLN B 304 60.16 -44.38 -8.31
C GLN B 304 61.37 -43.79 -7.59
N GLU B 305 62.34 -43.31 -8.36
CA GLU B 305 63.51 -42.65 -7.78
C GLU B 305 63.14 -41.46 -6.92
N ILE B 306 62.25 -40.60 -7.42
CA ILE B 306 61.80 -39.46 -6.64
C ILE B 306 61.05 -39.91 -5.41
N SER B 307 60.30 -40.99 -5.54
CA SER B 307 59.53 -41.52 -4.44
C SER B 307 60.48 -41.99 -3.32
N LYS B 308 61.59 -42.60 -3.71
CA LYS B 308 62.50 -43.17 -2.73
C LYS B 308 63.42 -42.09 -2.15
N MET B 309 63.41 -40.92 -2.77
CA MET B 309 64.21 -39.82 -2.27
C MET B 309 63.56 -39.21 -1.02
N TYR B 310 62.29 -39.52 -0.80
CA TYR B 310 61.59 -38.98 0.36
C TYR B 310 62.05 -39.72 1.61
N PRO B 311 62.52 -38.96 2.61
CA PRO B 311 63.12 -39.53 3.82
C PRO B 311 62.07 -39.81 4.89
N GLY B 312 61.78 -41.07 5.16
CA GLY B 312 60.90 -41.40 6.26
C GLY B 312 59.43 -41.51 5.92
N ARG B 313 58.59 -41.47 6.95
CA ARG B 313 57.15 -41.60 6.79
C ARG B 313 56.50 -40.25 6.51
N ALA B 314 55.26 -40.30 6.03
CA ALA B 314 54.55 -39.06 5.72
C ALA B 314 53.10 -39.12 6.21
N SER B 315 52.48 -37.95 6.29
CA SER B 315 51.07 -37.88 6.68
C SER B 315 50.19 -38.65 5.69
N ALA B 316 49.13 -39.26 6.20
CA ALA B 316 48.18 -39.95 5.34
C ALA B 316 46.95 -39.07 5.10
N SER B 317 46.93 -37.89 5.71
CA SER B 317 45.74 -37.05 5.70
C SER B 317 45.35 -36.65 4.28
N PRO B 318 46.29 -36.09 3.51
CA PRO B 318 45.99 -35.68 2.14
C PRO B 318 45.53 -36.85 1.26
N SER B 319 46.11 -38.03 1.44
CA SER B 319 45.70 -39.21 0.69
C SER B 319 44.28 -39.62 1.06
N LEU B 320 44.01 -39.68 2.35
CA LEU B 320 42.68 -40.02 2.82
C LEU B 320 41.68 -39.07 2.18
N ASP B 321 42.00 -37.78 2.15
CA ASP B 321 41.05 -36.78 1.69
C ASP B 321 40.66 -36.97 0.24
N VAL B 322 41.64 -37.35 -0.60
CA VAL B 322 41.35 -37.52 -2.01
C VAL B 322 40.69 -38.86 -2.25
N LEU B 323 41.04 -39.86 -1.44
CA LEU B 323 40.39 -41.16 -1.53
C LEU B 323 38.89 -41.03 -1.28
N ILE B 324 38.53 -40.51 -0.12
CA ILE B 324 37.15 -40.19 0.21
C ILE B 324 36.49 -39.43 -0.96
N THR B 325 37.12 -38.33 -1.39
CA THR B 325 36.57 -37.51 -2.47
C THR B 325 36.33 -38.28 -3.76
N LEU B 326 37.39 -38.83 -4.35
CA LEU B 326 37.27 -39.60 -5.58
C LEU B 326 36.27 -40.74 -5.46
N LEU B 327 36.30 -41.44 -4.34
CA LEU B 327 35.35 -42.53 -4.13
C LEU B 327 33.93 -42.00 -4.06
N SER B 328 33.76 -40.80 -3.54
CA SER B 328 32.43 -40.21 -3.41
C SER B 328 31.91 -39.67 -4.72
N LEU B 329 32.80 -39.07 -5.52
CA LEU B 329 32.40 -38.48 -6.79
C LEU B 329 32.23 -39.52 -7.89
N GLY B 330 33.19 -40.44 -7.97
CA GLY B 330 33.24 -41.38 -9.06
C GLY B 330 33.74 -40.71 -10.33
N SER B 331 34.19 -41.50 -11.30
CA SER B 331 34.61 -40.98 -12.59
C SER B 331 33.62 -39.94 -13.11
N ASN B 332 32.35 -40.34 -13.16
CA ASN B 332 31.29 -39.47 -13.68
C ASN B 332 31.24 -38.18 -12.89
N GLY B 333 31.23 -38.30 -11.58
CA GLY B 333 31.22 -37.15 -10.71
C GLY B 333 32.31 -36.17 -11.12
N TYR B 334 33.54 -36.64 -11.16
CA TYR B 334 34.67 -35.78 -11.53
C TYR B 334 34.51 -35.20 -12.95
N LYS B 335 34.16 -36.06 -13.91
CA LYS B 335 33.93 -35.60 -15.27
C LYS B 335 32.95 -34.44 -15.31
N LYS B 336 31.80 -34.63 -14.67
CA LYS B 336 30.78 -33.60 -14.62
C LYS B 336 31.37 -32.28 -14.15
N LEU B 337 32.11 -32.32 -13.06
CA LEU B 337 32.78 -31.13 -12.57
C LEU B 337 33.64 -30.50 -13.65
N LEU B 338 34.34 -31.34 -14.40
CA LEU B 338 35.23 -30.85 -15.45
C LEU B 338 34.44 -30.15 -16.54
N LYS B 339 33.28 -30.69 -16.87
CA LYS B 339 32.43 -30.11 -17.90
C LYS B 339 31.86 -28.75 -17.46
N GLU B 340 31.42 -28.70 -16.20
CA GLU B 340 30.82 -27.49 -15.65
C GLU B 340 31.83 -26.35 -15.52
N ARG B 341 33.11 -26.68 -15.35
CA ARG B 341 34.14 -25.64 -15.32
C ARG B 341 34.21 -24.96 -16.68
N LYS B 342 34.27 -25.75 -17.75
CA LYS B 342 34.27 -25.22 -19.10
C LYS B 342 33.08 -24.29 -19.29
N GLU B 343 31.88 -24.81 -19.03
CA GLU B 343 30.65 -24.05 -19.18
C GLU B 343 30.71 -22.72 -18.42
N MET B 344 31.29 -22.76 -17.22
CA MET B 344 31.43 -21.55 -16.42
C MET B 344 32.48 -20.60 -16.98
N PHE B 345 33.50 -21.16 -17.62
CA PHE B 345 34.55 -20.32 -18.21
C PHE B 345 33.97 -19.52 -19.36
N SER B 346 33.07 -20.14 -20.13
CA SER B 346 32.37 -19.44 -21.19
C SER B 346 31.54 -18.33 -20.57
N TYR B 347 30.70 -18.73 -19.62
CA TYR B 347 29.84 -17.78 -18.94
C TYR B 347 30.63 -16.61 -18.36
N LEU B 348 31.52 -16.90 -17.43
CA LEU B 348 32.29 -15.84 -16.78
C LEU B 348 32.82 -14.87 -17.81
N SER B 349 33.24 -15.40 -18.95
CA SER B 349 33.87 -14.61 -19.99
C SER B 349 32.89 -13.60 -20.57
N ASN B 350 31.83 -14.10 -21.20
CA ASN B 350 30.79 -13.24 -21.75
C ASN B 350 30.42 -12.14 -20.77
N GLN B 351 30.23 -12.53 -19.52
CA GLN B 351 29.91 -11.57 -18.47
C GLN B 351 30.95 -10.47 -18.32
N ILE B 352 32.22 -10.81 -18.49
CA ILE B 352 33.28 -9.80 -18.42
C ILE B 352 33.16 -8.90 -19.65
N LYS B 353 32.93 -9.51 -20.81
CA LYS B 353 32.72 -8.73 -22.02
C LYS B 353 31.69 -7.65 -21.76
N LYS B 354 30.48 -8.08 -21.40
CA LYS B 354 29.38 -7.16 -21.12
C LYS B 354 29.78 -6.05 -20.15
N LEU B 355 30.32 -6.41 -19.00
CA LEU B 355 30.78 -5.43 -18.02
C LEU B 355 31.85 -4.50 -18.60
N SER B 356 32.74 -5.07 -19.42
CA SER B 356 33.80 -4.28 -20.04
C SER B 356 33.23 -3.11 -20.83
N GLU B 357 32.40 -3.43 -21.83
CA GLU B 357 31.71 -2.41 -22.60
C GLU B 357 31.24 -1.28 -21.71
N ALA B 358 30.36 -1.62 -20.78
CA ALA B 358 29.77 -0.65 -19.88
C ALA B 358 30.78 0.29 -19.23
N TYR B 359 32.03 -0.13 -19.13
CA TYR B 359 33.02 0.67 -18.39
C TYR B 359 34.21 1.16 -19.22
N ASN B 360 34.16 0.92 -20.52
CA ASN B 360 35.23 1.33 -21.42
C ASN B 360 36.50 0.51 -21.22
N GLU B 361 36.33 -0.75 -20.85
CA GLU B 361 37.45 -1.68 -20.71
C GLU B 361 37.20 -2.85 -21.65
N ARG B 362 38.14 -3.80 -21.68
CA ARG B 362 38.01 -4.95 -22.56
C ARG B 362 38.56 -6.23 -21.95
N LEU B 363 38.03 -7.36 -22.41
CA LEU B 363 38.55 -8.67 -22.06
C LEU B 363 39.78 -8.97 -22.91
N LEU B 364 40.96 -8.88 -22.31
CA LEU B 364 42.21 -9.18 -23.00
C LEU B 364 42.11 -10.51 -23.73
N HIS B 365 42.48 -10.52 -25.01
CA HIS B 365 42.37 -11.71 -25.83
C HIS B 365 43.49 -12.69 -25.50
N THR B 366 43.14 -13.79 -24.83
CA THR B 366 44.11 -14.80 -24.39
C THR B 366 43.53 -16.18 -24.59
N PRO B 367 43.28 -16.54 -25.85
CA PRO B 367 42.60 -17.80 -26.23
C PRO B 367 43.32 -19.02 -25.67
N HIS B 368 44.61 -18.87 -25.41
CA HIS B 368 45.47 -19.99 -25.05
C HIS B 368 45.44 -20.30 -23.54
N ASN B 369 44.71 -19.49 -22.79
CA ASN B 369 44.48 -19.76 -21.38
C ASN B 369 43.06 -20.28 -21.19
N PRO B 370 42.91 -21.53 -20.72
CA PRO B 370 41.61 -22.18 -20.59
C PRO B 370 40.93 -21.91 -19.25
N ILE B 371 41.62 -21.22 -18.35
CA ILE B 371 41.19 -21.09 -16.96
C ILE B 371 41.09 -19.66 -16.46
N SER B 372 42.12 -18.86 -16.74
CA SER B 372 42.20 -17.51 -16.22
C SER B 372 41.84 -16.48 -17.28
N LEU B 373 41.15 -15.42 -16.84
CA LEU B 373 40.79 -14.32 -17.73
C LEU B 373 41.35 -13.02 -17.15
N ALA B 374 41.53 -12.03 -18.01
CA ALA B 374 41.98 -10.72 -17.56
C ALA B 374 41.16 -9.61 -18.18
N MET B 375 40.79 -8.63 -17.36
CA MET B 375 40.07 -7.47 -17.84
C MET B 375 40.93 -6.23 -17.64
N THR B 376 40.88 -5.31 -18.60
CA THR B 376 41.69 -4.11 -18.52
C THR B 376 41.20 -3.17 -17.41
N LEU B 377 42.10 -2.34 -16.91
CA LEU B 377 41.76 -1.29 -15.96
C LEU B 377 42.51 -0.02 -16.34
N LYS B 378 42.48 0.29 -17.63
CA LYS B 378 43.19 1.46 -18.16
C LYS B 378 42.53 2.74 -17.68
N THR B 379 41.21 2.69 -17.59
CA THR B 379 40.43 3.88 -17.28
C THR B 379 40.57 4.33 -15.83
N LEU B 380 41.38 3.61 -15.06
CA LEU B 380 41.62 3.97 -13.66
C LEU B 380 42.98 4.64 -13.45
N ASP B 381 42.96 5.81 -12.82
CA ASP B 381 44.19 6.54 -12.55
C ASP B 381 44.75 6.10 -11.21
N GLU B 382 45.87 5.39 -11.24
CA GLU B 382 46.55 4.94 -10.02
C GLU B 382 47.61 5.96 -9.61
N HIS B 383 48.11 6.72 -10.58
CA HIS B 383 49.09 7.77 -10.32
C HIS B 383 48.39 9.07 -9.95
N ARG B 384 47.06 9.08 -10.06
CA ARG B 384 46.27 10.24 -9.68
C ARG B 384 45.38 9.92 -8.49
N ASP B 385 44.39 9.06 -8.69
CA ASP B 385 43.46 8.68 -7.63
C ASP B 385 43.87 7.36 -6.95
N LYS B 386 44.97 6.76 -7.43
CA LYS B 386 45.42 5.46 -6.92
C LYS B 386 44.28 4.44 -6.98
N ALA B 387 43.46 4.55 -8.01
CA ALA B 387 42.23 3.76 -8.13
C ALA B 387 42.45 2.26 -8.28
N VAL B 388 43.64 1.88 -8.72
CA VAL B 388 43.93 0.47 -8.99
C VAL B 388 44.24 -0.31 -7.72
N THR B 389 45.12 0.23 -6.89
CA THR B 389 45.46 -0.40 -5.63
C THR B 389 44.27 -0.36 -4.67
N GLN B 390 43.50 0.71 -4.73
CA GLN B 390 42.36 0.88 -3.83
C GLN B 390 41.15 0.04 -4.26
N LEU B 391 41.17 -0.47 -5.48
CA LEU B 391 40.09 -1.36 -5.92
C LEU B 391 40.39 -2.78 -5.48
N GLY B 392 41.65 -3.01 -5.11
CA GLY B 392 42.05 -4.32 -4.63
C GLY B 392 41.33 -4.67 -3.35
N SER B 393 41.55 -3.85 -2.32
CA SER B 393 40.95 -4.09 -1.02
C SER B 393 39.43 -3.90 -1.09
N MET B 394 38.98 -3.14 -2.08
CA MET B 394 37.55 -2.93 -2.26
C MET B 394 36.84 -4.24 -2.59
N LEU B 395 37.40 -4.97 -3.54
CA LEU B 395 36.86 -6.28 -3.89
C LEU B 395 36.95 -7.22 -2.69
N PHE B 396 37.92 -6.96 -1.83
CA PHE B 396 38.16 -7.80 -0.67
C PHE B 396 37.11 -7.60 0.43
N THR B 397 36.97 -6.38 0.92
CA THR B 397 36.00 -6.09 1.97
C THR B 397 34.59 -6.46 1.50
N ARG B 398 34.37 -6.41 0.20
CA ARG B 398 33.07 -6.69 -0.36
C ARG B 398 32.89 -8.19 -0.61
N GLN B 399 33.87 -8.95 -0.15
CA GLN B 399 33.85 -10.42 -0.11
C GLN B 399 33.91 -11.13 -1.46
N VAL B 400 34.93 -10.78 -2.24
CA VAL B 400 35.22 -11.43 -3.51
C VAL B 400 36.63 -12.00 -3.45
N SER B 401 36.74 -13.32 -3.35
CA SER B 401 38.06 -13.96 -3.30
C SER B 401 38.45 -14.59 -4.63
N GLY B 402 39.74 -14.53 -4.94
CA GLY B 402 40.25 -15.04 -6.20
C GLY B 402 40.42 -13.94 -7.23
N ALA B 403 39.87 -12.78 -6.94
CA ALA B 403 39.97 -11.63 -7.85
C ALA B 403 41.31 -10.92 -7.64
N ARG B 404 42.25 -11.18 -8.52
CA ARG B 404 43.58 -10.59 -8.41
C ARG B 404 43.64 -9.29 -9.20
N VAL B 405 44.14 -8.24 -8.57
CA VAL B 405 44.32 -6.95 -9.23
C VAL B 405 45.81 -6.69 -9.49
N VAL B 406 46.15 -6.31 -10.73
CA VAL B 406 47.54 -6.18 -11.14
C VAL B 406 47.91 -4.78 -11.65
N PRO B 407 48.61 -3.99 -10.82
CA PRO B 407 49.05 -2.64 -11.16
C PRO B 407 50.23 -2.66 -12.12
N LEU B 408 50.61 -1.48 -12.61
CA LEU B 408 51.85 -1.34 -13.36
C LEU B 408 52.98 -1.04 -12.38
N GLY B 409 54.17 -1.57 -12.68
CA GLY B 409 55.37 -1.18 -11.97
C GLY B 409 55.56 -1.70 -10.56
N SER B 410 54.88 -2.80 -10.22
CA SER B 410 55.12 -3.44 -8.94
C SER B 410 56.56 -3.96 -8.87
N MET B 411 57.29 -3.54 -7.85
CA MET B 411 58.58 -4.14 -7.60
C MET B 411 58.49 -5.06 -6.38
N GLN B 412 59.13 -6.23 -6.49
CA GLN B 412 59.08 -7.21 -5.42
C GLN B 412 60.39 -7.99 -5.37
N THR B 413 60.92 -8.19 -4.16
CA THR B 413 62.09 -9.04 -4.00
C THR B 413 61.69 -10.36 -3.37
N VAL B 414 62.09 -11.45 -4.01
CA VAL B 414 61.76 -12.77 -3.52
C VAL B 414 63.04 -13.57 -3.41
N SER B 415 63.48 -13.80 -2.19
CA SER B 415 64.73 -14.53 -1.96
C SER B 415 65.89 -13.88 -2.68
N GLY B 416 65.99 -12.55 -2.61
CA GLY B 416 67.13 -11.84 -3.16
C GLY B 416 66.99 -11.44 -4.62
N TYR B 417 66.06 -12.06 -5.33
CA TYR B 417 65.83 -11.70 -6.73
CA TYR B 417 65.81 -11.72 -6.73
C TYR B 417 64.70 -10.68 -6.83
N THR B 418 64.99 -9.56 -7.49
CA THR B 418 64.04 -8.46 -7.60
C THR B 418 63.29 -8.51 -8.93
N PHE B 419 61.96 -8.56 -8.85
CA PHE B 419 61.12 -8.56 -10.03
C PHE B 419 60.66 -7.14 -10.36
N ARG B 420 60.73 -6.78 -11.63
CA ARG B 420 60.14 -5.54 -12.11
C ARG B 420 58.79 -5.86 -12.74
N GLY B 421 57.80 -5.01 -12.45
CA GLY B 421 56.43 -5.24 -12.93
C GLY B 421 55.90 -6.55 -12.39
N PHE B 422 56.08 -6.78 -11.10
CA PHE B 422 55.69 -8.03 -10.46
C PHE B 422 54.18 -8.26 -10.55
N MET B 423 53.79 -9.53 -10.57
CA MET B 423 52.39 -9.94 -10.71
C MET B 423 51.91 -9.95 -12.17
N SER B 424 52.67 -9.32 -13.06
CA SER B 424 52.27 -9.23 -14.46
C SER B 424 53.03 -10.22 -15.35
N HIS B 425 54.10 -10.81 -14.82
CA HIS B 425 54.90 -11.81 -15.52
C HIS B 425 55.85 -11.21 -16.56
N THR B 426 56.03 -9.89 -16.51
CA THR B 426 56.94 -9.18 -17.39
C THR B 426 57.24 -7.81 -16.78
N ASN B 427 58.30 -7.16 -17.25
CA ASN B 427 58.68 -5.88 -16.67
C ASN B 427 57.74 -4.72 -17.01
N ASN B 428 57.21 -4.74 -18.24
CA ASN B 428 56.30 -3.68 -18.66
C ASN B 428 55.12 -4.17 -19.50
N TYR B 429 54.06 -4.62 -18.83
CA TYR B 429 52.85 -4.96 -19.56
C TYR B 429 52.11 -3.69 -19.91
N PRO B 430 51.53 -3.65 -21.12
CA PRO B 430 50.77 -2.49 -21.63
C PRO B 430 49.92 -1.78 -20.57
N CYS B 431 49.08 -2.51 -19.85
CA CYS B 431 48.11 -1.88 -18.96
C CYS B 431 47.94 -2.61 -17.63
N ALA B 432 47.29 -1.95 -16.68
CA ALA B 432 46.84 -2.61 -15.44
C ALA B 432 45.64 -3.47 -15.76
N TYR B 433 45.53 -4.62 -15.10
CA TYR B 433 44.44 -5.55 -15.40
C TYR B 433 43.90 -6.27 -14.16
N LEU B 434 42.78 -6.97 -14.34
CA LEU B 434 42.12 -7.67 -13.25
C LEU B 434 41.83 -9.13 -13.61
N ASN B 435 42.31 -10.04 -12.77
CA ASN B 435 42.17 -11.47 -13.02
C ASN B 435 40.90 -12.06 -12.45
N ALA B 436 40.32 -12.99 -13.19
CA ALA B 436 39.21 -13.80 -12.70
C ALA B 436 39.29 -15.15 -13.41
N ALA B 437 39.05 -16.23 -12.68
CA ALA B 437 39.24 -17.55 -13.25
C ALA B 437 38.07 -18.50 -12.97
N SER B 438 37.86 -19.43 -13.88
CA SER B 438 36.85 -20.47 -13.69
C SER B 438 37.54 -21.75 -13.26
N ALA B 439 37.71 -21.90 -11.94
CA ALA B 439 38.32 -23.09 -11.38
C ALA B 439 37.25 -24.11 -11.02
N ILE B 440 37.63 -25.39 -11.00
CA ILE B 440 36.68 -26.46 -10.70
C ILE B 440 35.87 -26.18 -9.42
N GLY B 441 34.59 -26.50 -9.46
CA GLY B 441 33.72 -26.30 -8.31
C GLY B 441 32.98 -24.97 -8.30
N MET B 442 33.32 -24.10 -9.24
CA MET B 442 32.71 -22.79 -9.32
C MET B 442 31.26 -22.91 -9.78
N LYS B 443 30.37 -22.16 -9.13
CA LYS B 443 28.95 -22.22 -9.45
C LYS B 443 28.48 -20.92 -10.09
N MET B 444 27.37 -20.95 -10.81
CA MET B 444 26.89 -19.74 -11.48
C MET B 444 26.80 -18.57 -10.51
N GLN B 445 26.25 -18.82 -9.33
CA GLN B 445 26.14 -17.80 -8.30
C GLN B 445 27.47 -17.07 -8.08
N ASP B 446 28.58 -17.78 -8.32
CA ASP B 446 29.92 -17.21 -8.11
C ASP B 446 30.21 -16.08 -9.07
N VAL B 447 29.89 -16.31 -10.35
CA VAL B 447 30.11 -15.33 -11.39
C VAL B 447 29.19 -14.15 -11.16
N ASP B 448 27.90 -14.43 -11.02
CA ASP B 448 26.88 -13.41 -10.82
C ASP B 448 27.23 -12.52 -9.64
N LEU B 449 27.58 -13.13 -8.52
CA LEU B 449 28.06 -12.37 -7.37
C LEU B 449 29.28 -11.52 -7.71
N PHE B 450 30.20 -12.08 -8.50
CA PHE B 450 31.41 -11.36 -8.88
C PHE B 450 31.08 -10.17 -9.76
N ILE B 451 30.35 -10.43 -10.84
CA ILE B 451 29.95 -9.37 -11.77
C ILE B 451 29.19 -8.25 -11.05
N LYS B 452 28.22 -8.62 -10.22
CA LYS B 452 27.49 -7.62 -9.45
C LYS B 452 28.42 -6.78 -8.58
N ARG B 453 29.19 -7.45 -7.72
CA ARG B 453 30.04 -6.74 -6.76
C ARG B 453 31.12 -5.90 -7.44
N LEU B 454 31.49 -6.27 -8.66
CA LEU B 454 32.50 -5.53 -9.39
C LEU B 454 31.89 -4.27 -9.99
N ASP B 455 30.70 -4.42 -10.55
CA ASP B 455 29.94 -3.30 -11.08
C ASP B 455 29.74 -2.25 -9.99
N ARG B 456 29.35 -2.70 -8.81
CA ARG B 456 29.20 -1.80 -7.67
C ARG B 456 30.55 -1.19 -7.30
N CYS B 457 31.59 -2.02 -7.33
CA CYS B 457 32.94 -1.57 -7.00
C CYS B 457 33.45 -0.47 -7.92
N LEU B 458 33.10 -0.58 -9.20
CA LEU B 458 33.53 0.40 -10.18
C LEU B 458 32.72 1.70 -10.10
N LYS B 459 31.40 1.56 -10.05
CA LYS B 459 30.52 2.71 -9.80
C LYS B 459 31.09 3.52 -8.64
N ALA B 460 31.37 2.83 -7.55
CA ALA B 460 31.87 3.48 -6.33
C ALA B 460 33.08 4.38 -6.58
N VAL B 461 34.02 3.92 -7.41
CA VAL B 461 35.25 4.67 -7.65
C VAL B 461 34.97 5.99 -8.36
N ARG B 462 33.96 5.98 -9.24
CA ARG B 462 33.56 7.19 -9.94
C ARG B 462 33.34 8.36 -8.99
N LYS B 463 32.90 8.05 -7.77
CA LYS B 463 32.58 9.07 -6.78
C LYS B 463 33.66 9.21 -5.72
N GLN C 20 -23.97 16.90 -27.29
CA GLN C 20 -24.01 17.32 -25.90
C GLN C 20 -25.43 17.72 -25.49
N GLY C 21 -26.39 17.51 -26.38
CA GLY C 21 -27.77 17.80 -26.09
C GLY C 21 -28.17 17.33 -24.70
N CYS C 22 -28.12 16.02 -24.50
CA CYS C 22 -28.40 15.44 -23.18
C CYS C 22 -27.11 14.87 -22.57
N GLU C 23 -26.23 15.78 -22.15
CA GLU C 23 -24.95 15.40 -21.57
C GLU C 23 -24.61 16.37 -20.46
N ALA C 24 -25.44 17.40 -20.32
CA ALA C 24 -25.30 18.36 -19.24
C ALA C 24 -25.48 17.62 -17.93
N ARG C 25 -26.63 16.95 -17.81
CA ARG C 25 -26.99 16.21 -16.62
C ARG C 25 -25.84 15.34 -16.09
N ARG C 26 -25.10 14.70 -16.97
CA ARG C 26 -24.09 13.72 -16.55
C ARG C 26 -23.23 14.20 -15.38
N SER C 27 -22.99 15.51 -15.28
CA SER C 27 -22.22 16.04 -14.15
C SER C 27 -23.01 16.04 -12.86
N HIS C 28 -24.30 16.34 -12.96
CA HIS C 28 -25.20 16.28 -11.81
C HIS C 28 -25.55 14.84 -11.50
N GLU C 29 -25.94 14.08 -12.52
CA GLU C 29 -26.23 12.66 -12.37
CA GLU C 29 -26.24 12.66 -12.34
C GLU C 29 -25.14 12.01 -11.54
N HIS C 30 -23.89 12.30 -11.90
CA HIS C 30 -22.73 11.70 -11.25
C HIS C 30 -22.55 12.11 -9.78
N LEU C 31 -22.86 13.37 -9.45
CA LEU C 31 -22.79 13.81 -8.07
C LEU C 31 -23.84 13.10 -7.24
N ILE C 32 -25.04 13.00 -7.80
CA ILE C 32 -26.16 12.35 -7.16
C ILE C 32 -25.93 10.84 -7.05
N ARG C 33 -25.51 10.23 -8.14
CA ARG C 33 -25.15 8.82 -8.12
C ARG C 33 -24.16 8.52 -6.99
N LEU C 34 -23.16 9.38 -6.86
CA LEU C 34 -22.11 9.19 -5.85
C LEU C 34 -22.66 9.26 -4.43
N LEU C 35 -23.69 10.08 -4.23
CA LEU C 35 -24.28 10.27 -2.91
C LEU C 35 -25.09 9.04 -2.48
N LEU C 36 -25.77 8.41 -3.44
CA LEU C 36 -26.58 7.23 -3.15
C LEU C 36 -25.72 5.99 -2.95
N GLU C 37 -24.64 5.89 -3.70
CA GLU C 37 -23.77 4.72 -3.64
C GLU C 37 -23.00 4.63 -2.33
N LYS C 38 -22.51 5.75 -1.83
CA LYS C 38 -21.64 5.74 -0.67
C LYS C 38 -22.23 6.45 0.55
N GLY C 39 -23.30 7.23 0.32
CA GLY C 39 -24.01 7.89 1.40
C GLY C 39 -23.20 8.84 2.27
N LYS C 40 -22.03 9.26 1.80
CA LYS C 40 -21.23 10.25 2.52
C LYS C 40 -21.59 11.67 2.10
N CYS C 41 -21.20 12.65 2.92
CA CYS C 41 -21.34 14.04 2.50
C CYS C 41 -20.46 14.30 1.30
N PRO C 42 -20.91 15.17 0.40
CA PRO C 42 -19.97 15.59 -0.64
C PRO C 42 -18.84 16.32 0.06
N GLU C 43 -17.61 16.12 -0.39
CA GLU C 43 -16.50 16.89 0.17
C GLU C 43 -16.76 18.38 -0.06
N ASN C 44 -16.92 18.76 -1.32
CA ASN C 44 -17.26 20.13 -1.65
C ASN C 44 -18.75 20.27 -1.96
N GLY C 45 -19.38 21.28 -1.35
CA GLY C 45 -20.81 21.50 -1.49
C GLY C 45 -21.33 21.44 -2.92
N TRP C 46 -22.57 20.99 -3.06
CA TRP C 46 -23.27 20.99 -4.34
C TRP C 46 -23.68 22.41 -4.70
N ASP C 47 -23.85 22.68 -5.99
CA ASP C 47 -24.46 23.93 -6.42
C ASP C 47 -25.96 23.78 -6.22
N GLU C 48 -26.66 24.89 -6.04
CA GLU C 48 -28.10 24.83 -5.84
C GLU C 48 -28.77 24.09 -6.98
N SER C 49 -28.31 24.35 -8.20
CA SER C 49 -28.81 23.63 -9.37
C SER C 49 -28.89 22.13 -9.08
N THR C 50 -27.75 21.55 -8.71
CA THR C 50 -27.73 20.11 -8.40
C THR C 50 -28.69 19.77 -7.28
N LEU C 51 -28.60 20.51 -6.17
CA LEU C 51 -29.43 20.22 -5.01
C LEU C 51 -30.92 20.21 -5.39
N GLU C 52 -31.38 21.26 -6.05
CA GLU C 52 -32.80 21.37 -6.38
C GLU C 52 -33.25 20.34 -7.42
N LEU C 53 -32.38 20.05 -8.38
CA LEU C 53 -32.65 18.99 -9.35
C LEU C 53 -32.94 17.69 -8.59
N PHE C 54 -32.00 17.32 -7.73
CA PHE C 54 -32.12 16.13 -6.90
C PHE C 54 -33.41 16.14 -6.08
N LEU C 55 -33.66 17.23 -5.37
CA LEU C 55 -34.84 17.32 -4.52
C LEU C 55 -36.12 17.05 -5.30
N HIS C 56 -36.19 17.57 -6.53
CA HIS C 56 -37.36 17.34 -7.36
C HIS C 56 -37.44 15.87 -7.81
N GLU C 57 -36.31 15.27 -8.12
CA GLU C 57 -36.30 13.87 -8.52
CA GLU C 57 -36.26 13.86 -8.51
C GLU C 57 -36.80 12.97 -7.41
N LEU C 58 -36.63 13.42 -6.16
CA LEU C 58 -37.14 12.67 -5.02
C LEU C 58 -38.63 12.94 -4.82
N ALA C 59 -38.99 14.21 -4.72
CA ALA C 59 -40.37 14.60 -4.51
C ALA C 59 -41.33 13.87 -5.45
N ILE C 60 -41.03 13.84 -6.74
CA ILE C 60 -41.94 13.24 -7.70
C ILE C 60 -42.02 11.72 -7.56
N MET C 61 -41.28 11.18 -6.59
CA MET C 61 -41.35 9.75 -6.30
C MET C 61 -42.45 9.45 -5.29
N ASP C 62 -42.95 10.49 -4.63
CA ASP C 62 -44.05 10.34 -3.68
C ASP C 62 -45.41 10.30 -4.39
N SER C 63 -46.27 9.41 -3.91
CA SER C 63 -47.58 9.20 -4.54
C SER C 63 -48.37 10.48 -4.75
N ASN C 64 -48.47 11.32 -3.73
CA ASN C 64 -49.24 12.56 -3.85
C ASN C 64 -48.81 13.39 -5.05
N ASN C 65 -47.57 13.24 -5.47
CA ASN C 65 -47.03 14.00 -6.58
C ASN C 65 -47.15 13.27 -7.92
N PHE C 66 -47.65 12.03 -7.90
CA PHE C 66 -47.83 11.27 -9.13
C PHE C 66 -48.83 11.97 -10.03
N LEU C 67 -48.54 11.96 -11.33
CA LEU C 67 -49.40 12.63 -12.31
C LEU C 67 -50.77 11.98 -12.44
N GLY C 68 -50.80 10.65 -12.58
CA GLY C 68 -52.06 9.95 -12.71
C GLY C 68 -52.52 9.32 -11.40
N ASN C 69 -52.67 10.15 -10.37
CA ASN C 69 -52.95 9.66 -9.03
C ASN C 69 -54.37 10.00 -8.61
N CYS C 70 -55.04 9.01 -8.04
CA CYS C 70 -56.27 9.27 -7.32
C CYS C 70 -56.04 8.83 -5.89
N GLY C 71 -56.58 9.59 -4.94
CA GLY C 71 -56.45 9.25 -3.54
C GLY C 71 -57.81 8.98 -2.94
N VAL C 72 -57.94 7.82 -2.30
CA VAL C 72 -59.18 7.47 -1.61
C VAL C 72 -58.90 7.16 -0.15
N GLY C 73 -57.74 7.61 0.33
CA GLY C 73 -57.37 7.45 1.71
C GLY C 73 -57.73 8.66 2.55
N GLU C 74 -57.42 8.60 3.84
CA GLU C 74 -57.69 9.71 4.75
C GLU C 74 -56.43 10.56 4.90
N ARG C 75 -55.28 9.94 4.65
CA ARG C 75 -53.99 10.64 4.68
C ARG C 75 -53.33 10.51 3.30
N GLU C 76 -53.44 11.57 2.49
CA GLU C 76 -53.08 11.50 1.08
C GLU C 76 -52.04 12.52 0.65
N GLY C 77 -51.54 13.32 1.59
CA GLY C 77 -50.57 14.34 1.27
C GLY C 77 -51.19 15.45 0.46
N ARG C 78 -52.49 15.64 0.62
CA ARG C 78 -53.20 16.73 -0.04
C ARG C 78 -52.77 18.05 0.58
N VAL C 79 -52.67 19.09 -0.26
CA VAL C 79 -52.17 20.37 0.22
C VAL C 79 -53.06 21.53 -0.24
N ALA C 80 -53.73 22.18 0.70
CA ALA C 80 -54.60 23.31 0.37
C ALA C 80 -53.85 24.50 -0.23
N SER C 81 -52.78 24.93 0.44
CA SER C 81 -52.01 26.11 0.03
C SER C 81 -50.79 25.77 -0.82
N ALA C 82 -50.65 26.45 -1.94
CA ALA C 82 -49.50 26.23 -2.81
C ALA C 82 -48.22 26.77 -2.18
N LEU C 83 -48.35 27.81 -1.36
CA LEU C 83 -47.20 28.33 -0.62
C LEU C 83 -46.62 27.22 0.24
N VAL C 84 -47.49 26.48 0.90
CA VAL C 84 -47.05 25.35 1.71
C VAL C 84 -46.39 24.27 0.87
N ALA C 85 -47.06 23.83 -0.19
CA ALA C 85 -46.50 22.80 -1.06
C ALA C 85 -45.10 23.15 -1.57
N ARG C 86 -44.93 24.40 -2.00
CA ARG C 86 -43.66 24.83 -2.56
C ARG C 86 -42.55 24.93 -1.51
N ARG C 87 -42.88 25.46 -0.33
CA ARG C 87 -41.85 25.69 0.68
C ARG C 87 -41.28 24.39 1.24
N HIS C 88 -41.97 23.27 0.99
CA HIS C 88 -41.48 21.97 1.42
C HIS C 88 -40.98 21.13 0.24
N TYR C 89 -40.79 21.79 -0.91
CA TYR C 89 -40.34 21.09 -2.10
C TYR C 89 -41.24 19.89 -2.37
N ARG C 90 -42.54 20.05 -2.04
CA ARG C 90 -43.58 19.07 -2.35
C ARG C 90 -43.49 17.77 -1.54
N PHE C 91 -42.70 17.79 -0.46
CA PHE C 91 -42.60 16.68 0.47
C PHE C 91 -43.67 16.79 1.56
N ILE C 92 -44.76 16.05 1.40
CA ILE C 92 -45.89 16.17 2.32
C ILE C 92 -46.10 14.98 3.28
N HIS C 93 -45.70 13.78 2.86
CA HIS C 93 -46.05 12.55 3.56
C HIS C 93 -45.34 12.26 4.89
N GLY C 94 -44.31 13.02 5.23
CA GLY C 94 -43.58 12.77 6.45
C GLY C 94 -42.64 11.58 6.33
N ILE C 95 -42.07 11.14 7.45
CA ILE C 95 -41.13 10.01 7.43
C ILE C 95 -41.63 8.81 8.24
N GLY C 96 -41.25 7.61 7.78
CA GLY C 96 -41.63 6.37 8.42
C GLY C 96 -43.08 5.96 8.15
N ARG C 97 -43.48 4.78 8.63
CA ARG C 97 -44.88 4.38 8.60
C ARG C 97 -45.49 4.55 9.99
N SER C 98 -46.70 4.05 10.20
CA SER C 98 -47.36 4.20 11.51
C SER C 98 -46.77 3.26 12.56
N GLY C 99 -45.95 2.31 12.10
CA GLY C 99 -45.32 1.37 12.99
C GLY C 99 -43.82 1.55 13.13
N ASP C 100 -43.24 2.44 12.31
CA ASP C 100 -41.79 2.59 12.27
C ASP C 100 -41.31 3.93 11.66
N ILE C 101 -40.64 4.73 12.48
CA ILE C 101 -40.05 6.02 12.06
C ILE C 101 -38.84 5.81 11.14
N SER C 102 -38.72 4.61 10.60
CA SER C 102 -37.57 4.25 9.75
C SER C 102 -37.97 3.24 8.68
N ALA C 103 -39.26 2.91 8.62
CA ALA C 103 -39.78 2.01 7.61
C ALA C 103 -40.03 2.74 6.31
N VAL C 104 -39.78 2.07 5.19
CA VAL C 104 -40.09 2.64 3.88
C VAL C 104 -41.59 2.57 3.60
N GLN C 105 -42.14 3.65 3.04
CA GLN C 105 -43.56 3.72 2.73
C GLN C 105 -43.78 3.66 1.22
N PRO C 106 -44.63 2.73 0.75
CA PRO C 106 -44.93 2.65 -0.69
C PRO C 106 -45.57 3.95 -1.17
N LYS C 107 -46.29 4.61 -0.27
CA LYS C 107 -46.90 5.90 -0.58
C LYS C 107 -45.85 6.97 -0.83
N ALA C 108 -44.81 6.98 -0.01
CA ALA C 108 -43.80 8.02 -0.08
C ALA C 108 -42.40 7.46 -0.28
N ALA C 109 -42.18 6.88 -1.45
CA ALA C 109 -40.88 6.31 -1.79
C ALA C 109 -39.80 7.38 -1.72
N GLY C 110 -40.12 8.55 -2.25
CA GLY C 110 -39.18 9.65 -2.25
C GLY C 110 -38.86 10.08 -0.83
N SER C 111 -39.89 10.34 -0.04
CA SER C 111 -39.69 10.76 1.34
C SER C 111 -38.83 9.76 2.11
N SER C 112 -39.17 8.48 2.00
CA SER C 112 -38.45 7.47 2.76
C SER C 112 -36.96 7.47 2.40
N LEU C 113 -36.67 7.65 1.10
CA LEU C 113 -35.29 7.70 0.62
C LEU C 113 -34.55 8.92 1.15
N LEU C 114 -35.26 10.04 1.24
CA LEU C 114 -34.72 11.25 1.83
C LEU C 114 -34.33 10.99 3.28
N ASN C 115 -35.20 10.30 4.01
CA ASN C 115 -34.89 9.89 5.38
C ASN C 115 -33.59 9.09 5.47
N LYS C 116 -33.46 8.08 4.62
CA LYS C 116 -32.28 7.22 4.62
C LYS C 116 -30.99 7.98 4.37
N ILE C 117 -31.01 8.89 3.41
CA ILE C 117 -29.80 9.62 3.06
C ILE C 117 -29.43 10.63 4.15
N THR C 118 -30.41 11.39 4.60
CA THR C 118 -30.17 12.34 5.68
C THR C 118 -29.47 11.66 6.86
N ASN C 119 -30.03 10.55 7.32
CA ASN C 119 -29.44 9.81 8.42
C ASN C 119 -28.01 9.44 8.11
N SER C 120 -27.78 8.98 6.87
CA SER C 120 -26.45 8.58 6.43
C SER C 120 -25.48 9.76 6.45
N LEU C 121 -25.95 10.90 5.94
CA LEU C 121 -25.14 12.13 5.95
C LEU C 121 -24.80 12.54 7.38
N VAL C 122 -25.82 12.56 8.23
CA VAL C 122 -25.63 12.92 9.62
C VAL C 122 -24.66 11.97 10.30
N LEU C 123 -24.80 10.68 10.04
CA LEU C 123 -23.87 9.70 10.58
C LEU C 123 -22.45 10.07 10.19
N ASP C 124 -22.29 10.51 8.94
CA ASP C 124 -20.99 10.92 8.42
C ASP C 124 -20.40 12.07 9.23
N ILE C 125 -21.17 13.14 9.42
CA ILE C 125 -20.69 14.28 10.18
C ILE C 125 -20.36 13.89 11.61
N ILE C 126 -21.19 13.04 12.20
CA ILE C 126 -20.95 12.61 13.58
C ILE C 126 -19.58 11.96 13.70
N LYS C 127 -19.27 11.07 12.76
CA LYS C 127 -17.95 10.44 12.69
C LYS C 127 -16.83 11.46 12.56
N LEU C 128 -16.92 12.32 11.56
CA LEU C 128 -15.83 13.28 11.33
C LEU C 128 -15.80 14.40 12.35
N ALA C 129 -16.76 14.41 13.27
CA ALA C 129 -16.79 15.44 14.30
C ALA C 129 -16.13 14.92 15.57
N GLY C 130 -15.85 13.62 15.62
CA GLY C 130 -15.21 13.05 16.79
C GLY C 130 -15.51 11.62 17.19
N VAL C 131 -16.74 11.17 16.96
CA VAL C 131 -17.16 9.84 17.39
C VAL C 131 -17.08 8.92 16.16
N HIS C 132 -15.89 8.38 15.90
CA HIS C 132 -15.68 7.56 14.72
C HIS C 132 -16.28 6.16 14.89
N THR C 133 -16.52 5.78 16.13
CA THR C 133 -17.02 4.45 16.42
C THR C 133 -18.55 4.43 16.62
N VAL C 134 -19.21 5.51 16.22
CA VAL C 134 -20.67 5.52 16.25
C VAL C 134 -21.21 4.44 15.32
N ALA C 135 -22.20 3.70 15.80
CA ALA C 135 -22.67 2.51 15.10
C ALA C 135 -23.84 2.83 14.22
N ASN C 136 -24.65 3.80 14.65
CA ASN C 136 -25.90 4.08 13.98
C ASN C 136 -26.57 5.28 14.65
N CYS C 137 -27.39 6.00 13.90
CA CYS C 137 -28.12 7.13 14.45
C CYS C 137 -29.32 7.42 13.59
N PHE C 138 -30.17 8.32 14.05
CA PHE C 138 -31.32 8.74 13.28
C PHE C 138 -31.80 10.13 13.68
N VAL C 139 -32.38 10.85 12.73
CA VAL C 139 -32.95 12.16 12.99
C VAL C 139 -34.39 11.99 13.44
N VAL C 140 -34.74 12.60 14.56
CA VAL C 140 -36.11 12.57 15.03
C VAL C 140 -36.64 13.99 15.12
N PRO C 141 -37.80 14.25 14.52
CA PRO C 141 -38.38 15.59 14.43
C PRO C 141 -38.86 16.13 15.78
N MET C 142 -38.11 15.86 16.84
CA MET C 142 -38.43 16.41 18.15
C MET C 142 -37.29 17.28 18.64
N ALA C 143 -37.55 18.05 19.70
CA ALA C 143 -36.52 18.84 20.35
C ALA C 143 -35.51 17.86 20.97
N THR C 144 -34.53 18.39 21.70
CA THR C 144 -33.54 17.53 22.33
C THR C 144 -34.10 16.93 23.62
N GLY C 145 -34.82 17.76 24.36
CA GLY C 145 -35.48 17.30 25.58
C GLY C 145 -36.40 16.12 25.30
N MET C 146 -37.34 16.29 24.36
CA MET C 146 -38.25 15.22 24.02
C MET C 146 -37.52 14.00 23.45
N SER C 147 -36.46 14.22 22.68
CA SER C 147 -35.65 13.12 22.20
C SER C 147 -35.03 12.32 23.34
N LEU C 148 -34.54 13.03 24.36
CA LEU C 148 -34.07 12.38 25.58
C LEU C 148 -35.21 11.56 26.19
N THR C 149 -36.38 12.19 26.33
CA THR C 149 -37.55 11.50 26.85
C THR C 149 -37.85 10.21 26.11
N LEU C 150 -37.81 10.25 24.78
CA LEU C 150 -38.03 9.06 23.98
C LEU C 150 -37.08 7.94 24.42
N CYS C 151 -35.87 8.31 24.80
CA CYS C 151 -34.88 7.33 25.25
C CYS C 151 -35.29 6.71 26.57
N PHE C 152 -35.74 7.55 27.49
CA PHE C 152 -36.17 7.07 28.78
C PHE C 152 -37.39 6.16 28.62
N LEU C 153 -38.30 6.56 27.75
CA LEU C 153 -39.47 5.76 27.45
C LEU C 153 -39.11 4.39 26.90
N THR C 154 -38.03 4.31 26.12
CA THR C 154 -37.57 3.03 25.60
C THR C 154 -36.93 2.17 26.68
N LEU C 155 -36.14 2.78 27.54
CA LEU C 155 -35.44 2.07 28.62
C LEU C 155 -36.43 1.41 29.59
N ARG C 156 -37.53 2.09 29.86
CA ARG C 156 -38.55 1.58 30.76
C ARG C 156 -38.86 0.11 30.48
N HIS C 157 -39.14 -0.19 29.23
CA HIS C 157 -39.49 -1.55 28.84
C HIS C 157 -38.34 -2.53 29.01
N LYS C 158 -37.10 -2.03 28.89
CA LYS C 158 -35.92 -2.87 29.08
C LYS C 158 -35.67 -3.13 30.56
N ARG C 159 -36.15 -2.23 31.40
CA ARG C 159 -35.89 -2.28 32.84
C ARG C 159 -37.12 -1.91 33.65
N PRO C 160 -38.11 -2.82 33.68
CA PRO C 160 -39.42 -2.54 34.26
C PRO C 160 -39.37 -2.13 35.73
N LYS C 161 -38.41 -2.65 36.49
CA LYS C 161 -38.35 -2.36 37.92
C LYS C 161 -37.66 -1.03 38.25
N ALA C 162 -37.32 -0.27 37.22
CA ALA C 162 -36.54 0.96 37.42
C ALA C 162 -37.42 2.19 37.70
N LYS C 163 -36.98 3.00 38.66
CA LYS C 163 -37.75 4.17 39.07
C LYS C 163 -36.97 5.49 38.98
N TYR C 164 -35.65 5.40 39.09
CA TYR C 164 -34.81 6.60 39.19
C TYR C 164 -33.88 6.82 38.00
N ILE C 165 -33.61 8.09 37.72
CA ILE C 165 -32.52 8.46 36.81
C ILE C 165 -31.51 9.27 37.60
N ILE C 166 -30.26 8.81 37.63
CA ILE C 166 -29.21 9.54 38.32
C ILE C 166 -28.65 10.58 37.36
N TRP C 167 -28.49 11.79 37.86
CA TRP C 167 -28.30 12.95 37.00
C TRP C 167 -27.43 14.04 37.61
N PRO C 168 -26.15 14.09 37.21
CA PRO C 168 -25.28 15.21 37.58
C PRO C 168 -25.93 16.54 37.23
N ARG C 169 -26.17 17.39 38.23
CA ARG C 169 -26.91 18.63 38.05
C ARG C 169 -26.43 19.52 36.91
N ILE C 170 -27.40 20.05 36.17
CA ILE C 170 -27.15 21.10 35.19
C ILE C 170 -28.43 21.91 35.07
N ASP C 171 -28.31 23.23 35.20
CA ASP C 171 -29.49 24.09 35.31
C ASP C 171 -30.03 24.54 33.97
N GLN C 172 -30.72 23.62 33.30
CA GLN C 172 -31.33 23.83 32.01
C GLN C 172 -32.66 23.08 32.01
N LYS C 173 -33.76 23.83 31.94
CA LYS C 173 -35.07 23.26 32.21
C LYS C 173 -35.44 22.06 31.32
N SER C 174 -35.08 22.11 30.05
CA SER C 174 -35.52 21.10 29.09
C SER C 174 -35.06 19.69 29.44
N CYS C 175 -33.76 19.52 29.65
CA CYS C 175 -33.24 18.19 29.94
C CYS C 175 -33.69 17.69 31.32
N PHE C 176 -33.83 18.59 32.28
CA PHE C 176 -34.34 18.17 33.57
C PHE C 176 -35.74 17.61 33.42
N LYS C 177 -36.63 18.41 32.85
CA LYS C 177 -38.00 17.98 32.64
C LYS C 177 -38.08 16.68 31.84
N SER C 178 -37.19 16.52 30.87
CA SER C 178 -37.25 15.35 30.02
C SER C 178 -37.42 14.08 30.85
N MET C 179 -36.76 14.04 32.00
CA MET C 179 -36.82 12.89 32.90
C MET C 179 -38.21 12.73 33.53
N ILE C 180 -38.77 13.85 33.99
CA ILE C 180 -40.08 13.83 34.63
C ILE C 180 -41.20 13.55 33.64
N THR C 181 -41.14 14.20 32.48
CA THR C 181 -42.12 13.95 31.44
C THR C 181 -42.16 12.45 31.11
N ALA C 182 -40.99 11.81 31.22
CA ALA C 182 -40.86 10.40 30.90
C ALA C 182 -41.46 9.54 32.00
N GLY C 183 -41.83 10.18 33.11
CA GLY C 183 -42.42 9.49 34.25
C GLY C 183 -41.40 8.84 35.16
N PHE C 184 -40.25 9.48 35.34
CA PHE C 184 -39.22 8.96 36.24
C PHE C 184 -38.76 10.00 37.24
N GLU C 185 -38.17 9.52 38.32
CA GLU C 185 -37.74 10.40 39.40
C GLU C 185 -36.26 10.68 39.25
N PRO C 186 -35.91 11.95 39.04
CA PRO C 186 -34.50 12.35 38.91
C PRO C 186 -33.83 12.36 40.27
N VAL C 187 -32.63 11.78 40.34
CA VAL C 187 -31.82 11.87 41.53
C VAL C 187 -30.69 12.86 41.24
N VAL C 188 -30.88 14.10 41.69
CA VAL C 188 -29.92 15.18 41.40
C VAL C 188 -28.61 15.02 42.15
N ILE C 189 -27.54 14.72 41.42
CA ILE C 189 -26.21 14.63 42.01
C ILE C 189 -25.51 15.98 41.87
N GLU C 190 -25.35 16.71 42.97
CA GLU C 190 -24.71 18.02 42.92
C GLU C 190 -23.26 17.90 42.43
N ASN C 191 -22.68 19.03 42.01
CA ASN C 191 -21.34 19.02 41.43
C ASN C 191 -20.25 19.40 42.42
N VAL C 192 -19.02 19.03 42.09
CA VAL C 192 -17.85 19.38 42.88
C VAL C 192 -17.24 20.67 42.37
N LEU C 193 -17.01 21.63 43.26
CA LEU C 193 -16.28 22.83 42.87
C LEU C 193 -14.77 22.56 42.89
N GLU C 194 -14.12 22.69 41.75
CA GLU C 194 -12.68 22.46 41.63
C GLU C 194 -12.00 23.69 41.05
N GLY C 195 -11.49 24.55 41.91
CA GLY C 195 -11.03 25.85 41.45
C GLY C 195 -12.27 26.65 41.08
N ASP C 196 -12.39 27.03 39.82
CA ASP C 196 -13.56 27.77 39.37
C ASP C 196 -14.59 26.87 38.73
N GLU C 197 -14.22 25.64 38.42
CA GLU C 197 -15.08 24.73 37.66
C GLU C 197 -16.00 23.90 38.54
N LEU C 198 -17.17 23.56 38.00
CA LEU C 198 -18.08 22.63 38.63
C LEU C 198 -18.04 21.32 37.84
N ARG C 199 -17.82 20.21 38.54
CA ARG C 199 -17.61 18.94 37.85
C ARG C 199 -18.32 17.76 38.50
N THR C 200 -18.22 16.61 37.83
CA THR C 200 -18.91 15.41 38.24
C THR C 200 -18.42 14.90 39.59
N ASP C 201 -19.33 14.77 40.54
CA ASP C 201 -19.01 14.11 41.81
C ASP C 201 -19.12 12.61 41.63
N LEU C 202 -18.06 12.00 41.10
CA LEU C 202 -18.03 10.57 40.87
C LEU C 202 -18.29 9.78 42.15
N LYS C 203 -17.74 10.26 43.26
CA LYS C 203 -17.98 9.63 44.55
C LYS C 203 -19.48 9.49 44.80
N ALA C 204 -20.17 10.62 44.69
CA ALA C 204 -21.60 10.69 44.97
C ALA C 204 -22.43 9.80 44.05
N VAL C 205 -22.05 9.77 42.78
CA VAL C 205 -22.76 8.97 41.79
C VAL C 205 -22.76 7.50 42.19
N GLU C 206 -21.57 6.96 42.43
CA GLU C 206 -21.42 5.55 42.76
C GLU C 206 -22.06 5.23 44.11
N ALA C 207 -22.11 6.23 44.98
CA ALA C 207 -22.76 6.08 46.28
C ALA C 207 -24.27 5.90 46.10
N LYS C 208 -24.87 6.76 45.29
CA LYS C 208 -26.29 6.64 44.99
C LYS C 208 -26.63 5.30 44.32
N VAL C 209 -25.83 4.92 43.33
CA VAL C 209 -26.03 3.64 42.67
C VAL C 209 -26.12 2.52 43.71
N GLN C 210 -25.22 2.57 44.69
CA GLN C 210 -25.23 1.58 45.76
C GLN C 210 -26.37 1.81 46.74
N GLU C 211 -26.65 3.06 47.07
CA GLU C 211 -27.74 3.38 48.00
C GLU C 211 -29.10 2.91 47.50
N LEU C 212 -29.38 3.17 46.22
CA LEU C 212 -30.68 2.85 45.64
C LEU C 212 -30.71 1.47 44.99
N GLY C 213 -29.54 1.00 44.55
CA GLY C 213 -29.44 -0.31 43.92
C GLY C 213 -29.66 -0.26 42.42
N PRO C 214 -28.71 -0.83 41.66
CA PRO C 214 -28.69 -0.82 40.19
C PRO C 214 -30.02 -1.17 39.54
N ASP C 215 -30.68 -2.21 40.05
CA ASP C 215 -31.97 -2.62 39.51
C ASP C 215 -33.01 -1.51 39.54
N CYS C 216 -32.82 -0.54 40.42
CA CYS C 216 -33.79 0.55 40.58
C CYS C 216 -33.41 1.80 39.79
N ILE C 217 -32.25 1.75 39.15
CA ILE C 217 -31.79 2.87 38.34
C ILE C 217 -32.15 2.62 36.89
N LEU C 218 -32.84 3.57 36.29
CA LEU C 218 -33.20 3.46 34.88
C LEU C 218 -31.96 3.68 34.03
N CYS C 219 -31.16 4.66 34.41
CA CYS C 219 -29.94 4.98 33.71
C CYS C 219 -29.23 6.14 34.41
N ILE C 220 -28.00 6.40 34.00
CA ILE C 220 -27.30 7.61 34.41
C ILE C 220 -27.37 8.62 33.26
N HIS C 221 -27.81 9.83 33.60
CA HIS C 221 -28.04 10.86 32.61
C HIS C 221 -26.97 11.94 32.73
N SER C 222 -25.96 11.85 31.87
CA SER C 222 -24.82 12.77 31.91
C SER C 222 -24.88 13.83 30.80
N THR C 223 -24.12 14.91 30.97
CA THR C 223 -24.19 16.04 30.04
C THR C 223 -22.81 16.56 29.63
N THR C 224 -22.55 16.59 28.33
CA THR C 224 -21.32 17.21 27.82
C THR C 224 -21.40 18.73 27.57
N SER C 225 -22.07 19.13 26.49
CA SER C 225 -22.21 20.55 26.16
C SER C 225 -23.00 21.27 27.26
N CYS C 226 -22.43 22.34 27.81
CA CYS C 226 -23.07 23.05 28.91
C CYS C 226 -22.47 24.42 29.14
N PHE C 227 -23.07 25.17 30.05
CA PHE C 227 -22.63 26.53 30.36
C PHE C 227 -21.51 26.57 31.39
N ALA C 228 -20.42 27.27 31.08
CA ALA C 228 -19.40 27.57 32.08
C ALA C 228 -20.09 28.30 33.22
N PRO C 229 -19.65 28.05 34.47
CA PRO C 229 -18.48 27.31 34.93
C PRO C 229 -18.68 25.80 34.98
N ARG C 230 -19.85 25.28 34.62
CA ARG C 230 -19.97 23.83 34.55
C ARG C 230 -19.15 23.37 33.34
N VAL C 231 -18.66 22.15 33.41
CA VAL C 231 -17.91 21.58 32.30
C VAL C 231 -18.49 20.22 31.94
N PRO C 232 -18.18 19.74 30.73
CA PRO C 232 -18.61 18.41 30.30
C PRO C 232 -18.35 17.36 31.37
N ASP C 233 -19.34 16.52 31.64
CA ASP C 233 -19.25 15.50 32.67
C ASP C 233 -18.11 14.54 32.43
N ARG C 234 -17.57 14.00 33.52
CA ARG C 234 -16.54 12.98 33.44
C ARG C 234 -17.11 11.70 32.85
N LEU C 235 -17.16 11.65 31.52
CA LEU C 235 -17.85 10.57 30.82
C LEU C 235 -17.20 9.19 30.99
N GLU C 236 -15.93 9.07 30.63
CA GLU C 236 -15.25 7.79 30.72
C GLU C 236 -15.36 7.16 32.10
N GLU C 237 -15.21 7.97 33.14
CA GLU C 237 -15.38 7.47 34.50
C GLU C 237 -16.80 6.96 34.67
N LEU C 238 -17.77 7.79 34.31
CA LEU C 238 -19.17 7.41 34.40
C LEU C 238 -19.47 6.16 33.58
N ALA C 239 -18.94 6.12 32.36
CA ALA C 239 -19.17 5.00 31.45
C ALA C 239 -18.73 3.69 32.10
N VAL C 240 -17.71 3.78 32.96
CA VAL C 240 -17.19 2.61 33.66
C VAL C 240 -18.12 2.20 34.79
N ILE C 241 -18.56 3.17 35.59
CA ILE C 241 -19.53 2.87 36.62
C ILE C 241 -20.69 2.12 35.98
N CYS C 242 -21.13 2.61 34.83
CA CYS C 242 -22.29 2.06 34.16
C CYS C 242 -22.06 0.64 33.65
N ALA C 243 -20.91 0.40 33.04
CA ALA C 243 -20.59 -0.93 32.55
C ALA C 243 -20.47 -1.92 33.72
N ASN C 244 -20.03 -1.42 34.86
CA ASN C 244 -19.82 -2.26 36.04
C ASN C 244 -21.12 -2.69 36.72
N TYR C 245 -22.05 -1.76 36.85
CA TYR C 245 -23.31 -2.04 37.53
C TYR C 245 -24.45 -2.45 36.57
N ASP C 246 -24.10 -2.65 35.30
CA ASP C 246 -25.11 -2.96 34.28
C ASP C 246 -26.21 -1.89 34.27
N ILE C 247 -25.80 -0.64 34.13
CA ILE C 247 -26.74 0.49 34.11
C ILE C 247 -26.59 1.28 32.82
N PRO C 248 -27.71 1.53 32.12
CA PRO C 248 -27.71 2.30 30.87
C PRO C 248 -27.18 3.72 31.07
N HIS C 249 -26.40 4.17 30.11
CA HIS C 249 -25.77 5.48 30.16
C HIS C 249 -26.29 6.32 28.99
N ILE C 250 -27.01 7.40 29.31
CA ILE C 250 -27.52 8.29 28.29
C ILE C 250 -26.87 9.67 28.38
N VAL C 251 -26.30 10.13 27.27
CA VAL C 251 -25.60 11.40 27.25
C VAL C 251 -26.36 12.53 26.53
N ASN C 252 -26.67 13.57 27.29
CA ASN C 252 -27.16 14.81 26.71
C ASN C 252 -25.98 15.56 26.07
N ASN C 253 -25.92 15.52 24.74
CA ASN C 253 -24.83 16.14 23.98
C ASN C 253 -25.38 17.31 23.17
N ALA C 254 -26.30 18.06 23.78
CA ALA C 254 -27.14 19.03 23.07
C ALA C 254 -26.44 19.74 21.93
N TYR C 255 -25.36 20.45 22.25
CA TYR C 255 -24.59 21.13 21.22
C TYR C 255 -23.11 20.72 21.20
N GLY C 256 -22.83 19.48 21.57
CA GLY C 256 -21.47 18.99 21.63
C GLY C 256 -20.85 18.58 20.31
N VAL C 257 -21.66 18.41 19.26
CA VAL C 257 -21.15 17.94 17.98
C VAL C 257 -20.09 18.88 17.43
N GLN C 258 -20.30 20.18 17.67
CA GLN C 258 -19.40 21.21 17.16
C GLN C 258 -18.11 21.29 17.96
N SER C 259 -17.93 20.36 18.89
CA SER C 259 -16.81 20.39 19.83
C SER C 259 -16.02 19.09 19.86
N SER C 260 -14.86 19.07 19.20
CA SER C 260 -14.03 17.87 19.14
C SER C 260 -13.75 17.33 20.54
N LYS C 261 -13.65 18.23 21.51
CA LYS C 261 -13.41 17.83 22.89
C LYS C 261 -14.58 16.98 23.38
N CYS C 262 -15.78 17.54 23.27
CA CYS C 262 -17.00 16.87 23.71
C CYS C 262 -17.15 15.54 22.99
N MET C 263 -16.97 15.56 21.69
CA MET C 263 -17.11 14.34 20.89
C MET C 263 -16.08 13.29 21.28
N HIS C 264 -14.90 13.76 21.69
CA HIS C 264 -13.84 12.88 22.15
C HIS C 264 -14.24 12.17 23.46
N LEU C 265 -14.80 12.91 24.40
CA LEU C 265 -15.29 12.29 25.64
C LEU C 265 -16.25 11.16 25.31
N ILE C 266 -17.18 11.42 24.39
CA ILE C 266 -18.16 10.41 24.04
C ILE C 266 -17.43 9.21 23.46
N GLN C 267 -16.53 9.49 22.52
CA GLN C 267 -15.70 8.46 21.91
C GLN C 267 -15.04 7.57 22.96
N GLN C 268 -14.35 8.21 23.91
CA GLN C 268 -13.61 7.51 24.96
C GLN C 268 -14.50 6.72 25.90
N GLY C 269 -15.55 7.36 26.39
CA GLY C 269 -16.50 6.70 27.28
C GLY C 269 -16.95 5.37 26.73
N ALA C 270 -17.18 5.31 25.42
CA ALA C 270 -17.61 4.07 24.78
C ALA C 270 -16.45 3.08 24.71
N ARG C 271 -15.25 3.55 24.59
CA ARG C 271 -14.01 2.80 24.49
C ARG C 271 -13.73 2.03 25.78
N VAL C 272 -13.91 2.70 26.91
CA VAL C 272 -13.59 2.11 28.21
C VAL C 272 -14.82 1.58 28.95
N GLY C 273 -15.92 2.33 28.88
CA GLY C 273 -17.13 1.94 29.57
C GLY C 273 -18.25 1.69 28.58
N ARG C 274 -19.46 2.10 28.94
CA ARG C 274 -20.58 1.99 28.01
C ARG C 274 -21.37 3.30 27.86
N ILE C 275 -21.74 3.59 26.63
CA ILE C 275 -22.66 4.67 26.35
C ILE C 275 -23.79 4.11 25.50
N ASP C 276 -24.97 4.01 26.09
CA ASP C 276 -26.08 3.38 25.38
C ASP C 276 -26.54 4.24 24.21
N ALA C 277 -26.81 5.51 24.48
CA ALA C 277 -27.13 6.48 23.42
C ALA C 277 -26.71 7.89 23.80
N PHE C 278 -26.36 8.69 22.79
CA PHE C 278 -26.13 10.11 23.02
C PHE C 278 -26.96 10.97 22.08
N VAL C 279 -27.43 12.11 22.58
CA VAL C 279 -28.40 12.94 21.87
C VAL C 279 -27.89 14.34 21.56
N GLN C 280 -28.13 14.82 20.33
CA GLN C 280 -27.77 16.19 19.94
C GLN C 280 -28.95 16.86 19.26
N SER C 281 -29.04 18.19 19.39
CA SER C 281 -30.06 18.95 18.67
C SER C 281 -29.53 19.42 17.31
N LEU C 282 -30.42 19.52 16.33
CA LEU C 282 -30.02 19.92 14.98
C LEU C 282 -29.68 21.39 14.88
N ASP C 283 -30.45 22.23 15.55
CA ASP C 283 -30.27 23.67 15.40
C ASP C 283 -28.92 24.14 15.96
N LYS C 284 -28.55 23.60 17.11
CA LYS C 284 -27.35 24.05 17.78
C LYS C 284 -26.08 23.53 17.10
N ASN C 285 -26.22 22.51 16.26
CA ASN C 285 -25.03 21.93 15.64
C ASN C 285 -24.97 22.05 14.11
N PHE C 286 -26.10 22.32 13.48
CA PHE C 286 -26.13 22.38 12.03
C PHE C 286 -26.73 23.67 11.48
N MET C 287 -26.99 24.62 12.39
CA MET C 287 -27.51 25.92 11.99
C MET C 287 -28.76 25.80 11.14
N VAL C 288 -29.81 25.22 11.72
CA VAL C 288 -31.11 25.10 11.08
C VAL C 288 -32.19 25.45 12.11
N PRO C 289 -33.46 25.53 11.69
CA PRO C 289 -34.48 25.92 12.66
C PRO C 289 -34.68 24.92 13.80
N VAL C 290 -35.15 25.44 14.93
CA VAL C 290 -35.39 24.64 16.13
C VAL C 290 -36.41 23.54 15.86
N GLY C 291 -36.35 22.48 16.66
CA GLY C 291 -37.23 21.33 16.49
C GLY C 291 -36.53 20.30 15.62
N GLY C 292 -36.15 19.18 16.22
CA GLY C 292 -35.35 18.19 15.53
C GLY C 292 -34.05 17.89 16.23
N ALA C 293 -33.74 16.61 16.40
CA ALA C 293 -32.55 16.17 17.12
C ALA C 293 -32.02 14.87 16.55
N ILE C 294 -30.84 14.45 16.99
CA ILE C 294 -30.27 13.18 16.55
C ILE C 294 -30.06 12.25 17.74
N ILE C 295 -30.46 11.00 17.58
CA ILE C 295 -30.16 9.99 18.59
C ILE C 295 -29.15 9.02 17.98
N ALA C 296 -28.01 8.87 18.63
CA ALA C 296 -26.93 8.05 18.11
C ALA C 296 -26.45 7.07 19.18
N GLY C 297 -25.83 5.99 18.74
CA GLY C 297 -25.38 4.99 19.68
C GLY C 297 -24.35 4.03 19.12
N PHE C 298 -23.91 3.10 19.98
CA PHE C 298 -22.86 2.17 19.62
C PHE C 298 -23.41 0.75 19.49
N ASN C 299 -24.53 0.49 20.15
CA ASN C 299 -25.26 -0.76 19.92
C ASN C 299 -26.31 -0.53 18.84
N ASP C 300 -26.04 -1.04 17.63
CA ASP C 300 -26.97 -0.84 16.53
C ASP C 300 -28.34 -1.42 16.85
N SER C 301 -28.34 -2.57 17.51
CA SER C 301 -29.58 -3.23 17.90
C SER C 301 -30.47 -2.31 18.73
N PHE C 302 -29.86 -1.57 19.65
CA PHE C 302 -30.62 -0.78 20.61
C PHE C 302 -31.12 0.55 20.06
N ILE C 303 -30.31 1.19 19.21
CA ILE C 303 -30.72 2.44 18.60
C ILE C 303 -32.01 2.18 17.82
N GLN C 304 -32.07 1.02 17.18
CA GLN C 304 -33.28 0.60 16.47
C GLN C 304 -34.49 0.56 17.39
N GLU C 305 -34.32 0.03 18.60
CA GLU C 305 -35.43 -0.08 19.55
C GLU C 305 -36.03 1.27 19.88
N ILE C 306 -35.17 2.27 20.08
CA ILE C 306 -35.61 3.63 20.32
C ILE C 306 -36.42 4.16 19.13
N SER C 307 -35.89 3.95 17.92
CA SER C 307 -36.59 4.33 16.71
C SER C 307 -37.98 3.71 16.63
N LYS C 308 -38.08 2.42 16.88
CA LYS C 308 -39.35 1.72 16.75
C LYS C 308 -40.32 2.09 17.87
N MET C 309 -39.83 2.81 18.86
CA MET C 309 -40.67 3.20 19.98
C MET C 309 -41.55 4.41 19.62
N TYR C 310 -41.28 5.02 18.48
CA TYR C 310 -42.01 6.22 18.07
C TYR C 310 -43.31 5.84 17.37
N PRO C 311 -44.44 6.35 17.88
CA PRO C 311 -45.81 6.09 17.42
C PRO C 311 -46.21 6.93 16.22
N GLY C 312 -46.37 6.30 15.05
CA GLY C 312 -46.88 7.00 13.89
C GLY C 312 -45.80 7.63 13.03
N ARG C 313 -46.22 8.47 12.07
CA ARG C 313 -45.28 9.15 11.19
C ARG C 313 -44.81 10.45 11.83
N ALA C 314 -43.78 11.05 11.25
CA ALA C 314 -43.24 12.30 11.79
C ALA C 314 -42.86 13.29 10.71
N SER C 315 -42.74 14.56 11.09
CA SER C 315 -42.39 15.62 10.15
C SER C 315 -41.08 15.33 9.41
N ALA C 316 -41.00 15.72 8.14
CA ALA C 316 -39.77 15.57 7.37
C ALA C 316 -38.99 16.86 7.34
N SER C 317 -39.61 17.95 7.79
CA SER C 317 -38.98 19.26 7.75
C SER C 317 -37.55 19.25 8.32
N PRO C 318 -37.37 18.79 9.57
CA PRO C 318 -36.01 18.85 10.12
C PRO C 318 -35.04 18.05 9.27
N SER C 319 -35.45 16.87 8.80
CA SER C 319 -34.55 16.09 7.98
C SER C 319 -34.24 16.81 6.67
N LEU C 320 -35.27 17.39 6.07
CA LEU C 320 -35.07 18.14 4.84
C LEU C 320 -34.05 19.26 5.03
N ASP C 321 -34.14 19.94 6.16
CA ASP C 321 -33.26 21.07 6.44
C ASP C 321 -31.80 20.66 6.48
N VAL C 322 -31.49 19.63 7.25
CA VAL C 322 -30.09 19.23 7.41
C VAL C 322 -29.55 18.62 6.13
N LEU C 323 -30.39 17.87 5.43
CA LEU C 323 -30.01 17.33 4.13
C LEU C 323 -29.52 18.50 3.29
N ILE C 324 -30.40 19.50 3.12
CA ILE C 324 -30.06 20.69 2.36
C ILE C 324 -28.78 21.34 2.88
N THR C 325 -28.67 21.51 4.19
CA THR C 325 -27.50 22.16 4.78
C THR C 325 -26.21 21.42 4.47
N LEU C 326 -26.21 20.11 4.74
CA LEU C 326 -24.99 19.31 4.56
C LEU C 326 -24.58 19.18 3.09
N LEU C 327 -25.52 18.82 2.23
CA LEU C 327 -25.23 18.77 0.80
C LEU C 327 -24.64 20.09 0.32
N SER C 328 -25.11 21.20 0.89
CA SER C 328 -24.64 22.52 0.48
C SER C 328 -23.25 22.89 1.01
N LEU C 329 -23.02 22.68 2.30
CA LEU C 329 -21.72 22.95 2.92
C LEU C 329 -20.67 21.96 2.45
N GLY C 330 -21.09 20.71 2.30
CA GLY C 330 -20.15 19.63 2.10
C GLY C 330 -19.42 19.39 3.41
N SER C 331 -18.73 18.27 3.53
CA SER C 331 -17.99 18.00 4.75
C SER C 331 -16.94 19.08 4.93
N ASN C 332 -16.41 19.58 3.83
CA ASN C 332 -15.43 20.65 3.89
C ASN C 332 -16.02 21.89 4.54
N GLY C 333 -17.18 22.31 4.02
CA GLY C 333 -17.89 23.43 4.60
C GLY C 333 -18.04 23.26 6.10
N TYR C 334 -18.47 22.07 6.51
CA TYR C 334 -18.70 21.85 7.93
C TYR C 334 -17.41 21.94 8.75
N LYS C 335 -16.37 21.28 8.25
CA LYS C 335 -15.06 21.38 8.90
C LYS C 335 -14.64 22.84 9.07
N LYS C 336 -14.73 23.62 8.00
CA LYS C 336 -14.39 25.03 8.05
C LYS C 336 -15.09 25.73 9.22
N LEU C 337 -16.40 25.51 9.35
CA LEU C 337 -17.17 26.08 10.44
C LEU C 337 -16.64 25.67 11.82
N LEU C 338 -16.33 24.38 11.97
CA LEU C 338 -15.80 23.88 13.21
C LEU C 338 -14.51 24.62 13.55
N LYS C 339 -13.65 24.76 12.53
CA LYS C 339 -12.37 25.44 12.68
C LYS C 339 -12.57 26.87 13.15
N GLU C 340 -13.41 27.60 12.42
CA GLU C 340 -13.67 28.99 12.76
C GLU C 340 -14.20 29.11 14.17
N ARG C 341 -15.02 28.14 14.60
CA ARG C 341 -15.60 28.20 15.93
C ARG C 341 -14.49 28.23 16.98
N LYS C 342 -13.44 27.46 16.74
CA LYS C 342 -12.33 27.37 17.67
C LYS C 342 -11.60 28.70 17.77
N GLU C 343 -11.23 29.24 16.61
CA GLU C 343 -10.55 30.52 16.55
C GLU C 343 -11.39 31.58 17.25
N MET C 344 -12.68 31.62 16.91
CA MET C 344 -13.58 32.57 17.53
C MET C 344 -13.61 32.42 19.06
N PHE C 345 -13.52 31.18 19.52
CA PHE C 345 -13.53 30.92 20.95
C PHE C 345 -12.33 31.58 21.61
N SER C 346 -11.16 31.27 21.08
CA SER C 346 -9.91 31.87 21.55
C SER C 346 -10.06 33.38 21.55
N TYR C 347 -10.42 33.92 20.39
CA TYR C 347 -10.63 35.35 20.24
C TYR C 347 -11.61 35.92 21.26
N LEU C 348 -12.74 35.26 21.44
CA LEU C 348 -13.74 35.71 22.41
C LEU C 348 -13.12 35.68 23.80
N SER C 349 -12.38 34.62 24.09
CA SER C 349 -11.72 34.48 25.38
C SER C 349 -10.79 35.66 25.65
N ASN C 350 -9.87 35.90 24.73
CA ASN C 350 -8.89 36.98 24.90
C ASN C 350 -9.56 38.35 25.02
N GLN C 351 -10.63 38.54 24.26
CA GLN C 351 -11.35 39.83 24.30
C GLN C 351 -12.04 40.05 25.65
N ILE C 352 -12.48 38.98 26.29
CA ILE C 352 -13.09 39.11 27.61
C ILE C 352 -12.01 39.29 28.68
N LYS C 353 -10.88 38.61 28.52
CA LYS C 353 -9.75 38.78 29.41
C LYS C 353 -9.41 40.26 29.53
N LYS C 354 -9.45 40.94 28.39
CA LYS C 354 -9.10 42.36 28.32
C LYS C 354 -10.19 43.29 28.85
N LEU C 355 -11.44 43.04 28.47
CA LEU C 355 -12.54 43.88 28.94
C LEU C 355 -12.66 43.84 30.46
N SER C 356 -12.55 42.62 31.01
CA SER C 356 -12.74 42.41 32.44
C SER C 356 -11.68 43.12 33.26
N GLU C 357 -10.44 43.07 32.77
CA GLU C 357 -9.33 43.72 33.47
C GLU C 357 -9.74 45.15 33.78
N ALA C 358 -10.22 45.85 32.78
CA ALA C 358 -10.56 47.25 32.91
C ALA C 358 -11.61 47.53 33.97
N TYR C 359 -12.33 46.50 34.40
CA TYR C 359 -13.43 46.68 35.37
C TYR C 359 -13.19 45.90 36.65
N ASN C 360 -12.00 45.32 36.76
CA ASN C 360 -11.60 44.56 37.94
C ASN C 360 -12.41 43.28 38.12
N GLU C 361 -12.84 42.71 37.00
CA GLU C 361 -13.42 41.38 36.98
C GLU C 361 -12.42 40.49 36.26
N ARG C 362 -12.75 39.21 36.08
CA ARG C 362 -11.86 38.30 35.40
C ARG C 362 -12.62 37.23 34.64
N LEU C 363 -11.91 36.56 33.73
CA LEU C 363 -12.46 35.40 33.05
C LEU C 363 -12.30 34.18 33.94
N LEU C 364 -13.42 33.66 34.45
CA LEU C 364 -13.38 32.46 35.29
C LEU C 364 -12.53 31.36 34.65
N HIS C 365 -11.68 30.74 35.45
CA HIS C 365 -10.75 29.73 34.96
C HIS C 365 -11.48 28.40 34.71
N THR C 366 -11.95 28.21 33.49
CA THR C 366 -12.75 27.01 33.15
C THR C 366 -12.23 26.30 31.92
N PRO C 367 -10.96 25.84 31.95
CA PRO C 367 -10.25 25.26 30.81
C PRO C 367 -10.98 24.09 30.18
N HIS C 368 -11.67 23.30 30.99
CA HIS C 368 -12.31 22.08 30.49
C HIS C 368 -13.65 22.31 29.79
N ASN C 369 -14.06 23.56 29.63
CA ASN C 369 -15.25 23.87 28.86
C ASN C 369 -14.89 24.53 27.54
N PRO C 370 -15.05 23.80 26.42
CA PRO C 370 -14.56 24.15 25.09
C PRO C 370 -15.39 25.21 24.38
N ILE C 371 -16.58 25.50 24.90
CA ILE C 371 -17.55 26.31 24.18
C ILE C 371 -17.99 27.56 24.93
N SER C 372 -18.21 27.42 26.24
CA SER C 372 -18.77 28.52 27.03
C SER C 372 -17.76 29.18 27.95
N LEU C 373 -17.82 30.51 28.02
CA LEU C 373 -16.97 31.30 28.89
C LEU C 373 -17.80 31.95 29.98
N ALA C 374 -17.14 32.45 31.03
CA ALA C 374 -17.84 33.17 32.08
C ALA C 374 -16.98 34.29 32.63
N MET C 375 -17.51 35.51 32.60
CA MET C 375 -16.85 36.66 33.20
C MET C 375 -17.52 37.02 34.52
N THR C 376 -16.72 37.36 35.52
CA THR C 376 -17.26 37.62 36.84
C THR C 376 -18.03 38.92 36.89
N LEU C 377 -18.76 39.12 37.99
CA LEU C 377 -19.55 40.32 38.18
C LEU C 377 -19.58 40.68 39.64
N LYS C 378 -18.46 40.50 40.33
CA LYS C 378 -18.41 40.72 41.76
C LYS C 378 -18.43 42.21 42.12
N THR C 379 -18.00 43.05 41.17
CA THR C 379 -17.99 44.49 41.41
C THR C 379 -19.37 45.11 41.25
N LEU C 380 -20.39 44.26 41.15
CA LEU C 380 -21.76 44.75 41.03
C LEU C 380 -22.58 44.34 42.24
N ASP C 381 -23.34 45.29 42.77
CA ASP C 381 -24.12 45.07 43.98
C ASP C 381 -25.56 44.73 43.64
N GLU C 382 -25.85 43.43 43.59
CA GLU C 382 -27.19 42.95 43.26
C GLU C 382 -28.17 43.14 44.42
N HIS C 383 -27.65 43.49 45.60
CA HIS C 383 -28.52 43.70 46.75
C HIS C 383 -29.04 45.13 46.86
N ARG C 384 -28.12 46.09 46.87
CA ARG C 384 -28.51 47.50 47.04
C ARG C 384 -28.98 48.14 45.72
N ASP C 385 -28.29 47.83 44.63
CA ASP C 385 -28.58 48.47 43.35
C ASP C 385 -29.26 47.52 42.36
N LYS C 386 -29.36 46.25 42.73
CA LYS C 386 -29.88 45.22 41.82
C LYS C 386 -29.19 45.37 40.47
N ALA C 387 -27.89 45.66 40.51
CA ALA C 387 -27.12 45.97 39.31
C ALA C 387 -26.90 44.78 38.40
N VAL C 388 -26.93 43.58 38.97
CA VAL C 388 -26.68 42.39 38.17
C VAL C 388 -27.86 42.08 37.24
N THR C 389 -29.07 42.14 37.78
CA THR C 389 -30.25 41.96 36.93
C THR C 389 -30.39 43.10 35.93
N GLN C 390 -30.09 44.32 36.37
CA GLN C 390 -30.10 45.47 35.46
C GLN C 390 -29.23 45.20 34.24
N LEU C 391 -27.98 44.80 34.47
CA LEU C 391 -27.06 44.53 33.37
C LEU C 391 -27.66 43.57 32.34
N GLY C 392 -28.41 42.58 32.82
CA GLY C 392 -29.05 41.62 31.94
C GLY C 392 -30.02 42.28 30.98
N SER C 393 -30.87 43.15 31.51
CA SER C 393 -31.84 43.88 30.71
C SER C 393 -31.17 44.77 29.69
N MET C 394 -30.24 45.59 30.15
CA MET C 394 -29.53 46.52 29.28
C MET C 394 -28.90 45.81 28.11
N LEU C 395 -28.21 44.71 28.39
CA LEU C 395 -27.60 43.92 27.34
C LEU C 395 -28.64 43.52 26.32
N PHE C 396 -29.83 43.18 26.81
CA PHE C 396 -30.96 42.80 25.96
C PHE C 396 -31.41 43.98 25.11
N THR C 397 -31.83 45.06 25.77
CA THR C 397 -32.33 46.23 25.05
C THR C 397 -31.31 46.73 24.03
N ARG C 398 -30.03 46.46 24.27
CA ARG C 398 -29.00 46.88 23.32
C ARG C 398 -28.78 45.80 22.25
N GLN C 399 -29.69 44.84 22.24
CA GLN C 399 -29.74 43.81 21.20
C GLN C 399 -28.54 42.86 21.22
N VAL C 400 -28.21 42.40 22.42
CA VAL C 400 -27.18 41.40 22.62
C VAL C 400 -27.85 40.14 23.15
N SER C 401 -27.85 39.08 22.35
CA SER C 401 -28.47 37.83 22.80
C SER C 401 -27.44 36.75 23.04
N GLY C 402 -27.73 35.87 24.00
CA GLY C 402 -26.79 34.84 24.40
C GLY C 402 -26.05 35.26 25.65
N ALA C 403 -26.15 36.55 25.96
CA ALA C 403 -25.55 37.08 27.17
C ALA C 403 -26.37 36.64 28.38
N ARG C 404 -25.90 35.58 29.03
CA ARG C 404 -26.60 34.99 30.14
C ARG C 404 -26.04 35.52 31.46
N VAL C 405 -26.83 36.31 32.17
CA VAL C 405 -26.45 36.79 33.49
C VAL C 405 -26.91 35.81 34.56
N VAL C 406 -26.01 35.50 35.50
CA VAL C 406 -26.31 34.56 36.57
C VAL C 406 -26.06 35.18 37.93
N PRO C 407 -27.14 35.58 38.62
CA PRO C 407 -27.00 36.24 39.92
C PRO C 407 -26.82 35.20 41.01
N LEU C 408 -26.41 35.62 42.20
CA LEU C 408 -26.24 34.68 43.29
C LEU C 408 -27.60 34.40 43.96
N GLY C 409 -27.80 33.16 44.38
CA GLY C 409 -28.89 32.80 45.29
C GLY C 409 -30.31 32.78 44.79
N SER C 410 -30.52 32.54 43.50
CA SER C 410 -31.86 32.42 42.95
C SER C 410 -32.52 31.07 43.27
N MET C 411 -33.69 31.13 43.91
CA MET C 411 -34.50 29.93 44.10
C MET C 411 -35.50 29.80 42.96
N GLN C 412 -35.61 28.60 42.42
CA GLN C 412 -36.49 28.34 41.29
C GLN C 412 -37.04 26.92 41.34
N THR C 413 -38.33 26.76 41.06
CA THR C 413 -38.93 25.43 41.06
C THR C 413 -39.18 24.95 39.65
N VAL C 414 -38.90 23.67 39.42
CA VAL C 414 -39.09 23.04 38.12
C VAL C 414 -39.77 21.71 38.32
N SER C 415 -41.01 21.59 37.86
CA SER C 415 -41.77 20.35 38.02
C SER C 415 -41.70 19.81 39.44
N GLY C 416 -41.86 20.70 40.41
CA GLY C 416 -41.96 20.30 41.79
C GLY C 416 -40.65 20.33 42.54
N TYR C 417 -39.55 20.15 41.82
CA TYR C 417 -38.23 20.13 42.43
CA TYR C 417 -38.22 20.13 42.43
C TYR C 417 -37.68 21.54 42.61
N THR C 418 -37.04 21.78 43.75
CA THR C 418 -36.52 23.11 44.07
C THR C 418 -35.01 23.22 43.90
N PHE C 419 -34.60 24.27 43.18
CA PHE C 419 -33.18 24.55 42.97
C PHE C 419 -32.77 25.78 43.75
N ARG C 420 -31.81 25.63 44.64
CA ARG C 420 -31.17 26.79 45.23
C ARG C 420 -30.03 27.20 44.31
N GLY C 421 -29.80 28.51 44.19
CA GLY C 421 -28.79 29.03 43.31
C GLY C 421 -28.95 28.55 41.89
N PHE C 422 -30.20 28.60 41.41
CA PHE C 422 -30.52 28.10 40.07
C PHE C 422 -29.84 28.93 38.99
N MET C 423 -29.44 28.25 37.91
CA MET C 423 -28.64 28.82 36.83
C MET C 423 -27.14 28.82 37.09
N SER C 424 -26.74 28.42 38.29
CA SER C 424 -25.32 28.47 38.66
C SER C 424 -24.85 27.02 38.82
N HIS C 425 -25.79 26.08 38.78
CA HIS C 425 -25.50 24.64 38.77
C HIS C 425 -25.06 24.09 40.11
N THR C 426 -25.19 24.89 41.15
CA THR C 426 -24.70 24.52 42.46
C THR C 426 -25.33 25.46 43.48
N ASN C 427 -25.50 24.98 44.71
CA ASN C 427 -26.20 25.77 45.72
C ASN C 427 -25.57 27.13 45.99
N ASN C 428 -24.24 27.18 46.04
CA ASN C 428 -23.56 28.42 46.39
C ASN C 428 -22.26 28.68 45.64
N TYR C 429 -22.37 29.27 44.46
CA TYR C 429 -21.18 29.63 43.71
C TYR C 429 -20.59 30.92 44.29
N PRO C 430 -19.25 31.03 44.29
CA PRO C 430 -18.52 32.18 44.84
C PRO C 430 -19.08 33.54 44.41
N CYS C 431 -19.32 33.71 43.11
CA CYS C 431 -19.72 35.01 42.59
C CYS C 431 -20.86 34.92 41.58
N ALA C 432 -21.43 36.07 41.25
CA ALA C 432 -22.32 36.19 40.11
C ALA C 432 -21.44 36.43 38.90
N TYR C 433 -21.89 36.01 37.73
CA TYR C 433 -21.07 36.12 36.53
C TYR C 433 -21.91 36.29 35.27
N LEU C 434 -21.24 36.25 34.12
CA LEU C 434 -21.86 36.51 32.83
C LEU C 434 -21.38 35.51 31.79
N ASN C 435 -22.32 34.82 31.15
CA ASN C 435 -21.97 33.81 30.16
C ASN C 435 -21.88 34.36 28.76
N ALA C 436 -21.05 33.72 27.94
CA ALA C 436 -20.97 34.00 26.52
C ALA C 436 -20.24 32.84 25.88
N ALA C 437 -20.60 32.47 24.67
CA ALA C 437 -19.99 31.31 24.04
C ALA C 437 -19.60 31.58 22.61
N SER C 438 -18.64 30.81 22.11
CA SER C 438 -18.37 30.77 20.69
C SER C 438 -18.98 29.49 20.14
N ALA C 439 -20.21 29.58 19.66
CA ALA C 439 -20.90 28.44 19.07
C ALA C 439 -20.81 28.54 17.57
N ILE C 440 -21.10 27.44 16.88
CA ILE C 440 -20.89 27.36 15.45
C ILE C 440 -21.58 28.49 14.70
N GLY C 441 -20.90 29.04 13.70
CA GLY C 441 -21.48 30.08 12.88
C GLY C 441 -21.32 31.49 13.39
N MET C 442 -20.78 31.65 14.59
CA MET C 442 -20.52 32.98 15.13
C MET C 442 -19.40 33.68 14.36
N LYS C 443 -19.57 34.98 14.13
CA LYS C 443 -18.60 35.76 13.38
C LYS C 443 -17.91 36.81 14.26
N MET C 444 -16.73 37.24 13.82
CA MET C 444 -15.97 38.23 14.58
C MET C 444 -16.85 39.40 14.99
N GLN C 445 -17.68 39.88 14.06
CA GLN C 445 -18.59 40.97 14.34
C GLN C 445 -19.39 40.72 15.62
N ASP C 446 -19.87 39.49 15.78
CA ASP C 446 -20.63 39.12 16.98
C ASP C 446 -19.84 39.45 18.23
N VAL C 447 -18.55 39.13 18.21
CA VAL C 447 -17.69 39.33 19.37
C VAL C 447 -17.44 40.81 19.64
N ASP C 448 -17.12 41.57 18.59
CA ASP C 448 -16.83 42.98 18.74
C ASP C 448 -18.04 43.77 19.23
N LEU C 449 -19.20 43.50 18.65
CA LEU C 449 -20.43 44.18 19.05
C LEU C 449 -20.74 43.84 20.50
N PHE C 450 -20.58 42.58 20.85
CA PHE C 450 -20.82 42.16 22.22
C PHE C 450 -19.92 42.93 23.18
N ILE C 451 -18.62 42.88 22.94
CA ILE C 451 -17.66 43.55 23.80
C ILE C 451 -17.97 45.03 23.89
N LYS C 452 -18.16 45.64 22.72
CA LYS C 452 -18.44 47.06 22.62
C LYS C 452 -19.69 47.43 23.40
N ARG C 453 -20.72 46.60 23.31
CA ARG C 453 -22.00 46.88 23.96
C ARG C 453 -21.95 46.56 25.45
N LEU C 454 -21.21 45.53 25.81
CA LEU C 454 -21.07 45.12 27.19
C LEU C 454 -20.34 46.21 27.97
N ASP C 455 -19.31 46.77 27.34
CA ASP C 455 -18.53 47.84 27.92
C ASP C 455 -19.43 49.03 28.26
N ARG C 456 -20.30 49.40 27.32
CA ARG C 456 -21.20 50.53 27.54
C ARG C 456 -22.15 50.28 28.71
N CYS C 457 -22.67 49.06 28.80
CA CYS C 457 -23.60 48.72 29.87
C CYS C 457 -22.93 48.82 31.23
N LEU C 458 -21.69 48.35 31.31
CA LEU C 458 -20.94 48.44 32.56
C LEU C 458 -20.73 49.91 32.93
N LYS C 459 -20.27 50.71 31.97
CA LYS C 459 -20.10 52.14 32.18
C LYS C 459 -21.39 52.77 32.70
N ALA C 460 -22.52 52.32 32.15
CA ALA C 460 -23.82 52.81 32.58
C ALA C 460 -24.06 52.51 34.05
N VAL C 461 -23.87 51.25 34.43
CA VAL C 461 -24.10 50.83 35.81
C VAL C 461 -23.25 51.60 36.82
N ARG C 462 -22.07 52.05 36.37
CA ARG C 462 -21.17 52.81 37.25
C ARG C 462 -21.76 54.15 37.68
N LYS C 463 -22.26 54.92 36.70
CA LYS C 463 -22.83 56.24 36.97
C LYS C 463 -23.69 56.25 38.23
N GLU C 464 -24.75 55.44 38.21
CA GLU C 464 -25.67 55.37 39.34
C GLU C 464 -25.39 54.14 40.21
N GLU D 23 -41.69 48.67 16.41
CA GLU D 23 -40.78 48.06 17.38
C GLU D 23 -39.34 48.10 16.87
N ALA D 24 -38.85 46.96 16.40
CA ALA D 24 -37.53 46.88 15.81
C ALA D 24 -37.61 46.98 14.28
N ARG D 25 -38.82 47.23 13.78
CA ARG D 25 -39.00 47.52 12.37
C ARG D 25 -38.25 48.80 12.02
N ARG D 26 -38.04 49.63 13.05
CA ARG D 26 -37.34 50.89 12.91
C ARG D 26 -36.03 50.78 12.13
N SER D 27 -35.14 49.88 12.54
CA SER D 27 -33.84 49.77 11.89
C SER D 27 -33.97 49.55 10.37
N HIS D 28 -35.04 48.87 9.97
CA HIS D 28 -35.31 48.63 8.56
C HIS D 28 -35.77 49.90 7.89
N GLU D 29 -36.79 50.53 8.47
CA GLU D 29 -37.32 51.77 7.93
C GLU D 29 -36.20 52.81 7.73
N HIS D 30 -35.30 52.91 8.70
CA HIS D 30 -34.21 53.86 8.57
C HIS D 30 -33.42 53.63 7.29
N LEU D 31 -33.03 52.38 7.03
CA LEU D 31 -32.32 52.06 5.80
C LEU D 31 -33.09 52.48 4.56
N ILE D 32 -34.40 52.25 4.57
CA ILE D 32 -35.27 52.56 3.45
C ILE D 32 -35.46 54.07 3.28
N ARG D 33 -35.82 54.75 4.37
CA ARG D 33 -35.97 56.21 4.35
C ARG D 33 -34.74 56.85 3.73
N LEU D 34 -33.56 56.38 4.14
CA LEU D 34 -32.30 56.92 3.64
C LEU D 34 -32.16 56.75 2.13
N LEU D 35 -32.66 55.63 1.62
CA LEU D 35 -32.62 55.36 0.19
C LEU D 35 -33.51 56.35 -0.54
N LEU D 36 -34.67 56.65 0.06
CA LEU D 36 -35.66 57.49 -0.57
C LEU D 36 -35.28 58.96 -0.61
N GLU D 37 -34.56 59.45 0.40
CA GLU D 37 -34.23 60.87 0.42
C GLU D 37 -32.98 61.20 -0.38
N LYS D 38 -31.87 60.50 -0.12
CA LYS D 38 -30.62 60.78 -0.84
C LYS D 38 -30.55 60.09 -2.21
N GLY D 39 -31.13 58.90 -2.32
CA GLY D 39 -31.13 58.17 -3.59
C GLY D 39 -29.77 57.62 -4.01
N LYS D 40 -28.93 57.30 -3.02
CA LYS D 40 -27.62 56.74 -3.30
C LYS D 40 -27.58 55.26 -2.93
N CYS D 41 -26.70 54.51 -3.59
CA CYS D 41 -26.45 53.14 -3.16
C CYS D 41 -26.10 53.14 -1.68
N PRO D 42 -26.62 52.19 -0.93
CA PRO D 42 -26.15 52.06 0.45
C PRO D 42 -24.69 51.66 0.38
N GLU D 43 -23.87 52.12 1.32
CA GLU D 43 -22.46 51.76 1.31
C GLU D 43 -22.27 50.26 1.47
N ASN D 44 -22.85 49.71 2.54
CA ASN D 44 -22.85 48.26 2.72
C ASN D 44 -24.20 47.67 2.34
N GLY D 45 -24.14 46.61 1.54
CA GLY D 45 -25.34 45.98 1.01
C GLY D 45 -26.40 45.70 2.06
N TRP D 46 -27.67 45.79 1.63
CA TRP D 46 -28.80 45.48 2.49
C TRP D 46 -28.88 44.00 2.76
N ASP D 47 -29.62 43.67 3.82
CA ASP D 47 -29.92 42.30 4.19
C ASP D 47 -31.17 41.88 3.44
N GLU D 48 -31.24 40.62 3.00
CA GLU D 48 -32.40 40.15 2.25
C GLU D 48 -33.69 40.53 2.92
N SER D 49 -33.78 40.33 4.22
CA SER D 49 -34.99 40.69 4.95
C SER D 49 -35.42 42.10 4.59
N THR D 50 -34.51 43.06 4.73
CA THR D 50 -34.81 44.45 4.42
C THR D 50 -35.19 44.63 2.96
N LEU D 51 -34.43 44.02 2.07
CA LEU D 51 -34.68 44.13 0.63
C LEU D 51 -36.06 43.63 0.29
N GLU D 52 -36.35 42.38 0.65
CA GLU D 52 -37.65 41.80 0.35
C GLU D 52 -38.80 42.58 1.00
N LEU D 53 -38.53 43.20 2.13
CA LEU D 53 -39.55 44.03 2.77
C LEU D 53 -39.87 45.22 1.88
N PHE D 54 -38.83 45.96 1.52
CA PHE D 54 -38.95 47.13 0.67
C PHE D 54 -39.67 46.83 -0.64
N LEU D 55 -39.28 45.73 -1.28
CA LEU D 55 -39.93 45.33 -2.51
C LEU D 55 -41.43 45.15 -2.32
N HIS D 56 -41.82 44.31 -1.36
CA HIS D 56 -43.23 44.04 -1.11
CA HIS D 56 -43.24 44.04 -1.13
C HIS D 56 -43.98 45.33 -0.82
N GLU D 57 -43.33 46.25 -0.11
CA GLU D 57 -43.91 47.54 0.23
C GLU D 57 -44.21 48.39 -1.00
N LEU D 58 -43.33 48.34 -1.99
CA LEU D 58 -43.55 49.04 -3.25
C LEU D 58 -44.68 48.37 -4.00
N ALA D 59 -44.53 47.07 -4.24
CA ALA D 59 -45.53 46.34 -5.01
C ALA D 59 -46.96 46.61 -4.56
N ILE D 60 -47.19 46.78 -3.26
CA ILE D 60 -48.55 47.03 -2.79
C ILE D 60 -49.04 48.44 -3.13
N MET D 61 -48.18 49.26 -3.72
CA MET D 61 -48.58 50.60 -4.15
C MET D 61 -49.12 50.58 -5.57
N ASP D 62 -48.99 49.47 -6.27
CA ASP D 62 -49.49 49.34 -7.63
C ASP D 62 -50.95 48.89 -7.62
N SER D 63 -51.78 49.57 -8.40
CA SER D 63 -53.21 49.31 -8.43
C SER D 63 -53.58 47.83 -8.61
N ASN D 64 -52.87 47.11 -9.45
CA ASN D 64 -53.19 45.71 -9.70
C ASN D 64 -53.17 44.89 -8.40
N ASN D 65 -52.41 45.38 -7.42
CA ASN D 65 -52.27 44.70 -6.14
C ASN D 65 -53.18 45.26 -5.04
N PHE D 66 -53.93 46.30 -5.36
CA PHE D 66 -54.89 46.86 -4.41
C PHE D 66 -55.89 45.79 -4.01
N LEU D 67 -56.39 45.88 -2.78
CA LEU D 67 -57.26 44.84 -2.24
C LEU D 67 -58.68 44.93 -2.74
N GLY D 68 -59.22 46.15 -2.76
CA GLY D 68 -60.56 46.34 -3.27
C GLY D 68 -60.54 46.80 -4.71
N ASN D 69 -60.10 45.92 -5.61
CA ASN D 69 -59.88 46.34 -6.99
C ASN D 69 -60.86 45.73 -7.97
N CYS D 70 -61.39 46.58 -8.84
CA CYS D 70 -62.12 46.13 -10.01
C CYS D 70 -61.42 46.72 -11.23
N GLY D 71 -61.28 45.90 -12.27
CA GLY D 71 -60.62 46.36 -13.48
C GLY D 71 -61.52 46.22 -14.69
N VAL D 72 -61.65 47.29 -15.45
CA VAL D 72 -62.46 47.28 -16.65
C VAL D 72 -61.64 47.68 -17.87
N GLY D 73 -60.32 47.70 -17.71
CA GLY D 73 -59.43 48.08 -18.77
C GLY D 73 -58.90 46.92 -19.58
N GLU D 74 -58.15 47.24 -20.62
CA GLU D 74 -57.55 46.22 -21.48
C GLU D 74 -56.18 45.86 -20.93
N ARG D 75 -55.62 46.75 -20.11
CA ARG D 75 -54.33 46.53 -19.49
C ARG D 75 -54.45 46.79 -17.99
N GLU D 76 -54.74 45.73 -17.23
CA GLU D 76 -55.05 45.89 -15.82
C GLU D 76 -54.04 45.20 -14.90
N GLY D 77 -53.08 44.49 -15.51
CA GLY D 77 -52.03 43.86 -14.75
C GLY D 77 -52.42 42.48 -14.25
N ARG D 78 -53.50 41.94 -14.79
CA ARG D 78 -53.93 40.60 -14.46
C ARG D 78 -52.81 39.59 -14.74
N VAL D 79 -52.68 38.57 -13.90
CA VAL D 79 -51.64 37.56 -14.05
C VAL D 79 -52.23 36.16 -13.91
N ALA D 80 -52.12 35.35 -14.95
CA ALA D 80 -52.70 34.01 -14.92
C ALA D 80 -51.95 33.10 -13.97
N SER D 81 -50.63 33.07 -14.10
CA SER D 81 -49.80 32.15 -13.32
C SER D 81 -49.26 32.80 -12.06
N ALA D 82 -49.35 32.08 -10.94
CA ALA D 82 -48.82 32.60 -9.68
C ALA D 82 -47.31 32.54 -9.67
N LEU D 83 -46.75 31.51 -10.31
CA LEU D 83 -45.31 31.43 -10.47
C LEU D 83 -44.80 32.74 -11.07
N VAL D 84 -45.43 33.18 -12.15
CA VAL D 84 -45.05 34.42 -12.80
C VAL D 84 -45.19 35.61 -11.84
N ALA D 85 -46.36 35.77 -11.26
CA ALA D 85 -46.58 36.83 -10.28
C ALA D 85 -45.46 36.89 -9.23
N ARG D 86 -45.18 35.75 -8.61
CA ARG D 86 -44.19 35.71 -7.54
C ARG D 86 -42.80 36.08 -8.03
N ARG D 87 -42.35 35.47 -9.12
CA ARG D 87 -40.99 35.72 -9.58
C ARG D 87 -40.74 37.19 -9.94
N HIS D 88 -41.81 37.94 -10.16
CA HIS D 88 -41.68 39.37 -10.45
C HIS D 88 -42.08 40.22 -9.26
N TYR D 89 -42.11 39.62 -8.06
CA TYR D 89 -42.47 40.32 -6.84
C TYR D 89 -43.74 41.14 -7.02
N ARG D 90 -44.66 40.61 -7.82
CA ARG D 90 -45.97 41.25 -8.01
C ARG D 90 -45.89 42.61 -8.69
N PHE D 91 -44.79 42.85 -9.42
CA PHE D 91 -44.70 44.00 -10.31
C PHE D 91 -45.10 43.55 -11.71
N ILE D 92 -46.23 44.06 -12.19
CA ILE D 92 -46.79 43.57 -13.46
C ILE D 92 -46.92 44.67 -14.51
N HIS D 93 -47.05 45.92 -14.05
CA HIS D 93 -47.41 47.03 -14.93
C HIS D 93 -46.31 47.51 -15.88
N GLY D 94 -45.05 47.29 -15.53
CA GLY D 94 -43.96 47.82 -16.33
C GLY D 94 -43.61 49.24 -15.90
N ILE D 95 -42.84 49.93 -16.72
CA ILE D 95 -42.39 51.27 -16.37
C ILE D 95 -42.87 52.35 -17.34
N GLY D 96 -43.23 53.51 -16.79
CA GLY D 96 -43.66 54.66 -17.57
C GLY D 96 -45.12 54.63 -18.01
N ARG D 97 -45.57 55.71 -18.63
CA ARG D 97 -46.86 55.75 -19.30
C ARG D 97 -46.63 55.50 -20.79
N SER D 98 -47.70 55.52 -21.59
CA SER D 98 -47.57 55.26 -23.02
C SER D 98 -46.88 56.41 -23.80
N GLY D 99 -46.79 57.58 -23.19
CA GLY D 99 -46.15 58.72 -23.84
C GLY D 99 -44.75 58.98 -23.34
N ASP D 100 -44.34 58.30 -22.25
CA ASP D 100 -43.09 58.59 -21.58
C ASP D 100 -42.67 57.50 -20.58
N ILE D 101 -41.53 56.83 -20.82
CA ILE D 101 -40.98 55.92 -19.82
C ILE D 101 -40.20 56.70 -18.74
N SER D 102 -40.66 57.92 -18.50
CA SER D 102 -40.05 58.81 -17.50
C SER D 102 -41.13 59.42 -16.60
N ALA D 103 -42.38 59.28 -17.00
CA ALA D 103 -43.50 59.86 -16.27
C ALA D 103 -44.01 58.89 -15.20
N VAL D 104 -44.54 59.44 -14.12
CA VAL D 104 -45.14 58.63 -13.08
C VAL D 104 -46.47 58.09 -13.57
N GLN D 105 -46.84 56.91 -13.07
CA GLN D 105 -48.02 56.21 -13.53
C GLN D 105 -49.03 56.05 -12.39
N PRO D 106 -50.14 56.82 -12.44
CA PRO D 106 -51.14 56.75 -11.36
C PRO D 106 -51.58 55.31 -11.13
N LYS D 107 -51.59 54.53 -12.20
CA LYS D 107 -52.02 53.13 -12.14
C LYS D 107 -50.97 52.25 -11.46
N ALA D 108 -49.71 52.65 -11.55
CA ALA D 108 -48.62 51.87 -10.96
C ALA D 108 -47.62 52.75 -10.21
N ALA D 109 -48.06 53.28 -9.06
CA ALA D 109 -47.23 54.20 -8.28
C ALA D 109 -45.93 53.55 -7.85
N GLY D 110 -46.04 52.31 -7.37
CA GLY D 110 -44.90 51.55 -6.91
C GLY D 110 -43.88 51.32 -8.00
N SER D 111 -44.32 50.78 -9.13
CA SER D 111 -43.40 50.55 -10.23
C SER D 111 -42.66 51.84 -10.60
N SER D 112 -43.39 52.95 -10.63
CA SER D 112 -42.80 54.26 -10.95
C SER D 112 -41.66 54.60 -9.98
N LEU D 113 -41.96 54.48 -8.70
CA LEU D 113 -40.96 54.72 -7.66
C LEU D 113 -39.76 53.78 -7.86
N LEU D 114 -40.02 52.50 -8.09
CA LEU D 114 -38.95 51.55 -8.38
C LEU D 114 -38.04 52.07 -9.48
N ASN D 115 -38.64 52.53 -10.57
CA ASN D 115 -37.90 53.02 -11.71
C ASN D 115 -37.01 54.21 -11.35
N LYS D 116 -37.60 55.22 -10.72
CA LYS D 116 -36.85 56.41 -10.35
C LYS D 116 -35.65 56.04 -9.47
N ILE D 117 -35.88 55.17 -8.50
CA ILE D 117 -34.83 54.77 -7.57
C ILE D 117 -33.72 54.05 -8.31
N THR D 118 -34.09 53.17 -9.23
CA THR D 118 -33.11 52.37 -9.94
C THR D 118 -32.19 53.26 -10.77
N ASN D 119 -32.78 54.19 -11.49
CA ASN D 119 -32.01 55.14 -12.28
C ASN D 119 -31.06 55.93 -11.40
N SER D 120 -31.55 56.29 -10.23
CA SER D 120 -30.79 57.07 -9.26
C SER D 120 -29.56 56.34 -8.74
N LEU D 121 -29.72 55.05 -8.43
CA LEU D 121 -28.60 54.24 -7.97
C LEU D 121 -27.61 54.05 -9.10
N VAL D 122 -28.14 53.68 -10.26
CA VAL D 122 -27.31 53.45 -11.43
C VAL D 122 -26.47 54.68 -11.76
N LEU D 123 -27.06 55.86 -11.59
CA LEU D 123 -26.32 57.10 -11.78
C LEU D 123 -25.21 57.17 -10.74
N ASP D 124 -25.59 57.00 -9.47
CA ASP D 124 -24.64 56.98 -8.38
C ASP D 124 -23.45 56.08 -8.71
N ILE D 125 -23.72 54.88 -9.21
CA ILE D 125 -22.65 53.96 -9.58
C ILE D 125 -21.78 54.53 -10.69
N ILE D 126 -22.42 55.08 -11.71
CA ILE D 126 -21.71 55.56 -12.90
C ILE D 126 -20.64 56.59 -12.53
N LYS D 127 -20.95 57.44 -11.55
CA LYS D 127 -19.99 58.42 -11.07
C LYS D 127 -18.84 57.70 -10.36
N LEU D 128 -19.21 56.92 -9.35
CA LEU D 128 -18.26 56.14 -8.58
C LEU D 128 -17.33 55.32 -9.47
N ALA D 129 -17.78 55.02 -10.69
CA ALA D 129 -17.02 54.15 -11.57
C ALA D 129 -15.99 54.90 -12.43
N GLY D 130 -16.15 56.21 -12.55
CA GLY D 130 -15.18 56.99 -13.32
C GLY D 130 -15.68 58.28 -13.94
N VAL D 131 -16.95 58.33 -14.32
CA VAL D 131 -17.50 59.51 -14.98
C VAL D 131 -18.25 60.36 -13.98
N HIS D 132 -17.50 61.13 -13.20
CA HIS D 132 -18.07 61.90 -12.10
C HIS D 132 -18.91 63.06 -12.60
N THR D 133 -18.65 63.47 -13.85
CA THR D 133 -19.33 64.63 -14.40
C THR D 133 -20.54 64.23 -15.21
N VAL D 134 -21.00 63.00 -15.03
CA VAL D 134 -22.19 62.53 -15.71
C VAL D 134 -23.36 63.41 -15.28
N ALA D 135 -24.26 63.68 -16.21
CA ALA D 135 -25.38 64.58 -15.94
C ALA D 135 -26.65 63.78 -15.68
N ASN D 136 -26.91 62.79 -16.53
CA ASN D 136 -28.10 61.98 -16.39
C ASN D 136 -27.97 60.60 -17.02
N CYS D 137 -28.91 59.72 -16.69
CA CYS D 137 -28.97 58.40 -17.30
C CYS D 137 -30.27 57.71 -16.95
N PHE D 138 -30.68 56.78 -17.80
CA PHE D 138 -31.84 55.95 -17.50
C PHE D 138 -31.60 54.52 -17.93
N VAL D 139 -32.21 53.60 -17.18
CA VAL D 139 -32.20 52.20 -17.57
C VAL D 139 -33.24 52.00 -18.67
N VAL D 140 -32.88 51.21 -19.67
CA VAL D 140 -33.79 50.90 -20.75
C VAL D 140 -33.77 49.40 -20.96
N PRO D 141 -34.96 48.78 -20.99
CA PRO D 141 -35.11 47.32 -21.04
C PRO D 141 -34.83 46.76 -22.42
N MET D 142 -33.84 47.34 -23.10
CA MET D 142 -33.36 46.79 -24.36
C MET D 142 -31.88 46.48 -24.24
N ALA D 143 -31.37 45.70 -25.19
CA ALA D 143 -29.94 45.39 -25.25
C ALA D 143 -29.12 46.64 -25.58
N THR D 144 -27.79 46.54 -25.46
CA THR D 144 -26.92 47.65 -25.83
C THR D 144 -27.07 48.00 -27.32
N GLY D 145 -27.12 46.97 -28.15
CA GLY D 145 -27.33 47.17 -29.57
C GLY D 145 -28.55 48.04 -29.83
N MET D 146 -29.72 47.57 -29.43
CA MET D 146 -30.95 48.32 -29.62
C MET D 146 -30.90 49.68 -28.94
N SER D 147 -30.10 49.79 -27.89
CA SER D 147 -30.03 51.04 -27.14
C SER D 147 -29.23 52.09 -27.90
N LEU D 148 -28.16 51.66 -28.54
CA LEU D 148 -27.47 52.53 -29.47
C LEU D 148 -28.45 52.98 -30.54
N THR D 149 -29.15 52.00 -31.12
CA THR D 149 -30.17 52.27 -32.13
C THR D 149 -31.11 53.37 -31.70
N LEU D 150 -31.58 53.29 -30.46
CA LEU D 150 -32.51 54.28 -29.94
C LEU D 150 -31.88 55.67 -30.00
N CYS D 151 -30.59 55.75 -29.71
CA CYS D 151 -29.88 57.02 -29.75
C CYS D 151 -29.90 57.57 -31.16
N PHE D 152 -29.50 56.72 -32.11
CA PHE D 152 -29.55 57.10 -33.51
C PHE D 152 -30.93 57.60 -33.93
N LEU D 153 -31.98 56.83 -33.63
CA LEU D 153 -33.34 57.26 -33.93
C LEU D 153 -33.62 58.65 -33.40
N THR D 154 -33.07 58.96 -32.22
CA THR D 154 -33.25 60.27 -31.61
C THR D 154 -32.51 61.35 -32.39
N LEU D 155 -31.30 61.04 -32.85
CA LEU D 155 -30.52 61.98 -33.64
C LEU D 155 -31.16 62.31 -34.99
N ARG D 156 -31.82 61.34 -35.61
CA ARG D 156 -32.41 61.57 -36.92
C ARG D 156 -33.19 62.89 -36.95
N HIS D 157 -34.03 63.09 -35.96
CA HIS D 157 -34.91 64.26 -35.95
C HIS D 157 -34.13 65.55 -35.78
N LYS D 158 -32.95 65.45 -35.17
CA LYS D 158 -32.11 66.63 -35.02
C LYS D 158 -31.28 66.88 -36.27
N ARG D 159 -31.05 65.84 -37.07
CA ARG D 159 -30.18 65.94 -38.22
C ARG D 159 -30.78 65.25 -39.46
N PRO D 160 -31.80 65.87 -40.04
CA PRO D 160 -32.64 65.25 -41.08
C PRO D 160 -31.93 65.08 -42.42
N LYS D 161 -30.73 65.64 -42.56
CA LYS D 161 -30.00 65.47 -43.80
C LYS D 161 -29.01 64.32 -43.69
N ALA D 162 -28.75 63.90 -42.45
CA ALA D 162 -27.73 62.90 -42.17
C ALA D 162 -28.05 61.51 -42.71
N LYS D 163 -27.07 60.89 -43.36
CA LYS D 163 -27.22 59.52 -43.85
C LYS D 163 -26.17 58.56 -43.27
N TYR D 164 -25.03 59.11 -42.86
CA TYR D 164 -23.88 58.29 -42.49
C TYR D 164 -23.52 58.31 -41.00
N ILE D 165 -23.11 57.16 -40.50
CA ILE D 165 -22.48 57.09 -39.18
C ILE D 165 -21.03 56.64 -39.36
N ILE D 166 -20.10 57.42 -38.83
CA ILE D 166 -18.68 57.14 -38.96
C ILE D 166 -18.27 56.27 -37.78
N TRP D 167 -17.63 55.15 -38.07
CA TRP D 167 -17.46 54.08 -37.08
C TRP D 167 -16.10 53.38 -37.20
N PRO D 168 -15.18 53.69 -36.28
CA PRO D 168 -13.92 52.96 -36.12
C PRO D 168 -14.18 51.47 -35.91
N ARG D 169 -13.73 50.66 -36.87
CA ARG D 169 -14.06 49.23 -36.92
C ARG D 169 -13.88 48.47 -35.62
N ILE D 170 -14.90 47.70 -35.25
CA ILE D 170 -14.81 46.72 -34.18
C ILE D 170 -15.68 45.52 -34.54
N ASP D 171 -15.09 44.34 -34.59
CA ASP D 171 -15.77 43.19 -35.15
C ASP D 171 -16.73 42.51 -34.17
N GLN D 172 -17.83 43.20 -33.92
CA GLN D 172 -18.90 42.73 -33.07
C GLN D 172 -20.23 43.03 -33.79
N LYS D 173 -21.05 42.01 -34.03
CA LYS D 173 -22.19 42.15 -34.94
C LYS D 173 -23.29 43.08 -34.45
N SER D 174 -23.50 43.14 -33.14
CA SER D 174 -24.61 43.89 -32.58
C SER D 174 -24.46 45.41 -32.72
N CYS D 175 -23.31 45.93 -32.30
CA CYS D 175 -23.10 47.36 -32.39
C CYS D 175 -23.06 47.80 -33.85
N PHE D 176 -22.47 46.98 -34.71
CA PHE D 176 -22.45 47.29 -36.13
C PHE D 176 -23.87 47.34 -36.67
N LYS D 177 -24.63 46.27 -36.46
CA LYS D 177 -26.00 46.19 -36.93
C LYS D 177 -26.90 47.30 -36.37
N SER D 178 -26.57 47.79 -35.18
CA SER D 178 -27.40 48.82 -34.55
C SER D 178 -27.57 50.03 -35.47
N MET D 179 -26.53 50.38 -36.21
CA MET D 179 -26.59 51.52 -37.12
C MET D 179 -27.51 51.28 -38.31
N ILE D 180 -27.43 50.07 -38.85
CA ILE D 180 -28.23 49.71 -40.03
C ILE D 180 -29.72 49.62 -39.69
N THR D 181 -30.01 49.11 -38.49
CA THR D 181 -31.37 49.01 -37.99
C THR D 181 -31.98 50.41 -37.78
N ALA D 182 -31.14 51.35 -37.40
CA ALA D 182 -31.58 52.72 -37.19
C ALA D 182 -31.91 53.40 -38.52
N GLY D 183 -31.46 52.79 -39.62
CA GLY D 183 -31.72 53.33 -40.94
C GLY D 183 -30.60 54.18 -41.50
N PHE D 184 -29.38 53.98 -41.00
CA PHE D 184 -28.24 54.72 -41.50
C PHE D 184 -27.18 53.83 -42.10
N GLU D 185 -26.25 54.43 -42.83
CA GLU D 185 -25.21 53.69 -43.50
C GLU D 185 -23.91 53.84 -42.74
N PRO D 186 -23.42 52.72 -42.18
CA PRO D 186 -22.16 52.77 -41.44
C PRO D 186 -21.04 53.09 -42.42
N VAL D 187 -20.10 53.92 -41.98
CA VAL D 187 -18.89 54.17 -42.74
C VAL D 187 -17.74 53.61 -41.89
N VAL D 188 -17.24 52.45 -42.28
CA VAL D 188 -16.26 51.74 -41.47
C VAL D 188 -14.87 52.33 -41.64
N ILE D 189 -14.30 52.83 -40.56
CA ILE D 189 -12.96 53.38 -40.58
C ILE D 189 -11.99 52.34 -40.07
N GLU D 190 -11.16 51.80 -40.97
CA GLU D 190 -10.21 50.77 -40.58
C GLU D 190 -9.25 51.31 -39.55
N ASN D 191 -8.74 50.43 -38.68
CA ASN D 191 -7.88 50.84 -37.59
C ASN D 191 -6.41 50.93 -37.99
N VAL D 192 -5.60 51.48 -37.08
CA VAL D 192 -4.18 51.66 -37.31
C VAL D 192 -3.39 50.68 -36.46
N LEU D 193 -2.43 49.99 -37.07
CA LEU D 193 -1.57 49.10 -36.31
C LEU D 193 -0.43 49.90 -35.66
N GLU D 194 -0.52 50.07 -34.34
CA GLU D 194 0.50 50.79 -33.60
C GLU D 194 1.18 49.85 -32.61
N GLY D 195 2.21 49.15 -33.10
CA GLY D 195 2.87 48.13 -32.31
C GLY D 195 2.11 46.84 -32.40
N ASP D 196 1.53 46.42 -31.29
CA ASP D 196 0.65 45.24 -31.31
C ASP D 196 -0.80 45.69 -31.36
N GLU D 197 -1.05 46.89 -30.85
CA GLU D 197 -2.41 47.40 -30.66
C GLU D 197 -3.04 47.89 -31.94
N LEU D 198 -4.35 47.70 -32.04
CA LEU D 198 -5.13 48.33 -33.09
C LEU D 198 -5.82 49.55 -32.50
N ARG D 199 -5.58 50.72 -33.11
CA ARG D 199 -6.09 51.96 -32.56
C ARG D 199 -6.77 52.82 -33.61
N THR D 200 -7.52 53.82 -33.13
CA THR D 200 -8.25 54.75 -33.97
C THR D 200 -7.37 55.39 -35.04
N ASP D 201 -7.87 55.41 -36.28
CA ASP D 201 -7.21 56.15 -37.35
C ASP D 201 -7.81 57.55 -37.45
N LEU D 202 -7.29 58.48 -36.66
CA LEU D 202 -7.85 59.82 -36.57
C LEU D 202 -7.80 60.64 -37.87
N LYS D 203 -6.76 60.44 -38.68
CA LYS D 203 -6.65 61.15 -39.94
C LYS D 203 -7.66 60.62 -40.96
N ALA D 204 -7.89 59.31 -40.91
CA ALA D 204 -8.86 58.68 -41.80
C ALA D 204 -10.27 59.15 -41.49
N VAL D 205 -10.54 59.33 -40.20
CA VAL D 205 -11.82 59.84 -39.73
C VAL D 205 -12.08 61.25 -40.24
N GLU D 206 -11.19 62.18 -39.91
CA GLU D 206 -11.32 63.54 -40.42
C GLU D 206 -11.53 63.55 -41.93
N ALA D 207 -10.72 62.78 -42.64
CA ALA D 207 -10.86 62.68 -44.10
C ALA D 207 -12.31 62.42 -44.49
N LYS D 208 -12.95 61.51 -43.76
CA LYS D 208 -14.33 61.13 -44.08
C LYS D 208 -15.33 62.19 -43.68
N VAL D 209 -15.08 62.85 -42.56
CA VAL D 209 -15.91 63.98 -42.17
C VAL D 209 -15.89 65.00 -43.29
N GLN D 210 -14.69 65.18 -43.88
CA GLN D 210 -14.47 66.16 -44.91
C GLN D 210 -15.05 65.77 -46.27
N GLU D 211 -14.83 64.52 -46.67
CA GLU D 211 -15.33 64.00 -47.95
C GLU D 211 -16.85 63.97 -47.98
N LEU D 212 -17.46 63.58 -46.87
CA LEU D 212 -18.91 63.38 -46.81
C LEU D 212 -19.63 64.60 -46.30
N GLY D 213 -18.91 65.44 -45.57
CA GLY D 213 -19.50 66.66 -45.05
C GLY D 213 -20.28 66.44 -43.78
N PRO D 214 -19.94 67.20 -42.73
CA PRO D 214 -20.56 67.12 -41.40
C PRO D 214 -22.09 67.02 -41.41
N ASP D 215 -22.75 67.80 -42.25
CA ASP D 215 -24.21 67.81 -42.26
C ASP D 215 -24.82 66.48 -42.71
N CYS D 216 -24.02 65.68 -43.40
CA CYS D 216 -24.44 64.36 -43.85
C CYS D 216 -24.16 63.27 -42.81
N ILE D 217 -23.43 63.64 -41.75
CA ILE D 217 -23.05 62.70 -40.71
C ILE D 217 -24.05 62.75 -39.56
N LEU D 218 -24.60 61.60 -39.18
CA LEU D 218 -25.52 61.56 -38.05
C LEU D 218 -24.72 61.69 -36.76
N CYS D 219 -23.58 61.00 -36.70
CA CYS D 219 -22.69 61.05 -35.55
C CYS D 219 -21.43 60.22 -35.80
N ILE D 220 -20.42 60.43 -34.96
CA ILE D 220 -19.32 59.49 -34.83
C ILE D 220 -19.74 58.45 -33.80
N HIS D 221 -19.39 57.21 -34.04
CA HIS D 221 -19.80 56.11 -33.18
C HIS D 221 -18.55 55.37 -32.76
N SER D 222 -18.12 55.59 -31.52
CA SER D 222 -16.85 55.06 -31.04
C SER D 222 -17.07 53.98 -29.99
N THR D 223 -16.03 53.20 -29.71
CA THR D 223 -16.16 52.07 -28.83
C THR D 223 -15.03 52.13 -27.80
N THR D 224 -15.35 51.81 -26.55
CA THR D 224 -14.36 51.77 -25.49
C THR D 224 -14.00 50.29 -25.25
N SER D 225 -14.82 49.59 -24.49
CA SER D 225 -14.59 48.16 -24.22
C SER D 225 -14.53 47.36 -25.51
N CYS D 226 -13.53 46.50 -25.65
CA CYS D 226 -13.37 45.69 -26.86
C CYS D 226 -12.35 44.55 -26.72
N PHE D 227 -12.30 43.66 -27.70
CA PHE D 227 -11.35 42.55 -27.67
C PHE D 227 -9.96 43.00 -28.10
N ALA D 228 -8.95 42.65 -27.30
CA ALA D 228 -7.57 42.86 -27.73
C ALA D 228 -7.35 42.07 -29.01
N PRO D 229 -6.41 42.52 -29.87
CA PRO D 229 -5.47 43.62 -29.66
C PRO D 229 -6.05 45.01 -29.90
N ARG D 230 -7.33 45.12 -30.27
CA ARG D 230 -7.93 46.43 -30.37
C ARG D 230 -7.97 47.05 -28.98
N VAL D 231 -7.88 48.36 -28.91
CA VAL D 231 -7.98 49.07 -27.64
C VAL D 231 -8.98 50.20 -27.79
N PRO D 232 -9.47 50.72 -26.65
CA PRO D 232 -10.47 51.80 -26.66
C PRO D 232 -10.11 52.94 -27.60
N ASP D 233 -11.08 53.39 -28.38
CA ASP D 233 -10.89 54.50 -29.30
C ASP D 233 -10.36 55.74 -28.58
N ARG D 234 -9.60 56.54 -29.33
CA ARG D 234 -9.08 57.80 -28.82
CA ARG D 234 -9.08 57.80 -28.81
C ARG D 234 -10.19 58.82 -28.64
N LEU D 235 -10.99 58.64 -27.60
CA LEU D 235 -12.15 59.49 -27.35
C LEU D 235 -11.84 60.98 -27.33
N GLU D 236 -10.76 61.37 -26.65
CA GLU D 236 -10.41 62.77 -26.54
C GLU D 236 -10.25 63.41 -27.91
N GLU D 237 -9.38 62.81 -28.73
CA GLU D 237 -9.20 63.28 -30.10
C GLU D 237 -10.54 63.40 -30.84
N LEU D 238 -11.35 62.35 -30.80
CA LEU D 238 -12.65 62.34 -31.48
C LEU D 238 -13.63 63.35 -30.87
N ALA D 239 -13.59 63.51 -29.56
CA ALA D 239 -14.47 64.46 -28.90
C ALA D 239 -14.24 65.87 -29.42
N VAL D 240 -13.03 66.10 -29.94
CA VAL D 240 -12.66 67.42 -30.45
C VAL D 240 -13.04 67.52 -31.92
N ILE D 241 -12.74 66.47 -32.68
CA ILE D 241 -13.18 66.41 -34.06
C ILE D 241 -14.68 66.69 -34.15
N CYS D 242 -15.44 66.20 -33.17
CA CYS D 242 -16.88 66.35 -33.17
C CYS D 242 -17.29 67.75 -32.77
N ALA D 243 -16.63 68.29 -31.77
CA ALA D 243 -16.93 69.64 -31.30
C ALA D 243 -16.61 70.68 -32.37
N ASN D 244 -15.54 70.42 -33.12
CA ASN D 244 -15.15 71.33 -34.19
C ASN D 244 -16.17 71.36 -35.34
N TYR D 245 -16.58 70.18 -35.80
CA TYR D 245 -17.49 70.09 -36.94
C TYR D 245 -18.95 70.04 -36.52
N ASP D 246 -19.22 70.23 -35.24
CA ASP D 246 -20.57 70.18 -34.72
C ASP D 246 -21.28 68.88 -35.13
N ILE D 247 -20.68 67.76 -34.75
CA ILE D 247 -21.21 66.43 -35.07
C ILE D 247 -21.36 65.63 -33.79
N PRO D 248 -22.55 65.06 -33.56
CA PRO D 248 -22.77 64.37 -32.29
C PRO D 248 -21.82 63.20 -32.14
N HIS D 249 -21.57 62.83 -30.89
CA HIS D 249 -20.62 61.77 -30.57
C HIS D 249 -21.34 60.73 -29.70
N ILE D 250 -21.39 59.50 -30.19
CA ILE D 250 -22.03 58.41 -29.48
C ILE D 250 -20.99 57.35 -29.13
N VAL D 251 -20.89 57.03 -27.85
CA VAL D 251 -19.89 56.08 -27.40
C VAL D 251 -20.51 54.79 -26.93
N ASN D 252 -20.11 53.70 -27.58
CA ASN D 252 -20.46 52.35 -27.15
C ASN D 252 -19.55 51.91 -26.01
N ASN D 253 -20.08 51.95 -24.80
CA ASN D 253 -19.33 51.60 -23.61
C ASN D 253 -19.85 50.28 -23.03
N ALA D 254 -20.13 49.34 -23.92
CA ALA D 254 -20.82 48.08 -23.59
C ALA D 254 -20.45 47.51 -22.21
N TYR D 255 -19.18 47.14 -22.05
CA TYR D 255 -18.72 46.64 -20.76
C TYR D 255 -17.59 47.47 -20.16
N GLY D 256 -17.74 48.79 -20.24
CA GLY D 256 -16.69 49.69 -19.78
C GLY D 256 -16.92 50.31 -18.42
N VAL D 257 -18.07 50.04 -17.80
CA VAL D 257 -18.35 50.59 -16.48
C VAL D 257 -17.40 49.97 -15.46
N GLN D 258 -17.03 48.71 -15.71
CA GLN D 258 -16.18 47.96 -14.80
C GLN D 258 -14.72 48.35 -14.94
N SER D 259 -14.45 49.43 -15.67
CA SER D 259 -13.08 49.79 -16.01
C SER D 259 -12.83 51.28 -15.82
N SER D 260 -12.06 51.63 -14.78
CA SER D 260 -11.78 53.02 -14.48
C SER D 260 -11.03 53.70 -15.65
N LYS D 261 -10.20 52.93 -16.34
CA LYS D 261 -9.49 53.45 -17.51
CA LYS D 261 -9.49 53.48 -17.49
C LYS D 261 -10.49 53.84 -18.59
N CYS D 262 -11.41 52.93 -18.89
CA CYS D 262 -12.46 53.24 -19.85
C CYS D 262 -13.31 54.42 -19.40
N MET D 263 -13.73 54.42 -18.14
CA MET D 263 -14.60 55.48 -17.64
C MET D 263 -13.92 56.84 -17.60
N HIS D 264 -12.71 56.92 -17.05
CA HIS D 264 -11.98 58.18 -16.98
CA HIS D 264 -12.00 58.18 -16.98
C HIS D 264 -11.71 58.74 -18.37
N LEU D 265 -11.57 57.84 -19.34
CA LEU D 265 -11.35 58.23 -20.73
C LEU D 265 -12.61 58.85 -21.33
N ILE D 266 -13.78 58.41 -20.83
CA ILE D 266 -15.04 59.01 -21.25
C ILE D 266 -15.22 60.35 -20.54
N GLN D 267 -14.80 60.41 -19.28
CA GLN D 267 -14.90 61.66 -18.52
C GLN D 267 -14.03 62.71 -19.17
N GLN D 268 -12.87 62.29 -19.68
CA GLN D 268 -11.94 63.20 -20.31
C GLN D 268 -12.49 63.76 -21.62
N GLY D 269 -13.08 62.89 -22.43
CA GLY D 269 -13.65 63.32 -23.69
C GLY D 269 -14.66 64.42 -23.48
N ALA D 270 -15.47 64.30 -22.45
CA ALA D 270 -16.51 65.29 -22.16
C ALA D 270 -15.89 66.57 -21.62
N ARG D 271 -14.64 66.48 -21.18
CA ARG D 271 -13.95 67.63 -20.61
C ARG D 271 -13.39 68.52 -21.71
N VAL D 272 -12.78 67.90 -22.71
CA VAL D 272 -12.03 68.61 -23.73
C VAL D 272 -12.82 68.73 -25.04
N GLY D 273 -13.83 67.90 -25.21
CA GLY D 273 -14.62 67.88 -26.43
C GLY D 273 -16.09 67.69 -26.16
N ARG D 274 -16.78 67.00 -27.07
CA ARG D 274 -18.20 66.71 -26.86
C ARG D 274 -18.49 65.22 -26.92
N ILE D 275 -19.40 64.80 -26.05
CA ILE D 275 -19.91 63.44 -26.06
C ILE D 275 -21.40 63.54 -25.73
N ASP D 276 -22.23 63.12 -26.67
CA ASP D 276 -23.66 63.34 -26.57
C ASP D 276 -24.37 62.28 -25.72
N ALA D 277 -23.83 61.08 -25.73
CA ALA D 277 -24.32 60.01 -24.88
C ALA D 277 -23.35 58.83 -24.92
N PHE D 278 -23.34 58.04 -23.85
CA PHE D 278 -22.61 56.79 -23.85
C PHE D 278 -23.51 55.67 -23.35
N VAL D 279 -23.46 54.53 -24.03
CA VAL D 279 -24.35 53.41 -23.74
C VAL D 279 -23.59 52.28 -23.04
N GLN D 280 -24.19 51.71 -22.01
CA GLN D 280 -23.59 50.59 -21.30
C GLN D 280 -24.57 49.45 -21.11
N SER D 281 -24.03 48.24 -21.04
CA SER D 281 -24.82 47.04 -20.87
C SER D 281 -25.01 46.70 -19.39
N LEU D 282 -26.22 46.33 -19.00
CA LEU D 282 -26.49 45.94 -17.63
C LEU D 282 -25.81 44.62 -17.28
N ASP D 283 -25.96 43.62 -18.15
CA ASP D 283 -25.53 42.26 -17.82
C ASP D 283 -24.02 42.11 -17.73
N LYS D 284 -23.28 42.98 -18.40
CA LYS D 284 -21.82 42.89 -18.42
C LYS D 284 -21.18 43.71 -17.31
N ASN D 285 -21.97 44.56 -16.66
CA ASN D 285 -21.41 45.50 -15.69
C ASN D 285 -22.01 45.31 -14.31
N PHE D 286 -23.07 44.52 -14.23
CA PHE D 286 -23.74 44.34 -12.95
C PHE D 286 -24.12 42.89 -12.67
N MET D 287 -23.60 41.96 -13.46
CA MET D 287 -23.82 40.53 -13.23
C MET D 287 -25.31 40.17 -13.08
N VAL D 288 -26.09 40.52 -14.10
CA VAL D 288 -27.53 40.24 -14.10
C VAL D 288 -27.92 39.73 -15.48
N PRO D 289 -29.12 39.16 -15.61
CA PRO D 289 -29.55 38.56 -16.89
C PRO D 289 -29.50 39.56 -18.05
N VAL D 290 -29.12 39.05 -19.22
CA VAL D 290 -29.09 39.84 -20.45
C VAL D 290 -30.42 40.54 -20.77
N GLY D 291 -30.34 41.72 -21.36
CA GLY D 291 -31.52 42.39 -21.88
C GLY D 291 -31.76 43.83 -21.40
N GLY D 292 -30.76 44.43 -20.78
CA GLY D 292 -30.92 45.78 -20.28
C GLY D 292 -29.71 46.65 -20.56
N ALA D 293 -29.89 47.96 -20.52
CA ALA D 293 -28.80 48.88 -20.80
C ALA D 293 -29.01 50.22 -20.10
N ILE D 294 -27.96 51.03 -20.06
CA ILE D 294 -28.06 52.37 -19.52
C ILE D 294 -27.62 53.36 -20.59
N ILE D 295 -28.48 54.31 -20.93
CA ILE D 295 -28.07 55.41 -21.79
C ILE D 295 -27.74 56.59 -20.88
N ALA D 296 -26.55 57.14 -21.03
CA ALA D 296 -26.05 58.18 -20.14
C ALA D 296 -25.47 59.36 -20.92
N GLY D 297 -25.48 60.53 -20.30
CA GLY D 297 -24.99 61.71 -20.99
C GLY D 297 -24.57 62.84 -20.09
N PHE D 298 -24.22 63.96 -20.72
CA PHE D 298 -23.71 65.13 -20.01
C PHE D 298 -24.64 66.31 -20.22
N ASN D 299 -25.58 66.13 -21.15
CA ASN D 299 -26.65 67.10 -21.34
C ASN D 299 -27.99 66.52 -20.90
N ASP D 300 -28.46 66.95 -19.74
CA ASP D 300 -29.71 66.44 -19.18
C ASP D 300 -30.81 66.41 -20.22
N SER D 301 -30.98 67.52 -20.94
CA SER D 301 -32.07 67.65 -21.89
C SER D 301 -32.01 66.63 -23.02
N PHE D 302 -30.83 66.41 -23.59
CA PHE D 302 -30.69 65.46 -24.68
C PHE D 302 -30.92 64.03 -24.20
N ILE D 303 -30.48 63.73 -22.99
CA ILE D 303 -30.72 62.41 -22.44
C ILE D 303 -32.21 62.20 -22.26
N GLN D 304 -32.90 63.26 -21.82
CA GLN D 304 -34.35 63.22 -21.62
CA GLN D 304 -34.35 63.16 -21.63
C GLN D 304 -35.08 63.04 -22.95
N GLU D 305 -34.49 63.57 -24.02
CA GLU D 305 -35.08 63.44 -25.35
C GLU D 305 -35.04 62.00 -25.85
N ILE D 306 -33.91 61.33 -25.68
CA ILE D 306 -33.80 59.93 -26.06
C ILE D 306 -34.79 59.10 -25.27
N SER D 307 -35.00 59.47 -24.01
CA SER D 307 -35.92 58.77 -23.15
C SER D 307 -37.35 58.92 -23.70
N LYS D 308 -37.73 60.15 -24.01
CA LYS D 308 -39.09 60.41 -24.45
C LYS D 308 -39.35 59.87 -25.86
N MET D 309 -38.28 59.42 -26.52
CA MET D 309 -38.41 58.88 -27.87
C MET D 309 -38.84 57.40 -27.85
N TYR D 310 -38.87 56.80 -26.66
CA TYR D 310 -39.28 55.42 -26.53
C TYR D 310 -40.80 55.30 -26.56
N PRO D 311 -41.32 54.47 -27.48
CA PRO D 311 -42.76 54.34 -27.68
C PRO D 311 -43.39 53.38 -26.67
N GLY D 312 -44.22 53.89 -25.76
CA GLY D 312 -44.99 53.04 -24.88
C GLY D 312 -44.32 52.58 -23.60
N ARG D 313 -44.86 51.53 -23.00
CA ARG D 313 -44.34 51.00 -21.74
C ARG D 313 -43.23 50.00 -21.97
N ALA D 314 -42.49 49.69 -20.91
CA ALA D 314 -41.40 48.75 -21.02
C ALA D 314 -41.35 47.78 -19.84
N SER D 315 -40.73 46.63 -20.07
CA SER D 315 -40.49 45.66 -19.01
C SER D 315 -39.78 46.31 -17.83
N ALA D 316 -40.07 45.83 -16.62
CA ALA D 316 -39.40 46.34 -15.43
C ALA D 316 -38.37 45.33 -14.93
N SER D 317 -38.29 44.17 -15.60
CA SER D 317 -37.45 43.10 -15.12
C SER D 317 -35.98 43.54 -15.01
N PRO D 318 -35.44 44.13 -16.08
CA PRO D 318 -34.03 44.55 -16.01
C PRO D 318 -33.79 45.57 -14.90
N SER D 319 -34.71 46.49 -14.66
CA SER D 319 -34.54 47.46 -13.58
C SER D 319 -34.59 46.77 -12.22
N LEU D 320 -35.59 45.93 -12.02
CA LEU D 320 -35.71 45.17 -10.79
C LEU D 320 -34.41 44.44 -10.48
N ASP D 321 -33.82 43.81 -11.50
CA ASP D 321 -32.63 42.99 -11.30
C ASP D 321 -31.44 43.80 -10.83
N VAL D 322 -31.26 44.98 -11.43
CA VAL D 322 -30.14 45.80 -11.04
C VAL D 322 -30.42 46.44 -9.67
N LEU D 323 -31.70 46.72 -9.41
CA LEU D 323 -32.07 47.27 -8.10
C LEU D 323 -31.77 46.28 -6.97
N ILE D 324 -32.27 45.06 -7.11
CA ILE D 324 -31.95 43.99 -6.18
C ILE D 324 -30.44 43.89 -6.03
N THR D 325 -29.72 43.81 -7.14
CA THR D 325 -28.27 43.62 -7.13
C THR D 325 -27.55 44.71 -6.35
N LEU D 326 -27.73 45.96 -6.76
CA LEU D 326 -27.06 47.10 -6.15
C LEU D 326 -27.39 47.22 -4.66
N LEU D 327 -28.66 47.10 -4.32
CA LEU D 327 -29.04 47.17 -2.92
C LEU D 327 -28.36 46.04 -2.14
N SER D 328 -28.15 44.91 -2.80
CA SER D 328 -27.53 43.76 -2.13
C SER D 328 -26.02 43.92 -2.00
N LEU D 329 -25.37 44.47 -3.01
CA LEU D 329 -23.92 44.68 -2.97
C LEU D 329 -23.55 45.90 -2.14
N GLY D 330 -24.28 46.98 -2.33
CA GLY D 330 -23.91 48.26 -1.79
C GLY D 330 -22.72 48.77 -2.57
N SER D 331 -22.54 50.08 -2.61
CA SER D 331 -21.40 50.66 -3.31
C SER D 331 -20.09 49.98 -2.93
N ASN D 332 -19.91 49.67 -1.65
CA ASN D 332 -18.73 48.96 -1.20
C ASN D 332 -18.61 47.61 -1.91
N GLY D 333 -19.73 46.90 -1.98
CA GLY D 333 -19.76 45.62 -2.65
C GLY D 333 -19.27 45.77 -4.07
N TYR D 334 -19.85 46.72 -4.79
CA TYR D 334 -19.47 46.95 -6.19
C TYR D 334 -18.01 47.35 -6.32
N LYS D 335 -17.57 48.25 -5.45
CA LYS D 335 -16.16 48.68 -5.43
C LYS D 335 -15.24 47.47 -5.32
N LYS D 336 -15.53 46.60 -4.36
CA LYS D 336 -14.72 45.43 -4.14
C LYS D 336 -14.59 44.64 -5.43
N LEU D 337 -15.73 44.34 -6.05
CA LEU D 337 -15.75 43.61 -7.30
C LEU D 337 -14.83 44.26 -8.34
N LEU D 338 -14.83 45.59 -8.35
CA LEU D 338 -14.03 46.34 -9.32
C LEU D 338 -12.55 46.16 -9.02
N LYS D 339 -12.18 46.18 -7.74
CA LYS D 339 -10.78 45.98 -7.36
C LYS D 339 -10.30 44.56 -7.69
N GLU D 340 -11.13 43.58 -7.38
CA GLU D 340 -10.79 42.20 -7.66
C GLU D 340 -10.61 41.93 -9.15
N ARG D 341 -11.28 42.69 -10.01
CA ARG D 341 -11.14 42.48 -11.44
C ARG D 341 -9.77 42.95 -11.91
N LYS D 342 -9.33 44.07 -11.37
CA LYS D 342 -7.99 44.57 -11.66
C LYS D 342 -6.98 43.53 -11.25
N GLU D 343 -7.09 43.08 -10.00
CA GLU D 343 -6.20 42.05 -9.48
C GLU D 343 -6.18 40.82 -10.39
N MET D 344 -7.36 40.37 -10.80
CA MET D 344 -7.47 39.21 -11.69
C MET D 344 -6.85 39.47 -13.05
N PHE D 345 -6.97 40.70 -13.54
CA PHE D 345 -6.40 41.03 -14.84
C PHE D 345 -4.89 40.86 -14.83
N SER D 346 -4.27 41.28 -13.72
CA SER D 346 -2.84 41.10 -13.54
C SER D 346 -2.54 39.61 -13.50
N TYR D 347 -3.16 38.92 -12.56
CA TYR D 347 -2.96 37.50 -12.42
C TYR D 347 -3.09 36.81 -13.77
N LEU D 348 -4.21 37.05 -14.46
CA LEU D 348 -4.46 36.37 -15.73
C LEU D 348 -3.29 36.51 -16.70
N SER D 349 -2.74 37.71 -16.82
CA SER D 349 -1.69 37.96 -17.79
C SER D 349 -0.38 37.27 -17.40
N ASN D 350 0.05 37.46 -16.16
CA ASN D 350 1.24 36.76 -15.68
C ASN D 350 1.15 35.30 -16.11
N GLN D 351 0.01 34.69 -15.80
CA GLN D 351 -0.23 33.30 -16.13
C GLN D 351 -0.13 33.01 -17.63
N ILE D 352 -0.58 33.96 -18.44
CA ILE D 352 -0.50 33.78 -19.88
C ILE D 352 0.93 33.91 -20.37
N LYS D 353 1.67 34.85 -19.79
CA LYS D 353 3.08 34.96 -20.12
C LYS D 353 3.73 33.59 -19.96
N LYS D 354 3.71 33.08 -18.73
CA LYS D 354 4.28 31.76 -18.44
C LYS D 354 3.91 30.70 -19.48
N LEU D 355 2.62 30.45 -19.64
CA LEU D 355 2.15 29.43 -20.58
C LEU D 355 2.66 29.68 -22.00
N SER D 356 2.44 30.89 -22.52
CA SER D 356 2.87 31.22 -23.87
C SER D 356 4.35 30.91 -24.05
N GLU D 357 5.17 31.41 -23.13
CA GLU D 357 6.60 31.14 -23.13
C GLU D 357 6.86 29.66 -23.34
N ALA D 358 6.27 28.85 -22.47
CA ALA D 358 6.41 27.42 -22.53
C ALA D 358 6.03 26.82 -23.87
N TYR D 359 5.29 27.57 -24.68
CA TYR D 359 4.84 27.04 -25.98
C TYR D 359 5.40 27.80 -27.18
N ASN D 360 6.46 28.57 -26.96
CA ASN D 360 7.03 29.42 -27.98
C ASN D 360 5.99 30.40 -28.50
N GLU D 361 5.43 31.16 -27.57
CA GLU D 361 4.37 32.12 -27.89
C GLU D 361 4.50 33.29 -26.93
N ARG D 362 3.82 34.39 -27.22
CA ARG D 362 3.94 35.58 -26.39
C ARG D 362 2.61 36.27 -26.14
N LEU D 363 2.54 37.02 -25.05
CA LEU D 363 1.39 37.85 -24.74
C LEU D 363 1.51 39.16 -25.51
N LEU D 364 0.66 39.35 -26.51
CA LEU D 364 0.67 40.58 -27.32
C LEU D 364 0.63 41.82 -26.43
N HIS D 365 1.52 42.77 -26.70
CA HIS D 365 1.65 43.95 -25.84
C HIS D 365 0.57 44.98 -26.15
N THR D 366 -0.47 45.00 -25.32
CA THR D 366 -1.61 45.88 -25.51
C THR D 366 -1.98 46.59 -24.20
N PRO D 367 -1.08 47.46 -23.73
CA PRO D 367 -1.20 48.16 -22.44
C PRO D 367 -2.50 48.93 -22.33
N HIS D 368 -3.04 49.37 -23.46
CA HIS D 368 -4.17 50.29 -23.46
C HIS D 368 -5.53 49.59 -23.31
N ASN D 369 -5.52 48.26 -23.34
CA ASN D 369 -6.74 47.49 -23.12
C ASN D 369 -6.74 46.92 -21.71
N PRO D 370 -7.61 47.46 -20.84
CA PRO D 370 -7.62 47.12 -19.41
C PRO D 370 -8.39 45.84 -19.10
N ILE D 371 -9.01 45.24 -20.12
CA ILE D 371 -9.92 44.11 -19.89
C ILE D 371 -9.55 42.86 -20.68
N SER D 372 -9.36 43.03 -21.98
CA SER D 372 -9.11 41.90 -22.85
C SER D 372 -7.62 41.69 -23.07
N LEU D 373 -7.20 40.44 -23.12
CA LEU D 373 -5.82 40.07 -23.42
C LEU D 373 -5.79 39.20 -24.68
N ALA D 374 -4.65 39.15 -25.33
CA ALA D 374 -4.48 38.27 -26.48
C ALA D 374 -3.15 37.54 -26.45
N MET D 375 -3.19 36.26 -26.78
CA MET D 375 -1.98 35.44 -26.85
C MET D 375 -1.85 34.96 -28.29
N THR D 376 -0.61 34.90 -28.78
CA THR D 376 -0.36 34.49 -30.14
C THR D 376 -0.66 33.00 -30.36
N LEU D 377 -0.86 32.63 -31.62
CA LEU D 377 -1.01 31.23 -32.02
C LEU D 377 -0.26 31.06 -33.32
N LYS D 378 0.90 31.69 -33.38
CA LYS D 378 1.72 31.78 -34.59
C LYS D 378 2.25 30.40 -34.95
N THR D 379 2.35 29.53 -33.95
CA THR D 379 2.95 28.22 -34.12
C THR D 379 1.97 27.13 -34.57
N LEU D 380 0.70 27.50 -34.72
CA LEU D 380 -0.30 26.54 -35.19
C LEU D 380 -0.63 26.80 -36.65
N ASP D 381 -0.55 25.75 -37.47
CA ASP D 381 -0.88 25.87 -38.88
C ASP D 381 -2.33 25.47 -39.14
N GLU D 382 -3.15 26.44 -39.51
CA GLU D 382 -4.55 26.18 -39.85
C GLU D 382 -4.70 26.03 -41.36
N HIS D 383 -3.62 26.31 -42.10
CA HIS D 383 -3.61 26.15 -43.55
C HIS D 383 -2.89 24.86 -43.92
N ARG D 384 -2.39 24.15 -42.92
CA ARG D 384 -1.75 22.85 -43.12
C ARG D 384 -2.55 21.75 -42.46
N ASP D 385 -2.58 21.76 -41.14
CA ASP D 385 -3.30 20.75 -40.36
C ASP D 385 -4.65 21.24 -39.88
N LYS D 386 -4.95 22.52 -40.12
CA LYS D 386 -6.18 23.15 -39.63
C LYS D 386 -6.27 23.02 -38.12
N ALA D 387 -5.35 23.69 -37.41
CA ALA D 387 -5.20 23.50 -35.97
C ALA D 387 -5.66 24.71 -35.16
N VAL D 388 -5.86 25.85 -35.82
CA VAL D 388 -6.34 27.04 -35.13
C VAL D 388 -7.85 26.99 -35.04
N THR D 389 -8.49 26.65 -36.16
CA THR D 389 -9.93 26.51 -36.23
C THR D 389 -10.38 25.42 -35.25
N GLN D 390 -9.51 24.44 -35.04
CA GLN D 390 -9.84 23.27 -34.25
C GLN D 390 -9.57 23.46 -32.76
N LEU D 391 -8.70 24.41 -32.42
CA LEU D 391 -8.43 24.70 -31.01
C LEU D 391 -9.64 25.40 -30.40
N GLY D 392 -10.43 26.05 -31.24
CA GLY D 392 -11.64 26.71 -30.79
C GLY D 392 -12.65 25.72 -30.25
N SER D 393 -12.98 24.72 -31.06
CA SER D 393 -13.91 23.66 -30.66
C SER D 393 -13.45 23.01 -29.38
N MET D 394 -12.18 22.61 -29.37
CA MET D 394 -11.58 21.91 -28.25
C MET D 394 -11.73 22.68 -26.94
N LEU D 395 -11.45 23.98 -26.99
CA LEU D 395 -11.56 24.81 -25.80
C LEU D 395 -12.97 24.78 -25.24
N PHE D 396 -13.96 24.63 -26.13
CA PHE D 396 -15.35 24.64 -25.71
C PHE D 396 -15.81 23.30 -25.12
N THR D 397 -15.60 22.22 -25.86
CA THR D 397 -15.98 20.89 -25.37
C THR D 397 -15.32 20.60 -24.04
N ARG D 398 -14.34 21.40 -23.66
CA ARG D 398 -13.62 21.21 -22.42
C ARG D 398 -14.02 22.26 -21.37
N GLN D 399 -15.14 22.93 -21.63
CA GLN D 399 -15.80 23.82 -20.66
C GLN D 399 -15.11 25.17 -20.45
N VAL D 400 -14.62 25.76 -21.53
CA VAL D 400 -14.00 27.08 -21.46
C VAL D 400 -14.79 28.09 -22.28
N SER D 401 -15.62 28.88 -21.60
CA SER D 401 -16.38 29.94 -22.27
C SER D 401 -15.72 31.29 -22.06
N GLY D 402 -15.75 32.10 -23.11
CA GLY D 402 -15.05 33.37 -23.09
C GLY D 402 -13.83 33.28 -23.98
N ALA D 403 -13.21 32.10 -24.01
CA ALA D 403 -12.08 31.87 -24.89
C ALA D 403 -12.51 32.22 -26.31
N ARG D 404 -11.64 32.93 -27.02
CA ARG D 404 -12.01 33.42 -28.32
C ARG D 404 -10.83 33.21 -29.26
N VAL D 405 -11.01 32.32 -30.23
CA VAL D 405 -9.94 32.04 -31.17
C VAL D 405 -10.09 32.87 -32.44
N VAL D 406 -9.03 33.59 -32.81
CA VAL D 406 -9.06 34.47 -33.97
C VAL D 406 -8.07 34.02 -35.04
N PRO D 407 -8.59 33.41 -36.12
CA PRO D 407 -7.80 32.91 -37.25
C PRO D 407 -7.34 34.06 -38.14
N LEU D 408 -6.56 33.73 -39.16
CA LEU D 408 -6.19 34.71 -40.17
C LEU D 408 -7.18 34.65 -41.32
N GLY D 409 -7.49 35.81 -41.88
CA GLY D 409 -8.22 35.91 -43.14
C GLY D 409 -9.58 35.26 -43.27
N SER D 410 -10.39 35.33 -42.21
CA SER D 410 -11.77 34.88 -42.31
C SER D 410 -12.64 35.99 -42.88
N MET D 411 -13.38 35.69 -43.94
CA MET D 411 -14.35 36.62 -44.49
C MET D 411 -15.72 36.37 -43.87
N GLN D 412 -16.44 37.44 -43.59
CA GLN D 412 -17.82 37.31 -43.15
C GLN D 412 -18.67 38.48 -43.62
N THR D 413 -19.91 38.18 -44.01
CA THR D 413 -20.85 39.22 -44.39
C THR D 413 -21.84 39.46 -43.25
N VAL D 414 -22.09 40.73 -42.96
CA VAL D 414 -23.02 41.11 -41.92
C VAL D 414 -23.95 42.19 -42.45
N SER D 415 -25.20 41.83 -42.69
CA SER D 415 -26.18 42.78 -43.21
C SER D 415 -25.70 43.41 -44.51
N GLY D 416 -25.14 42.62 -45.40
CA GLY D 416 -24.71 43.11 -46.71
C GLY D 416 -23.27 43.58 -46.78
N TYR D 417 -22.73 44.06 -45.67
CA TYR D 417 -21.34 44.50 -45.63
CA TYR D 417 -21.35 44.50 -45.62
C TYR D 417 -20.44 43.31 -45.36
N THR D 418 -19.40 43.16 -46.16
CA THR D 418 -18.52 42.00 -46.02
C THR D 418 -17.15 42.36 -45.43
N PHE D 419 -16.88 41.84 -44.23
CA PHE D 419 -15.63 42.11 -43.53
C PHE D 419 -14.53 41.14 -43.97
N ARG D 420 -13.32 41.66 -44.12
CA ARG D 420 -12.16 40.84 -44.43
C ARG D 420 -11.30 40.75 -43.17
N GLY D 421 -10.95 39.54 -42.78
CA GLY D 421 -10.19 39.31 -41.56
C GLY D 421 -11.07 39.49 -40.35
N PHE D 422 -12.31 39.02 -40.45
CA PHE D 422 -13.30 39.20 -39.39
C PHE D 422 -12.82 38.67 -38.06
N MET D 423 -13.30 39.27 -36.98
CA MET D 423 -12.88 38.95 -35.61
C MET D 423 -11.56 39.61 -35.20
N SER D 424 -10.82 40.12 -36.17
CA SER D 424 -9.51 40.68 -35.90
C SER D 424 -9.49 42.21 -35.95
N HIS D 425 -10.59 42.80 -36.44
CA HIS D 425 -10.78 44.26 -36.45
C HIS D 425 -9.95 44.98 -37.51
N THR D 426 -9.25 44.20 -38.32
CA THR D 426 -8.52 44.72 -39.47
C THR D 426 -8.45 43.59 -40.48
N ASN D 427 -8.03 43.89 -41.69
CA ASN D 427 -8.08 42.88 -42.75
C ASN D 427 -6.89 41.93 -42.76
N ASN D 428 -5.75 42.40 -42.29
CA ASN D 428 -4.56 41.58 -42.21
C ASN D 428 -3.80 41.80 -40.92
N TYR D 429 -4.24 41.15 -39.85
CA TYR D 429 -3.45 41.16 -38.64
C TYR D 429 -2.30 40.19 -38.84
N PRO D 430 -1.12 40.54 -38.30
CA PRO D 430 0.10 39.74 -38.40
C PRO D 430 -0.11 38.24 -38.18
N CYS D 431 -0.79 37.88 -37.10
CA CYS D 431 -0.86 36.48 -36.69
C CYS D 431 -2.25 36.06 -36.23
N ALA D 432 -2.39 34.76 -35.96
CA ALA D 432 -3.59 34.25 -35.31
C ALA D 432 -3.41 34.42 -33.81
N TYR D 433 -4.50 34.58 -33.07
CA TYR D 433 -4.39 34.79 -31.62
C TYR D 433 -5.59 34.30 -30.82
N LEU D 434 -5.38 34.18 -29.51
CA LEU D 434 -6.40 33.69 -28.60
C LEU D 434 -6.77 34.76 -27.58
N ASN D 435 -8.06 35.02 -27.46
CA ASN D 435 -8.56 36.04 -26.52
C ASN D 435 -8.88 35.48 -25.16
N ALA D 436 -8.62 36.27 -24.13
CA ALA D 436 -9.07 35.96 -22.78
C ALA D 436 -9.19 37.27 -22.02
N ALA D 437 -10.21 37.39 -21.17
CA ALA D 437 -10.45 38.66 -20.50
C ALA D 437 -10.78 38.47 -19.03
N SER D 438 -10.47 39.48 -18.23
CA SER D 438 -10.86 39.51 -16.84
C SER D 438 -12.05 40.45 -16.68
N ALA D 439 -13.25 39.88 -16.73
CA ALA D 439 -14.46 40.67 -16.58
C ALA D 439 -15.01 40.54 -15.16
N ILE D 440 -15.66 41.59 -14.68
CA ILE D 440 -16.18 41.62 -13.32
C ILE D 440 -16.84 40.30 -12.96
N GLY D 441 -16.59 39.82 -11.75
CA GLY D 441 -17.13 38.55 -11.31
C GLY D 441 -16.20 37.35 -11.44
N MET D 442 -15.12 37.51 -12.20
CA MET D 442 -14.18 36.41 -12.41
C MET D 442 -13.44 36.08 -11.12
N LYS D 443 -13.36 34.79 -10.80
CA LYS D 443 -12.66 34.33 -9.62
C LYS D 443 -11.36 33.61 -10.01
N MET D 444 -10.45 33.47 -9.05
CA MET D 444 -9.14 32.85 -9.32
C MET D 444 -9.27 31.49 -9.99
N GLN D 445 -10.19 30.67 -9.49
CA GLN D 445 -10.45 29.35 -10.07
C GLN D 445 -10.70 29.44 -11.58
N ASP D 446 -11.24 30.57 -12.03
CA ASP D 446 -11.56 30.76 -13.44
C ASP D 446 -10.29 30.76 -14.29
N VAL D 447 -9.31 31.55 -13.87
CA VAL D 447 -8.03 31.63 -14.57
C VAL D 447 -7.33 30.29 -14.51
N ASP D 448 -7.20 29.76 -13.28
CA ASP D 448 -6.49 28.50 -13.03
C ASP D 448 -6.98 27.38 -13.92
N LEU D 449 -8.30 27.19 -13.94
CA LEU D 449 -8.90 26.16 -14.78
C LEU D 449 -8.69 26.46 -16.26
N PHE D 450 -8.62 27.75 -16.61
CA PHE D 450 -8.39 28.15 -17.99
C PHE D 450 -6.98 27.79 -18.41
N ILE D 451 -6.00 28.23 -17.62
CA ILE D 451 -4.60 27.95 -17.92
C ILE D 451 -4.38 26.45 -17.98
N LYS D 452 -4.92 25.73 -17.00
CA LYS D 452 -4.83 24.28 -17.01
C LYS D 452 -5.40 23.69 -18.31
N ARG D 453 -6.64 24.04 -18.62
CA ARG D 453 -7.33 23.43 -19.76
C ARG D 453 -6.72 23.85 -21.10
N LEU D 454 -5.96 24.93 -21.09
CA LEU D 454 -5.30 25.38 -22.31
C LEU D 454 -4.01 24.59 -22.52
N ASP D 455 -3.22 24.47 -21.45
CA ASP D 455 -2.02 23.64 -21.45
C ASP D 455 -2.36 22.26 -22.01
N ARG D 456 -3.38 21.63 -21.44
CA ARG D 456 -3.83 20.33 -21.92
C ARG D 456 -4.29 20.43 -23.38
N CYS D 457 -5.02 21.49 -23.70
CA CYS D 457 -5.53 21.68 -25.05
C CYS D 457 -4.43 21.81 -26.09
N LEU D 458 -3.34 22.47 -25.72
CA LEU D 458 -2.22 22.67 -26.64
C LEU D 458 -1.44 21.38 -26.85
N LYS D 459 -1.05 20.73 -25.75
CA LYS D 459 -0.42 19.41 -25.82
C LYS D 459 -1.14 18.53 -26.82
N ALA D 460 -2.44 18.38 -26.61
CA ALA D 460 -3.28 17.52 -27.43
C ALA D 460 -3.07 17.72 -28.93
N VAL D 461 -2.78 18.95 -29.34
CA VAL D 461 -2.65 19.24 -30.76
C VAL D 461 -1.35 18.67 -31.35
N ARG D 462 -0.23 18.92 -30.69
CA ARG D 462 1.03 18.31 -31.12
C ARG D 462 1.07 16.83 -30.72
N LYS D 463 0.21 16.05 -31.35
CA LYS D 463 0.08 14.63 -31.08
C LYS D 463 -0.92 14.02 -32.08
N1 PLR F . -2.35 -44.07 10.48
C2 PLR F . -1.83 -44.19 9.22
C2A PLR F . -2.75 -44.29 8.05
C3 PLR F . -0.45 -44.22 9.03
O3 PLR F . 0.05 -44.35 7.77
C4 PLR F . 0.41 -44.12 10.12
C4A PLR F . 1.88 -44.17 9.88
C5 PLR F . -0.14 -43.99 11.40
C6 PLR F . -1.51 -43.98 11.57
C5A PLR F . 0.74 -43.89 12.64
O4P PLR F . 1.72 -44.90 12.72
P PLR F . 2.85 -44.83 13.86
O1P PLR F . 2.18 -44.81 15.22
O2P PLR F . 3.65 -43.54 13.69
O3P PLR F . 3.75 -46.02 13.74
P TS6 G . 11.11 -30.84 37.95
O1P TS6 G . 12.04 -29.69 38.22
S2P TS6 G . 9.30 -30.33 38.46
O3P TS6 G . 11.58 -32.05 38.72
O4P TS6 G . 11.14 -31.16 36.47
P TS6 H . -16.51 -34.34 -4.47
O1P TS6 H . -16.26 -34.70 -5.92
S2P TS6 H . -17.92 -35.50 -3.75
O3P TS6 H . -15.25 -34.56 -3.66
O4P TS6 H . -16.94 -32.90 -4.37
N1 PLR I . 52.56 -22.47 -9.09
C2 PLR I . 51.31 -21.97 -9.35
C2A PLR I . 51.05 -21.24 -10.64
C3 PLR I . 50.28 -22.12 -8.43
O3 PLR I . 49.04 -21.59 -8.73
C4 PLR I . 50.50 -22.80 -7.23
C4A PLR I . 49.35 -22.87 -6.27
C5 PLR I . 51.78 -23.30 -6.96
C6 PLR I . 52.78 -23.13 -7.91
C5A PLR I . 52.12 -24.06 -5.69
O4P PLR I . 51.72 -23.42 -4.50
P PLR I . 51.71 -24.23 -3.10
O1P PLR I . 53.12 -24.54 -2.65
O2P PLR I . 50.93 -25.52 -3.28
O3P PLR I . 51.06 -23.38 -2.05
N SEP J . 62.06 -49.43 5.99
N SEP J . 61.85 -44.46 13.46
CA SEP J . 62.90 -49.44 7.22
CA SEP J . 60.77 -45.46 13.69
CB SEP J . 62.06 -49.11 8.46
CB SEP J . 59.81 -45.52 12.49
OG SEP J . 61.52 -50.28 9.05
OG SEP J . 60.48 -46.04 11.35
C SEP J . 63.60 -50.78 7.41
C SEP J . 61.37 -46.83 13.95
O SEP J . 63.32 -51.75 6.70
O SEP J . 62.54 -47.08 13.66
OXT SEP J . 64.48 -50.92 8.27
OXT SEP J . 60.69 -47.73 14.46
P SEP J . 60.73 -49.93 10.41
P SEP J . 59.44 -46.86 10.44
O1P SEP J . 60.96 -51.10 11.49
O1P SEP J . 60.22 -48.02 9.63
O2P SEP J . 61.27 -48.54 11.00
O2P SEP J . 58.35 -47.55 11.41
O3P SEP J . 59.16 -49.80 10.09
O3P SEP J . 58.72 -45.87 9.40
N SEP K . 46.70 -23.65 -33.98
CA SEP K . 47.35 -23.06 -32.77
CB SEP K . 47.98 -21.71 -33.10
OG SEP K . 48.56 -21.10 -31.96
C SEP K . 46.35 -22.92 -31.63
O SEP K . 45.28 -22.35 -31.78
OXT SEP K . 46.60 -23.39 -30.51
P SEP K . 49.96 -21.80 -31.52
O1P SEP K . 50.18 -23.17 -32.34
O2P SEP K . 51.19 -20.80 -31.85
O3P SEP K . 49.93 -22.11 -29.94
N1 PLR L . -29.70 20.70 27.68
C2 PLR L . -28.85 21.73 27.32
C2A PLR L . -27.63 21.99 28.14
C3 PLR L . -29.14 22.50 26.19
O3 PLR L . -28.29 23.52 25.84
C4 PLR L . -30.27 22.26 25.43
C4A PLR L . -30.61 23.11 24.23
C5 PLR L . -31.12 21.23 25.81
C6 PLR L . -30.82 20.45 26.94
C5A PLR L . -32.37 20.89 25.04
O4P PLR L . -33.08 22.02 24.56
P PLR L . -34.39 21.80 23.65
O1P PLR L . -35.20 20.63 24.20
O2P PLR L . -33.99 21.49 22.24
O3P PLR L . -35.25 23.04 23.72
P TS6 M . -49.28 2.85 7.43
O1P TS6 M . -49.42 2.53 5.96
S2P TS6 M . -48.63 1.26 8.38
O3P TS6 M . -48.31 3.98 7.62
O4P TS6 M . -50.63 3.25 7.97
N1 PLR N . -20.52 46.06 -28.64
C2 PLR N . -19.67 45.29 -27.89
C2A PLR N . -18.18 45.46 -28.03
C3 PLR N . -20.17 44.35 -27.00
O3 PLR N . -19.29 43.59 -26.27
C4 PLR N . -21.54 44.17 -26.86
C4A PLR N . -22.04 43.13 -25.89
C5 PLR N . -22.40 44.97 -27.61
C6 PLR N . -21.89 45.91 -28.50
C5A PLR N . -23.92 44.84 -27.51
O4P PLR N . -24.39 43.52 -27.56
P PLR N . -25.91 43.19 -27.12
O1P PLR N . -26.88 43.75 -28.13
O2P PLR N . -26.16 43.77 -25.75
O3P PLR N . -26.05 41.68 -27.09
N SEP O . -49.07 58.82 -21.13
N SEP O . -52.01 51.06 -24.22
CA SEP O . -50.38 58.55 -21.80
CA SEP O . -52.53 50.94 -22.83
CB SEP O . -51.00 57.25 -21.31
CB SEP O . -51.40 51.13 -21.81
OG SEP O . -51.67 57.41 -20.07
OG SEP O . -50.70 52.32 -22.06
C SEP O . -51.34 59.72 -21.64
C SEP O . -53.64 51.93 -22.57
O SEP O . -51.11 60.63 -20.83
O SEP O . -53.97 52.76 -23.42
OXT SEP O . -52.37 59.80 -22.31
OXT SEP O . -54.26 51.93 -21.50
P SEP O . -52.21 55.97 -19.54
P SEP O . -50.98 53.37 -20.86
O1P SEP O . -53.04 56.16 -18.17
O1P SEP O . -51.55 54.75 -21.49
O2P SEP O . -53.18 55.30 -20.64
O2P SEP O . -52.09 52.76 -19.86
O3P SEP O . -50.95 55.02 -19.27
O3P SEP O . -49.63 53.67 -20.06
N SEP P . 0.58 58.72 -21.57
CA SEP P . -0.50 58.24 -22.46
CB SEP P . -0.24 58.69 -23.91
OG SEP P . -1.22 58.15 -24.79
C SEP P . -0.62 56.71 -22.41
O SEP P . -1.72 56.16 -22.33
OXT SEP P . 0.38 56.00 -22.45
P SEP P . -0.53 57.27 -25.95
O1P SEP P . -0.22 58.21 -27.23
O2P SEP P . 0.83 56.61 -25.40
O3P SEP P . -1.53 56.10 -26.38
#